data_8RKQ
#
_entry.id   8RKQ
#
_cell.length_a   148.752
_cell.length_b   148.752
_cell.length_c   189.957
_cell.angle_alpha   90.000
_cell.angle_beta   90.000
_cell.angle_gamma   120.000
#
_symmetry.space_group_name_H-M   'P 65'
#
loop_
_entity.id
_entity.type
_entity.pdbx_description
1 polymer 'Delta-1-pyrroline-5-carboxylate dehydrogenase, mitochondrial'
2 non-polymer (1R,5S,9S,16R,20R,24S,28S,35R)-3,22-Bis(dihydroxyphosphoryloxy)tridecacyclo[22.14.1.15,20.19,16.128,35.02,23.04,21.06,19.08,17.010,15.025,38.027,36.029,34]dotetraconta-2(23),3,6,8(17),10,12,14,18,21,25,27(36),29,31,33,37-pentadecaene
3 water water
#
_entity_poly.entity_id   1
_entity_poly.type   'polypeptide(L)'
_entity_poly.pdbx_seq_one_letter_code
;MGSSHHHHHHSSGLVPRGSHMTGAGLRWKHTSSLKVANEPVLAFTQGSPERDALQKALKDLKGRMEAIPCVVGDEEVWTS
DVQYQVSPFNHGHKVAKFCYADKSLLNKAIEAALAARKEWDLKPIADRAQIFLKAADMLSGPRRAEILAKTMVGQGKTVI
QAEIDAAAELIDFFRFNAKYAVELEGQQPISVPPSTNSTVYRGLEGFVAAISPFNFTAIGGNLAGAPALMGNVVLWKPSD
TAMLASYAVYRILREAGLPPNIIQFVPADGPLFGDTVTSSEHLCGINFTGSVPTFKHLWKQVAQNLDRFHTFPRLAGECG
GKNFHFVHRSADVESVVSGTLRSAFEYGGQKCSACSRLYVPHSLWPQIKGRLLEEHSRIKVGDPAEDFGTFFSAVIDAKS
FARIKKWLEHARSSPSLTILAGGKCDDSVGYFVEPCIVESKDPQEPIMKEEIFGPVLSVYVYPDDKYKETLQLVDSTTSY
GLTGAVFSQDKDVVQEATKVLRNAAGNFYINDKSTGSIVGQQPFGGARASGTNDKPGGPHYILRWTSPQVIKETHKPLGD
WSYAYMQ
;
_entity_poly.pdbx_strand_id   A,B,C,D
#
loop_
_chem_comp.id
_chem_comp.type
_chem_comp.name
_chem_comp.formula
9SZ non-polymer (1R,5S,9S,16R,20R,24S,28S,35R)-3,22-Bis(dihydroxyphosphoryloxy)tridecacyclo[22.14.1.15,20.19,16.128,35.02,23.04,21.06,19.08,17.010,15.025,38.027,36.029,34]dotetraconta-2(23),3,6,8(17),10,12,14,18,21,25,27(36),29,31,33,37-pentadecaene 'C42 H32 O8 P2'
#
# COMPACT_ATOMS: atom_id res chain seq x y z
N HIS A 20 -19.39 -14.41 19.57
CA HIS A 20 -19.46 -13.42 18.45
C HIS A 20 -18.39 -12.33 18.63
N MET A 21 -18.14 -11.54 17.59
CA MET A 21 -17.06 -10.53 17.52
C MET A 21 -17.63 -9.13 17.73
N THR A 22 -16.91 -8.28 18.48
CA THR A 22 -17.31 -6.90 18.86
C THR A 22 -17.17 -5.97 17.65
N GLY A 23 -18.20 -5.16 17.39
CA GLY A 23 -18.25 -4.18 16.28
C GLY A 23 -17.29 -3.02 16.50
N ALA A 24 -17.10 -2.61 17.76
CA ALA A 24 -16.36 -1.39 18.16
C ALA A 24 -15.04 -1.73 18.88
N GLY A 25 -14.74 -3.03 19.03
CA GLY A 25 -13.61 -3.51 19.85
C GLY A 25 -12.31 -3.60 19.05
N LEU A 26 -11.63 -4.74 19.17
CA LEU A 26 -10.25 -4.99 18.69
C LEU A 26 -10.27 -5.38 17.20
N ARG A 27 -11.45 -5.29 16.57
CA ARG A 27 -11.69 -5.51 15.12
C ARG A 27 -10.99 -4.42 14.30
N TRP A 28 -10.90 -3.20 14.84
CA TRP A 28 -10.29 -2.01 14.17
C TRP A 28 -8.76 -2.07 14.25
N LYS A 29 -8.10 -1.29 13.40
CA LYS A 29 -6.64 -1.00 13.45
C LYS A 29 -6.39 0.37 12.83
N HIS A 30 -5.86 1.33 13.59
CA HIS A 30 -5.60 2.72 13.17
C HIS A 30 -4.09 2.89 12.88
N THR A 31 -3.75 3.52 11.75
CA THR A 31 -2.35 3.77 11.30
C THR A 31 -2.16 5.26 11.01
N SER A 32 -1.21 5.90 11.72
CA SER A 32 -0.81 7.31 11.55
C SER A 32 0.24 7.41 10.44
N SER A 33 0.15 8.47 9.62
CA SER A 33 1.11 8.83 8.55
C SER A 33 1.61 10.25 8.77
N LEU A 34 2.68 10.64 8.08
CA LEU A 34 3.26 12.02 8.14
C LEU A 34 3.85 12.38 6.77
N LYS A 35 3.31 13.41 6.13
CA LYS A 35 3.67 13.86 4.76
C LYS A 35 4.68 15.01 4.86
N VAL A 36 5.96 14.69 4.92
CA VAL A 36 7.08 15.67 5.08
C VAL A 36 7.59 16.06 3.70
N ALA A 37 8.35 17.17 3.63
CA ALA A 37 9.06 17.66 2.44
C ALA A 37 10.53 17.92 2.81
N ASN A 38 11.44 17.75 1.84
CA ASN A 38 12.87 18.13 1.97
C ASN A 38 12.94 19.64 2.21
N GLU A 39 13.70 20.06 3.22
CA GLU A 39 13.96 21.49 3.54
C GLU A 39 14.56 22.16 2.30
N PRO A 40 13.93 23.21 1.74
CA PRO A 40 14.47 23.87 0.55
C PRO A 40 15.82 24.54 0.84
N VAL A 41 16.75 24.45 -0.12
CA VAL A 41 18.14 24.98 -0.02
C VAL A 41 18.11 26.44 -0.45
N LEU A 42 18.39 27.36 0.47
CA LEU A 42 18.31 28.83 0.23
C LEU A 42 19.46 29.27 -0.69
N ALA A 43 19.23 30.30 -1.50
CA ALA A 43 20.12 30.76 -2.60
C ALA A 43 21.27 31.60 -2.05
N PHE A 44 21.04 32.37 -0.99
CA PHE A 44 22.02 33.25 -0.31
C PHE A 44 22.58 34.30 -1.29
N THR A 45 21.76 34.71 -2.27
CA THR A 45 22.13 35.72 -3.29
C THR A 45 22.10 37.12 -2.64
N GLN A 46 22.83 38.08 -3.22
CA GLN A 46 23.03 39.44 -2.66
C GLN A 46 21.68 40.13 -2.49
N GLY A 47 21.32 40.48 -1.25
CA GLY A 47 20.05 41.14 -0.89
C GLY A 47 19.09 40.20 -0.17
N SER A 48 19.38 38.89 -0.17
CA SER A 48 18.56 37.84 0.49
C SER A 48 18.62 38.04 2.01
N PRO A 49 17.48 37.90 2.72
CA PRO A 49 17.44 38.13 4.17
C PRO A 49 18.20 37.05 4.97
N GLU A 50 18.35 35.84 4.39
CA GLU A 50 19.12 34.72 5.00
C GLU A 50 20.63 35.04 4.93
N ARG A 51 21.05 35.80 3.91
CA ARG A 51 22.45 36.27 3.74
C ARG A 51 22.76 37.32 4.84
N ASP A 52 21.84 38.28 5.03
CA ASP A 52 21.93 39.35 6.06
C ASP A 52 21.96 38.71 7.45
N ALA A 53 21.04 37.77 7.71
CA ALA A 53 20.88 37.04 8.99
C ALA A 53 22.14 36.23 9.30
N LEU A 54 22.71 35.57 8.28
CA LEU A 54 23.94 34.73 8.40
C LEU A 54 25.15 35.63 8.64
N GLN A 55 25.24 36.77 7.95
CA GLN A 55 26.40 37.70 8.07
C GLN A 55 26.42 38.34 9.47
N LYS A 56 25.25 38.73 10.00
CA LYS A 56 25.14 39.28 11.38
C LYS A 56 25.50 38.18 12.38
N ALA A 57 25.00 36.95 12.16
CA ALA A 57 25.29 35.75 12.98
C ALA A 57 26.80 35.46 12.97
N LEU A 58 27.48 35.72 11.85
CA LEU A 58 28.95 35.53 11.69
C LEU A 58 29.71 36.56 12.53
N LYS A 59 29.28 37.83 12.50
CA LYS A 59 29.92 38.94 13.26
C LYS A 59 29.65 38.77 14.77
N ASP A 60 28.59 38.04 15.13
CA ASP A 60 28.18 37.78 16.55
C ASP A 60 28.98 36.60 17.14
N LEU A 61 29.93 36.03 16.39
CA LEU A 61 30.76 34.88 16.85
C LEU A 61 32.24 35.24 16.84
N LYS A 62 32.59 36.52 16.70
CA LYS A 62 33.95 36.97 16.32
C LYS A 62 34.91 36.81 17.51
N GLY A 63 34.95 37.78 18.43
CA GLY A 63 35.86 37.75 19.60
C GLY A 63 35.40 36.75 20.65
N ARG A 64 34.15 36.29 20.54
CA ARG A 64 33.46 35.44 21.55
C ARG A 64 33.92 33.99 21.43
N MET A 65 34.37 33.41 22.54
CA MET A 65 34.64 31.96 22.72
C MET A 65 33.57 31.40 23.66
N GLU A 66 32.66 30.57 23.12
CA GLU A 66 31.55 29.95 23.88
C GLU A 66 32.12 28.89 24.81
N ALA A 67 31.81 28.98 26.12
CA ALA A 67 32.15 27.97 27.14
C ALA A 67 31.14 26.81 27.04
N ILE A 68 31.60 25.66 26.53
CA ILE A 68 30.75 24.46 26.22
C ILE A 68 31.00 23.39 27.29
N PRO A 69 30.04 23.17 28.22
CA PRO A 69 30.21 22.17 29.27
C PRO A 69 29.78 20.76 28.82
N CYS A 70 30.17 19.74 29.59
CA CYS A 70 29.63 18.35 29.51
C CYS A 70 28.27 18.31 30.19
N VAL A 71 27.18 18.32 29.41
CA VAL A 71 25.77 18.36 29.91
C VAL A 71 25.31 16.93 30.16
N VAL A 72 25.20 16.53 31.43
CA VAL A 72 24.63 15.23 31.90
C VAL A 72 23.32 15.53 32.62
N GLY A 73 22.19 15.12 32.04
CA GLY A 73 20.84 15.53 32.49
C GLY A 73 20.62 17.00 32.19
N ASP A 74 20.49 17.82 33.24
CA ASP A 74 20.43 19.30 33.16
C ASP A 74 21.68 19.91 33.82
N GLU A 75 22.36 19.15 34.69
CA GLU A 75 23.60 19.54 35.41
C GLU A 75 24.76 19.60 34.40
N GLU A 76 25.23 20.81 34.07
CA GLU A 76 26.34 21.05 33.10
C GLU A 76 27.67 21.05 33.86
N VAL A 77 28.46 19.98 33.67
CA VAL A 77 29.70 19.67 34.45
C VAL A 77 30.92 20.17 33.69
N TRP A 78 31.91 20.71 34.42
CA TRP A 78 33.27 21.05 33.92
C TRP A 78 34.29 20.15 34.61
N THR A 79 35.34 19.74 33.88
CA THR A 79 36.40 18.83 34.36
C THR A 79 37.78 19.49 34.16
N SER A 80 38.84 18.86 34.66
CA SER A 80 40.24 19.35 34.63
C SER A 80 40.79 19.32 33.20
N ASP A 81 40.31 18.39 32.37
CA ASP A 81 40.83 18.13 31.00
C ASP A 81 40.15 19.10 30.02
N VAL A 82 40.44 20.39 30.14
CA VAL A 82 39.88 21.49 29.30
C VAL A 82 40.56 21.44 27.92
N GLN A 83 39.77 21.45 26.85
CA GLN A 83 40.21 21.43 25.43
C GLN A 83 39.63 22.65 24.70
N TYR A 84 40.31 23.11 23.65
CA TYR A 84 39.96 24.34 22.89
C TYR A 84 39.75 24.01 21.40
N GLN A 85 38.58 24.39 20.86
CA GLN A 85 38.26 24.29 19.40
C GLN A 85 38.67 25.60 18.72
N VAL A 86 39.45 25.51 17.64
CA VAL A 86 39.96 26.67 16.86
C VAL A 86 39.27 26.67 15.49
N SER A 87 39.19 27.84 14.84
CA SER A 87 38.79 27.98 13.42
C SER A 87 39.87 27.36 12.54
N PRO A 88 39.54 26.45 11.60
CA PRO A 88 40.55 25.83 10.74
C PRO A 88 41.30 26.84 9.85
N PHE A 89 40.62 27.91 9.44
CA PHE A 89 41.14 28.97 8.53
C PHE A 89 41.83 30.08 9.36
N ASN A 90 41.88 29.92 10.68
CA ASN A 90 42.47 30.89 11.63
C ASN A 90 42.67 30.18 12.98
N HIS A 91 43.74 29.39 13.11
CA HIS A 91 44.02 28.56 14.31
C HIS A 91 44.53 29.42 15.47
N GLY A 92 44.64 30.75 15.26
CA GLY A 92 44.89 31.72 16.35
C GLY A 92 43.66 31.91 17.21
N HIS A 93 42.51 32.20 16.59
CA HIS A 93 41.21 32.44 17.27
C HIS A 93 40.58 31.09 17.67
N LYS A 94 40.31 30.91 18.96
CA LYS A 94 39.64 29.71 19.52
C LYS A 94 38.14 30.03 19.64
N VAL A 95 37.28 29.16 19.10
CA VAL A 95 35.81 29.41 18.94
C VAL A 95 35.05 28.82 20.12
N ALA A 96 35.59 27.79 20.79
CA ALA A 96 34.92 27.09 21.92
C ALA A 96 35.94 26.63 22.96
N LYS A 97 35.62 26.83 24.25
CA LYS A 97 36.25 26.15 25.41
C LYS A 97 35.32 25.02 25.85
N PHE A 98 35.82 23.77 25.86
CA PHE A 98 35.09 22.56 26.32
C PHE A 98 36.05 21.71 27.15
N CYS A 99 35.60 20.54 27.62
CA CYS A 99 36.38 19.64 28.51
C CYS A 99 36.06 18.17 28.21
N TYR A 100 37.07 17.30 28.32
CA TYR A 100 36.93 15.82 28.19
C TYR A 100 36.35 15.25 29.48
N ALA A 101 35.16 14.64 29.39
CA ALA A 101 34.52 13.86 30.47
C ALA A 101 35.38 12.66 30.81
N ASP A 102 35.70 12.48 32.10
CA ASP A 102 36.55 11.37 32.62
C ASP A 102 35.67 10.15 32.89
N LYS A 103 36.26 9.06 33.41
CA LYS A 103 35.58 7.76 33.64
C LYS A 103 34.42 7.94 34.64
N SER A 104 34.62 8.77 35.68
CA SER A 104 33.61 9.06 36.73
C SER A 104 32.38 9.74 36.11
N LEU A 105 32.59 10.73 35.24
CA LEU A 105 31.51 11.52 34.59
C LEU A 105 30.82 10.68 33.51
N LEU A 106 31.56 9.81 32.82
CA LEU A 106 31.02 8.92 31.76
C LEU A 106 30.16 7.81 32.39
N ASN A 107 30.59 7.26 33.53
CA ASN A 107 29.86 6.19 34.28
C ASN A 107 28.61 6.80 34.94
N LYS A 108 28.68 8.08 35.35
CA LYS A 108 27.54 8.84 35.92
C LYS A 108 26.52 9.13 34.82
N ALA A 109 27.01 9.49 33.61
CA ALA A 109 26.19 9.77 32.41
C ALA A 109 25.42 8.51 32.00
N ILE A 110 26.07 7.35 32.04
CA ILE A 110 25.45 6.02 31.73
C ILE A 110 24.32 5.76 32.73
N GLU A 111 24.63 5.78 34.03
CA GLU A 111 23.74 5.32 35.12
C GLU A 111 22.52 6.25 35.22
N ALA A 112 22.70 7.55 35.01
CA ALA A 112 21.62 8.57 35.00
C ALA A 112 20.73 8.36 33.78
N ALA A 113 21.30 7.90 32.65
CA ALA A 113 20.61 7.69 31.36
C ALA A 113 19.69 6.46 31.46
N LEU A 114 20.19 5.36 32.02
CA LEU A 114 19.44 4.07 32.16
C LEU A 114 18.20 4.31 33.05
N ALA A 115 18.35 5.14 34.09
CA ALA A 115 17.28 5.51 35.06
C ALA A 115 16.14 6.23 34.34
N ALA A 116 16.44 6.97 33.27
CA ALA A 116 15.48 7.77 32.47
C ALA A 116 15.01 7.00 31.23
N ARG A 117 15.64 5.87 30.90
CA ARG A 117 15.41 5.14 29.63
C ARG A 117 13.97 4.60 29.57
N LYS A 118 13.55 3.86 30.61
CA LYS A 118 12.27 3.10 30.61
C LYS A 118 11.10 4.06 30.42
N GLU A 119 11.12 5.23 31.08
CA GLU A 119 10.06 6.27 30.95
C GLU A 119 10.05 6.82 29.51
N TRP A 120 11.23 7.14 28.98
CA TRP A 120 11.44 7.69 27.61
C TRP A 120 10.95 6.70 26.55
N ASP A 121 11.22 5.40 26.75
CA ASP A 121 10.84 4.30 25.81
C ASP A 121 9.32 4.13 25.80
N LEU A 122 8.70 4.11 26.99
CA LEU A 122 7.23 3.92 27.16
C LEU A 122 6.47 5.06 26.48
N LYS A 123 7.10 6.24 26.35
CA LYS A 123 6.52 7.44 25.69
C LYS A 123 6.13 7.08 24.25
N PRO A 124 4.89 7.39 23.81
CA PRO A 124 4.45 7.09 22.44
C PRO A 124 5.33 7.77 21.38
N ILE A 125 5.43 7.16 20.19
CA ILE A 125 6.37 7.59 19.10
C ILE A 125 6.04 9.02 18.66
N ALA A 126 4.76 9.40 18.65
CA ALA A 126 4.27 10.73 18.21
C ALA A 126 4.79 11.82 19.15
N ASP A 127 4.87 11.52 20.45
CA ASP A 127 5.35 12.46 21.50
C ASP A 127 6.85 12.70 21.33
N ARG A 128 7.62 11.65 21.03
CA ARG A 128 9.09 11.71 20.78
C ARG A 128 9.34 12.41 19.44
N ALA A 129 8.60 12.03 18.40
CA ALA A 129 8.72 12.59 17.03
C ALA A 129 8.49 14.11 17.05
N GLN A 130 7.54 14.58 17.86
CA GLN A 130 7.14 16.01 17.96
C GLN A 130 8.35 16.85 18.40
N ILE A 131 9.15 16.33 19.35
CA ILE A 131 10.35 17.00 19.91
C ILE A 131 11.34 17.27 18.76
N PHE A 132 11.51 16.30 17.86
CA PHE A 132 12.45 16.39 16.69
C PHE A 132 11.83 17.25 15.58
N LEU A 133 10.50 17.17 15.40
CA LEU A 133 9.76 18.02 14.40
C LEU A 133 9.88 19.49 14.78
N LYS A 134 9.73 19.82 16.07
CA LYS A 134 9.75 21.23 16.56
C LYS A 134 11.21 21.71 16.63
N ALA A 135 12.16 20.79 16.85
CA ALA A 135 13.61 21.04 16.75
C ALA A 135 13.98 21.40 15.31
N ALA A 136 13.39 20.69 14.33
CA ALA A 136 13.63 20.86 12.88
C ALA A 136 13.04 22.18 12.39
N ASP A 137 11.91 22.62 12.98
CA ASP A 137 11.17 23.84 12.55
C ASP A 137 11.96 25.09 12.97
N MET A 138 12.43 25.15 14.23
CA MET A 138 13.24 26.28 14.75
C MET A 138 14.65 26.23 14.15
N LEU A 139 15.08 25.05 13.70
CA LEU A 139 16.34 24.85 12.93
C LEU A 139 16.20 25.48 11.54
N SER A 140 15.00 25.36 10.94
CA SER A 140 14.65 25.88 9.60
C SER A 140 14.61 27.41 9.61
N GLY A 141 13.99 28.01 10.64
CA GLY A 141 13.72 29.46 10.73
C GLY A 141 14.72 30.18 11.63
N PRO A 142 14.35 30.50 12.89
CA PRO A 142 15.06 31.48 13.70
C PRO A 142 16.49 31.11 14.15
N ARG A 143 16.86 29.83 14.08
CA ARG A 143 18.16 29.31 14.59
C ARG A 143 18.97 28.73 13.43
N ARG A 144 18.56 29.02 12.19
CA ARG A 144 19.25 28.56 10.94
C ARG A 144 20.59 29.30 10.81
N ALA A 145 20.55 30.64 10.88
CA ALA A 145 21.73 31.52 10.73
C ALA A 145 22.77 31.20 11.80
N GLU A 146 22.34 30.93 13.03
CA GLU A 146 23.22 30.55 14.18
C GLU A 146 23.99 29.27 13.82
N ILE A 147 23.27 28.18 13.51
CA ILE A 147 23.87 26.82 13.32
C ILE A 147 24.78 26.83 12.09
N LEU A 148 24.41 27.59 11.04
CA LEU A 148 25.23 27.78 9.81
C LEU A 148 26.57 28.43 10.18
N ALA A 149 26.51 29.62 10.80
CA ALA A 149 27.68 30.44 11.18
C ALA A 149 28.63 29.65 12.08
N LYS A 150 28.07 28.90 13.05
CA LYS A 150 28.83 28.09 14.04
C LYS A 150 29.55 26.94 13.34
N THR A 151 28.95 26.37 12.29
CA THR A 151 29.54 25.29 11.45
C THR A 151 30.67 25.88 10.60
N MET A 152 30.46 27.08 10.04
CA MET A 152 31.43 27.76 9.13
C MET A 152 32.71 28.09 9.91
N VAL A 153 32.61 28.85 11.00
CA VAL A 153 33.77 29.32 11.80
C VAL A 153 34.36 28.14 12.58
N GLY A 154 33.52 27.14 12.90
CA GLY A 154 33.91 25.96 13.70
C GLY A 154 34.65 24.91 12.88
N GLN A 155 34.12 24.55 11.70
CA GLN A 155 34.59 23.40 10.88
C GLN A 155 35.18 23.89 9.55
N GLY A 156 35.05 25.18 9.22
CA GLY A 156 35.67 25.79 8.03
C GLY A 156 34.85 25.56 6.77
N LYS A 157 33.52 25.51 6.90
CA LYS A 157 32.58 25.36 5.77
C LYS A 157 32.30 26.73 5.14
N THR A 158 32.05 26.76 3.83
CA THR A 158 31.43 27.91 3.11
C THR A 158 29.93 27.87 3.40
N VAL A 159 29.16 28.88 2.96
CA VAL A 159 27.73 29.03 3.38
C VAL A 159 26.91 27.89 2.76
N ILE A 160 27.19 27.51 1.52
CA ILE A 160 26.44 26.44 0.78
C ILE A 160 26.72 25.07 1.42
N GLN A 161 27.95 24.82 1.86
CA GLN A 161 28.38 23.53 2.47
C GLN A 161 27.70 23.35 3.83
N ALA A 162 27.53 24.44 4.59
CA ALA A 162 26.86 24.47 5.91
C ALA A 162 25.34 24.44 5.73
N GLU A 163 24.82 25.07 4.67
CA GLU A 163 23.37 25.14 4.35
C GLU A 163 22.84 23.74 4.05
N ILE A 164 23.58 22.95 3.25
CA ILE A 164 23.18 21.56 2.89
C ILE A 164 23.39 20.66 4.12
N ASP A 165 24.38 20.98 4.97
CA ASP A 165 24.73 20.21 6.19
C ASP A 165 23.82 20.66 7.34
N ALA A 166 24.26 21.67 8.11
CA ALA A 166 23.68 22.08 9.42
C ALA A 166 22.18 22.39 9.29
N ALA A 167 21.76 22.98 8.16
CA ALA A 167 20.35 23.28 7.87
C ALA A 167 19.69 22.06 7.22
N ALA A 168 19.75 21.94 5.89
CA ALA A 168 18.91 21.03 5.07
C ALA A 168 18.95 19.60 5.60
N GLU A 169 20.13 18.97 5.61
CA GLU A 169 20.31 17.51 5.90
C GLU A 169 19.89 17.21 7.35
N LEU A 170 20.32 18.03 8.31
CA LEU A 170 20.02 17.88 9.76
C LEU A 170 18.50 17.98 9.98
N ILE A 171 17.87 18.97 9.34
CA ILE A 171 16.38 19.20 9.39
C ILE A 171 15.68 17.98 8.80
N ASP A 172 16.13 17.53 7.61
CA ASP A 172 15.54 16.37 6.88
C ASP A 172 15.73 15.09 7.71
N PHE A 173 16.87 14.94 8.37
CA PHE A 173 17.16 13.79 9.28
C PHE A 173 16.09 13.73 10.38
N PHE A 174 15.78 14.88 10.99
CA PHE A 174 14.82 14.99 12.12
C PHE A 174 13.38 14.79 11.64
N ARG A 175 13.07 15.20 10.40
CA ARG A 175 11.70 15.17 9.84
C ARG A 175 11.40 13.79 9.24
N PHE A 176 12.30 13.28 8.38
CA PHE A 176 12.12 11.99 7.67
C PHE A 176 12.21 10.82 8.65
N ASN A 177 13.14 10.86 9.61
CA ASN A 177 13.29 9.80 10.64
C ASN A 177 12.03 9.79 11.53
N ALA A 178 11.47 10.97 11.83
CA ALA A 178 10.17 11.12 12.51
C ALA A 178 9.08 10.46 11.66
N LYS A 179 9.00 10.84 10.37
CA LYS A 179 8.06 10.26 9.38
C LYS A 179 8.17 8.72 9.39
N TYR A 180 9.38 8.20 9.26
CA TYR A 180 9.66 6.75 9.09
C TYR A 180 9.28 5.98 10.37
N ALA A 181 9.43 6.61 11.53
CA ALA A 181 9.17 5.99 12.86
C ALA A 181 7.67 5.83 13.11
N VAL A 182 6.82 6.68 12.53
CA VAL A 182 5.34 6.64 12.76
C VAL A 182 4.68 5.67 11.75
N GLU A 183 5.23 5.56 10.53
CA GLU A 183 4.79 4.56 9.51
C GLU A 183 5.20 3.16 9.97
N LEU A 184 6.31 3.05 10.72
CA LEU A 184 6.83 1.75 11.25
C LEU A 184 5.84 1.18 12.27
N GLU A 185 5.30 2.01 13.16
CA GLU A 185 4.31 1.62 14.21
C GLU A 185 3.07 1.01 13.52
N GLY A 186 2.78 1.45 12.29
CA GLY A 186 1.67 0.94 11.46
C GLY A 186 1.93 -0.44 10.91
N GLN A 187 3.21 -0.81 10.69
CA GLN A 187 3.60 -2.18 10.24
C GLN A 187 3.31 -3.16 11.38
N GLN A 188 2.15 -3.82 11.31
CA GLN A 188 1.58 -4.70 12.36
C GLN A 188 1.27 -6.08 11.76
N PRO A 189 1.40 -7.17 12.54
CA PRO A 189 1.21 -8.52 12.02
C PRO A 189 -0.28 -8.91 11.93
N ILE A 190 -0.56 -10.04 11.28
CA ILE A 190 -1.94 -10.55 11.00
C ILE A 190 -2.50 -11.14 12.30
N SER A 191 -3.79 -10.91 12.58
CA SER A 191 -4.52 -11.44 13.75
C SER A 191 -5.64 -12.38 13.28
N VAL A 192 -5.55 -13.66 13.64
CA VAL A 192 -6.62 -14.68 13.43
C VAL A 192 -7.21 -15.02 14.80
N PRO A 193 -8.54 -15.23 14.91
CA PRO A 193 -9.15 -15.51 16.21
C PRO A 193 -8.73 -16.89 16.72
N PRO A 194 -8.57 -17.08 18.05
CA PRO A 194 -8.97 -16.09 19.06
C PRO A 194 -7.91 -15.09 19.55
N SER A 195 -6.85 -14.84 18.76
CA SER A 195 -5.66 -14.07 19.18
C SER A 195 -5.56 -12.74 18.42
N THR A 196 -5.35 -11.63 19.15
CA THR A 196 -4.99 -10.29 18.62
C THR A 196 -3.48 -10.11 18.72
N ASN A 197 -2.82 -9.83 17.58
CA ASN A 197 -1.35 -9.69 17.47
C ASN A 197 -1.01 -8.23 17.18
N SER A 198 -0.14 -7.64 18.02
CA SER A 198 0.43 -6.28 17.82
C SER A 198 1.95 -6.35 18.04
N THR A 199 2.72 -5.63 17.19
CA THR A 199 4.18 -5.41 17.37
C THR A 199 4.38 -4.10 18.13
N VAL A 200 5.12 -4.16 19.23
CA VAL A 200 5.55 -2.98 20.04
C VAL A 200 7.04 -2.74 19.74
N TYR A 201 7.38 -1.53 19.28
CA TYR A 201 8.74 -1.16 18.82
C TYR A 201 9.51 -0.52 19.98
N ARG A 202 10.01 -1.37 20.88
CA ARG A 202 10.83 -0.95 22.05
C ARG A 202 12.16 -0.40 21.54
N GLY A 203 12.71 0.61 22.24
CA GLY A 203 14.13 0.96 22.14
C GLY A 203 14.98 -0.20 22.64
N LEU A 204 16.27 -0.21 22.30
CA LEU A 204 17.24 -1.22 22.80
C LEU A 204 17.38 -1.04 24.31
N GLU A 205 17.51 -2.13 25.06
CA GLU A 205 17.65 -2.12 26.54
C GLU A 205 19.10 -1.78 26.89
N GLY A 206 19.33 -0.57 27.40
CA GLY A 206 20.67 -0.05 27.76
C GLY A 206 20.87 1.36 27.21
N PHE A 207 22.13 1.78 27.05
CA PHE A 207 22.52 3.10 26.47
C PHE A 207 23.21 2.86 25.12
N VAL A 208 23.12 3.87 24.23
CA VAL A 208 23.77 3.87 22.88
C VAL A 208 24.91 4.89 22.89
N ALA A 209 26.12 4.46 22.54
CA ALA A 209 27.29 5.34 22.30
C ALA A 209 27.21 5.92 20.87
N ALA A 210 27.00 7.23 20.77
CA ALA A 210 27.02 7.98 19.48
C ALA A 210 28.35 8.74 19.38
N ILE A 211 29.16 8.41 18.37
CA ILE A 211 30.49 9.07 18.12
C ILE A 211 30.42 9.78 16.75
N SER A 212 30.69 11.09 16.75
CA SER A 212 30.44 12.02 15.62
C SER A 212 31.74 12.45 14.96
N PRO A 213 31.76 12.60 13.62
CA PRO A 213 32.89 13.19 12.91
C PRO A 213 32.74 14.71 12.77
N PHE A 214 33.85 15.39 12.47
CA PHE A 214 33.96 16.86 12.34
C PHE A 214 33.19 17.37 11.11
N ASN A 215 33.14 16.57 10.05
CA ASN A 215 32.86 17.06 8.66
C ASN A 215 31.37 17.36 8.44
N PHE A 216 30.48 16.85 9.29
CA PHE A 216 29.01 17.09 9.20
C PHE A 216 28.40 17.17 10.61
N THR A 217 27.74 18.30 10.91
CA THR A 217 26.98 18.53 12.17
C THR A 217 25.68 17.73 12.13
N ALA A 218 25.09 17.60 10.93
CA ALA A 218 23.87 16.83 10.63
C ALA A 218 24.06 15.37 11.08
N ILE A 219 25.21 14.77 10.73
CA ILE A 219 25.55 13.35 11.06
C ILE A 219 25.57 13.21 12.59
N GLY A 220 26.21 14.15 13.29
CA GLY A 220 26.20 14.22 14.77
C GLY A 220 24.77 14.23 15.30
N GLY A 221 23.89 15.03 14.69
CA GLY A 221 22.47 15.13 15.05
C GLY A 221 21.72 13.84 14.76
N ASN A 222 22.10 13.12 13.70
CA ASN A 222 21.45 11.86 13.26
C ASN A 222 21.87 10.71 14.19
N LEU A 223 23.17 10.55 14.43
CA LEU A 223 23.74 9.39 15.19
C LEU A 223 23.25 9.42 16.64
N ALA A 224 23.00 10.61 17.19
CA ALA A 224 22.45 10.82 18.55
C ALA A 224 20.93 10.86 18.49
N GLY A 225 20.37 11.58 17.51
CA GLY A 225 18.92 11.85 17.38
C GLY A 225 18.12 10.61 17.03
N ALA A 226 18.59 9.81 16.06
CA ALA A 226 17.84 8.68 15.47
C ALA A 226 17.68 7.55 16.50
N PRO A 227 18.75 7.08 17.19
CA PRO A 227 18.59 6.15 18.30
C PRO A 227 17.63 6.69 19.38
N ALA A 228 17.83 7.94 19.80
CA ALA A 228 17.01 8.64 20.82
C ALA A 228 15.54 8.66 20.39
N LEU A 229 15.26 8.90 19.10
CA LEU A 229 13.88 8.94 18.56
C LEU A 229 13.17 7.61 18.81
N MET A 230 13.88 6.49 18.71
CA MET A 230 13.31 5.11 18.76
C MET A 230 13.12 4.63 20.21
N GLY A 231 13.46 5.48 21.20
CA GLY A 231 13.23 5.21 22.63
C GLY A 231 14.49 4.74 23.34
N ASN A 232 15.66 5.01 22.76
CA ASN A 232 16.99 4.70 23.37
C ASN A 232 17.47 5.92 24.15
N VAL A 233 18.44 5.71 25.04
CA VAL A 233 19.21 6.80 25.73
C VAL A 233 20.63 6.78 25.16
N VAL A 234 21.23 7.96 24.99
CA VAL A 234 22.46 8.16 24.17
C VAL A 234 23.52 8.91 24.98
N LEU A 235 24.71 8.32 25.11
CA LEU A 235 25.96 9.05 25.45
C LEU A 235 26.59 9.53 24.15
N TRP A 236 26.49 10.83 23.87
CA TRP A 236 26.98 11.45 22.61
C TRP A 236 28.34 12.11 22.85
N LYS A 237 29.40 11.55 22.27
CA LYS A 237 30.75 12.18 22.16
C LYS A 237 30.85 12.87 20.80
N PRO A 238 30.72 14.21 20.73
CA PRO A 238 30.91 14.95 19.48
C PRO A 238 32.40 15.11 19.15
N SER A 239 32.70 15.45 17.88
CA SER A 239 34.08 15.72 17.39
C SER A 239 34.62 16.99 18.05
N ASP A 240 35.90 16.98 18.45
CA ASP A 240 36.58 18.09 19.16
C ASP A 240 36.63 19.33 18.25
N THR A 241 36.61 19.14 16.94
CA THR A 241 36.80 20.20 15.91
C THR A 241 35.47 20.56 15.24
N ALA A 242 34.34 20.12 15.81
CA ALA A 242 32.96 20.46 15.36
C ALA A 242 32.10 20.87 16.57
N MET A 243 32.75 21.31 17.65
CA MET A 243 32.13 21.38 19.01
C MET A 243 31.10 22.51 19.09
N LEU A 244 31.42 23.69 18.54
CA LEU A 244 30.56 24.90 18.64
C LEU A 244 29.18 24.59 18.05
N ALA A 245 29.13 24.03 16.84
CA ALA A 245 27.89 23.70 16.09
C ALA A 245 27.18 22.50 16.73
N SER A 246 27.95 21.55 17.26
CA SER A 246 27.44 20.29 17.89
C SER A 246 26.66 20.60 19.17
N TYR A 247 27.17 21.52 20.01
CA TYR A 247 26.53 21.94 21.27
C TYR A 247 25.25 22.75 20.97
N ALA A 248 25.25 23.48 19.85
CA ALA A 248 24.10 24.29 19.39
C ALA A 248 22.92 23.37 19.05
N VAL A 249 23.16 22.31 18.27
CA VAL A 249 22.12 21.32 17.86
C VAL A 249 21.68 20.51 19.10
N TYR A 250 22.56 20.28 20.07
CA TYR A 250 22.19 19.67 21.37
C TYR A 250 21.27 20.61 22.13
N ARG A 251 21.65 21.89 22.22
CA ARG A 251 20.89 22.95 22.94
C ARG A 251 19.50 23.10 22.31
N ILE A 252 19.42 23.04 20.97
CA ILE A 252 18.13 23.16 20.21
C ILE A 252 17.22 21.98 20.60
N LEU A 253 17.78 20.79 20.82
CA LEU A 253 17.00 19.56 21.17
C LEU A 253 16.49 19.64 22.61
N ARG A 254 17.22 20.29 23.52
CA ARG A 254 16.86 20.39 24.95
C ARG A 254 15.71 21.39 25.13
N GLU A 255 15.71 22.49 24.38
CA GLU A 255 14.60 23.49 24.37
C GLU A 255 13.60 23.13 23.27
N ALA A 256 13.81 22.00 22.57
CA ALA A 256 12.80 21.34 21.72
C ALA A 256 11.84 20.54 22.60
N GLY A 257 12.23 20.28 23.86
CA GLY A 257 11.41 19.59 24.87
C GLY A 257 11.89 18.17 25.11
N LEU A 258 13.14 17.84 24.78
CA LEU A 258 13.78 16.54 25.10
C LEU A 258 14.05 16.52 26.60
N PRO A 259 13.53 15.51 27.35
CA PRO A 259 13.81 15.41 28.78
C PRO A 259 15.29 15.16 29.06
N PRO A 260 15.78 15.44 30.29
CA PRO A 260 17.17 15.16 30.65
C PRO A 260 17.52 13.66 30.65
N ASN A 261 18.81 13.35 30.45
CA ASN A 261 19.42 12.00 30.58
C ASN A 261 18.94 11.08 29.45
N ILE A 262 18.62 11.65 28.28
CA ILE A 262 18.20 10.88 27.06
C ILE A 262 19.27 11.03 25.98
N ILE A 263 19.76 12.27 25.77
CA ILE A 263 21.06 12.53 25.10
C ILE A 263 21.96 13.22 26.12
N GLN A 264 23.12 12.61 26.41
CA GLN A 264 24.16 13.15 27.32
C GLN A 264 25.29 13.73 26.46
N PHE A 265 25.51 15.05 26.54
CA PHE A 265 26.62 15.74 25.84
C PHE A 265 27.91 15.47 26.62
N VAL A 266 28.62 14.40 26.25
CA VAL A 266 29.84 13.91 26.96
C VAL A 266 31.01 13.88 25.97
N PRO A 267 31.61 15.06 25.67
CA PRO A 267 32.90 15.11 24.99
C PRO A 267 33.97 14.34 25.78
N ALA A 268 34.90 13.67 25.10
CA ALA A 268 35.96 12.86 25.73
C ALA A 268 37.07 12.55 24.73
N ASP A 269 38.25 12.19 25.27
CA ASP A 269 39.38 11.57 24.51
C ASP A 269 38.83 10.32 23.81
N GLY A 270 39.15 10.15 22.52
CA GLY A 270 38.67 9.02 21.69
C GLY A 270 38.87 7.67 22.38
N PRO A 271 40.13 7.26 22.63
CA PRO A 271 40.42 6.03 23.39
C PRO A 271 39.66 5.89 24.71
N LEU A 272 39.60 6.97 25.51
CA LEU A 272 38.97 6.96 26.87
C LEU A 272 37.47 6.65 26.75
N PHE A 273 36.76 7.35 25.87
CA PHE A 273 35.32 7.12 25.58
C PHE A 273 35.12 5.66 25.12
N GLY A 274 35.87 5.26 24.09
CA GLY A 274 35.86 3.89 23.53
C GLY A 274 36.00 2.83 24.60
N ASP A 275 37.00 2.98 25.49
CA ASP A 275 37.35 2.01 26.55
C ASP A 275 36.17 1.87 27.54
N THR A 276 35.58 2.99 27.97
CA THR A 276 34.57 3.05 29.06
C THR A 276 33.24 2.45 28.59
N VAL A 277 32.74 2.85 27.41
CA VAL A 277 31.38 2.46 26.92
C VAL A 277 31.38 0.98 26.53
N THR A 278 32.53 0.42 26.12
CA THR A 278 32.68 -1.00 25.71
C THR A 278 33.01 -1.88 26.92
N SER A 279 33.37 -1.29 28.06
CA SER A 279 33.61 -1.98 29.35
C SER A 279 32.36 -1.92 30.24
N SER A 280 31.35 -1.14 29.83
CA SER A 280 30.07 -0.94 30.55
C SER A 280 29.09 -2.07 30.19
N GLU A 281 28.54 -2.75 31.20
CA GLU A 281 27.62 -3.91 31.08
C GLU A 281 26.31 -3.51 30.38
N HIS A 282 25.97 -2.21 30.36
CA HIS A 282 24.65 -1.70 29.87
C HIS A 282 24.76 -1.12 28.45
N LEU A 283 25.85 -1.38 27.73
CA LEU A 283 25.98 -0.97 26.29
C LEU A 283 25.08 -1.86 25.45
N CYS A 284 24.26 -1.27 24.58
CA CYS A 284 23.32 -1.98 23.68
C CYS A 284 23.51 -1.54 22.22
N GLY A 285 24.33 -0.52 21.95
CA GLY A 285 24.57 -0.01 20.58
C GLY A 285 25.67 1.03 20.52
N ILE A 286 26.42 1.04 19.43
CA ILE A 286 27.40 2.10 19.06
C ILE A 286 27.00 2.65 17.68
N ASN A 287 26.66 3.94 17.61
CA ASN A 287 26.36 4.65 16.34
C ASN A 287 27.58 5.50 15.97
N PHE A 288 28.49 4.92 15.19
CA PHE A 288 29.81 5.51 14.83
C PHE A 288 29.76 6.08 13.41
N THR A 289 30.52 7.16 13.18
CA THR A 289 30.91 7.66 11.83
C THR A 289 32.31 8.29 11.94
N GLY A 290 33.27 7.78 11.17
CA GLY A 290 34.66 8.26 11.16
C GLY A 290 35.56 7.38 10.32
N SER A 291 36.65 6.86 10.92
CA SER A 291 37.70 6.06 10.24
C SER A 291 37.42 4.56 10.45
N VAL A 292 37.96 3.70 9.58
CA VAL A 292 37.69 2.23 9.61
C VAL A 292 38.38 1.58 10.80
N PRO A 293 39.66 1.90 11.16
CA PRO A 293 40.36 1.15 12.20
C PRO A 293 39.81 1.40 13.62
N THR A 294 39.34 2.62 13.90
CA THR A 294 38.75 3.00 15.21
C THR A 294 37.38 2.32 15.37
N PHE A 295 36.58 2.22 14.30
CA PHE A 295 35.31 1.46 14.29
C PHE A 295 35.62 -0.03 14.47
N LYS A 296 36.65 -0.53 13.78
CA LYS A 296 37.11 -1.95 13.85
C LYS A 296 37.66 -2.24 15.25
N HIS A 297 38.31 -1.26 15.90
CA HIS A 297 38.86 -1.38 17.27
C HIS A 297 37.70 -1.54 18.28
N LEU A 298 36.66 -0.71 18.16
CA LEU A 298 35.44 -0.77 19.01
C LEU A 298 34.75 -2.12 18.80
N TRP A 299 34.70 -2.61 17.57
CA TRP A 299 34.13 -3.94 17.18
C TRP A 299 34.85 -5.06 17.95
N LYS A 300 36.19 -4.98 18.05
CA LYS A 300 37.03 -5.98 18.75
C LYS A 300 36.87 -5.83 20.27
N GLN A 301 36.68 -4.61 20.76
CA GLN A 301 36.51 -4.29 22.20
C GLN A 301 35.21 -4.93 22.71
N VAL A 302 34.09 -4.75 21.99
CA VAL A 302 32.75 -5.29 22.38
C VAL A 302 32.78 -6.82 22.27
N ALA A 303 33.63 -7.38 21.40
CA ALA A 303 33.78 -8.85 21.19
C ALA A 303 34.55 -9.46 22.37
N GLN A 304 35.62 -8.81 22.82
CA GLN A 304 36.46 -9.26 23.97
C GLN A 304 35.65 -9.16 25.27
N ASN A 305 34.71 -8.19 25.34
CA ASN A 305 33.89 -7.90 26.54
C ASN A 305 32.46 -8.43 26.36
N LEU A 306 32.25 -9.39 25.44
CA LEU A 306 30.89 -9.80 25.01
C LEU A 306 30.19 -10.61 26.11
N ASP A 307 30.96 -11.22 27.03
CA ASP A 307 30.42 -12.07 28.12
C ASP A 307 29.71 -11.21 29.18
N ARG A 308 30.07 -9.93 29.31
CA ARG A 308 29.61 -9.04 30.42
C ARG A 308 28.32 -8.30 30.04
N PHE A 309 28.04 -8.12 28.75
CA PHE A 309 26.87 -7.34 28.25
C PHE A 309 25.57 -8.11 28.55
N HIS A 310 24.48 -7.37 28.81
CA HIS A 310 23.12 -7.91 29.06
C HIS A 310 22.48 -8.29 27.72
N THR A 311 22.52 -7.39 26.74
CA THR A 311 22.06 -7.58 25.34
C THR A 311 23.27 -7.59 24.41
N PHE A 312 23.15 -8.21 23.24
CA PHE A 312 24.17 -8.17 22.16
C PHE A 312 24.18 -6.77 21.55
N PRO A 313 25.26 -5.97 21.77
CA PRO A 313 25.28 -4.58 21.29
C PRO A 313 25.26 -4.51 19.76
N ARG A 314 24.41 -3.64 19.21
CA ARG A 314 24.26 -3.43 17.74
C ARG A 314 25.20 -2.31 17.30
N LEU A 315 26.29 -2.65 16.59
CA LEU A 315 27.29 -1.69 16.08
C LEU A 315 26.89 -1.22 14.67
N ALA A 316 26.70 0.10 14.52
CA ALA A 316 26.45 0.78 13.23
C ALA A 316 27.63 1.72 12.95
N GLY A 317 28.35 1.49 11.84
CA GLY A 317 29.53 2.27 11.44
C GLY A 317 29.46 2.70 9.98
N GLU A 318 29.58 4.01 9.73
CA GLU A 318 29.78 4.61 8.39
C GLU A 318 31.19 5.22 8.36
N CYS A 319 32.11 4.61 7.60
CA CYS A 319 33.54 5.00 7.53
C CYS A 319 33.97 5.20 6.09
N GLY A 320 35.26 5.50 5.89
CA GLY A 320 36.02 5.29 4.64
C GLY A 320 35.40 5.98 3.44
N GLY A 321 35.82 5.53 2.24
CA GLY A 321 35.46 6.12 0.93
C GLY A 321 36.70 6.49 0.13
N LYS A 322 37.08 5.65 -0.83
CA LYS A 322 38.01 6.00 -1.94
C LYS A 322 37.17 6.01 -3.22
N ASN A 323 36.45 7.11 -3.43
CA ASN A 323 35.30 7.21 -4.37
C ASN A 323 35.80 7.64 -5.74
N PHE A 324 35.09 7.23 -6.79
CA PHE A 324 35.53 7.36 -8.21
C PHE A 324 34.51 8.16 -9.02
N HIS A 325 35.02 8.92 -9.99
CA HIS A 325 34.28 9.43 -11.17
C HIS A 325 34.83 8.70 -12.41
N PHE A 326 34.08 7.72 -12.92
CA PHE A 326 34.42 7.01 -14.19
C PHE A 326 33.83 7.81 -15.35
N VAL A 327 34.66 8.11 -16.35
CA VAL A 327 34.29 8.91 -17.55
C VAL A 327 34.36 8.00 -18.77
N HIS A 328 33.27 7.92 -19.54
CA HIS A 328 33.22 7.29 -20.89
C HIS A 328 33.44 8.38 -21.95
N ARG A 329 34.03 8.00 -23.08
CA ARG A 329 34.33 8.90 -24.24
C ARG A 329 33.06 9.66 -24.68
N SER A 330 31.86 9.16 -24.35
CA SER A 330 30.55 9.71 -24.78
C SER A 330 30.03 10.77 -23.79
N ALA A 331 30.77 11.06 -22.72
CA ALA A 331 30.32 11.87 -21.56
C ALA A 331 30.24 13.36 -21.94
N ASP A 332 29.31 14.09 -21.31
CA ASP A 332 29.27 15.59 -21.33
C ASP A 332 30.48 16.08 -20.54
N VAL A 333 31.58 16.40 -21.24
CA VAL A 333 32.89 16.80 -20.67
C VAL A 333 32.71 17.96 -19.67
N GLU A 334 31.81 18.92 -19.95
CA GLU A 334 31.61 20.11 -19.09
C GLU A 334 30.99 19.72 -17.75
N SER A 335 30.05 18.76 -17.75
CA SER A 335 29.43 18.20 -16.52
C SER A 335 30.50 17.43 -15.71
N VAL A 336 31.36 16.69 -16.41
CA VAL A 336 32.46 15.87 -15.80
C VAL A 336 33.33 16.77 -14.92
N VAL A 337 33.80 17.90 -15.43
CA VAL A 337 34.79 18.78 -14.73
C VAL A 337 34.07 19.57 -13.63
N SER A 338 32.86 20.06 -13.90
CA SER A 338 31.99 20.73 -12.89
C SER A 338 31.72 19.79 -11.72
N GLY A 339 31.28 18.56 -12.05
CA GLY A 339 30.97 17.51 -11.06
C GLY A 339 32.20 17.10 -10.25
N THR A 340 33.33 16.85 -10.92
CA THR A 340 34.58 16.35 -10.31
C THR A 340 35.20 17.43 -9.42
N LEU A 341 35.23 18.70 -9.88
CA LEU A 341 35.76 19.85 -9.11
C LEU A 341 34.94 20.01 -7.83
N ARG A 342 33.61 19.96 -7.92
CA ARG A 342 32.70 20.05 -6.75
C ARG A 342 32.96 18.87 -5.81
N SER A 343 32.91 17.64 -6.34
CA SER A 343 32.98 16.38 -5.56
C SER A 343 34.34 16.27 -4.84
N ALA A 344 35.43 16.59 -5.53
CA ALA A 344 36.81 16.36 -5.06
C ALA A 344 37.25 17.43 -4.06
N PHE A 345 36.76 18.67 -4.19
CA PHE A 345 37.36 19.86 -3.53
C PHE A 345 36.38 20.59 -2.59
N GLU A 346 35.06 20.49 -2.79
CA GLU A 346 34.08 21.13 -1.88
C GLU A 346 34.35 20.65 -0.44
N TYR A 347 34.34 21.59 0.51
CA TYR A 347 34.77 21.40 1.92
C TYR A 347 36.14 20.71 1.95
N GLY A 348 37.05 21.10 1.05
CA GLY A 348 38.45 20.61 0.99
C GLY A 348 38.54 19.11 0.77
N GLY A 349 37.53 18.50 0.13
CA GLY A 349 37.43 17.05 -0.10
C GLY A 349 37.37 16.26 1.20
N GLN A 350 36.91 16.88 2.28
CA GLN A 350 36.78 16.25 3.63
C GLN A 350 35.38 15.63 3.76
N LYS A 351 34.99 14.79 2.79
CA LYS A 351 33.70 14.08 2.78
C LYS A 351 33.97 12.59 2.54
N CYS A 352 33.17 11.72 3.16
CA CYS A 352 33.17 10.25 2.93
C CYS A 352 32.79 9.95 1.47
N SER A 353 32.00 10.84 0.85
CA SER A 353 31.46 10.71 -0.53
C SER A 353 32.39 11.34 -1.57
N ALA A 354 33.46 12.02 -1.14
CA ALA A 354 34.31 12.88 -1.98
C ALA A 354 35.04 12.05 -3.05
N CYS A 355 35.02 12.52 -4.30
CA CYS A 355 35.73 11.91 -5.46
C CYS A 355 37.24 12.17 -5.35
N SER A 356 38.04 11.10 -5.27
CA SER A 356 39.53 11.16 -5.24
C SER A 356 40.14 10.27 -6.32
N ARG A 357 39.30 9.67 -7.17
CA ARG A 357 39.73 8.81 -8.32
C ARG A 357 38.98 9.27 -9.58
N LEU A 358 39.71 9.82 -10.55
CA LEU A 358 39.14 10.19 -11.88
C LEU A 358 39.72 9.23 -12.93
N TYR A 359 38.85 8.48 -13.59
CA TYR A 359 39.20 7.55 -14.70
C TYR A 359 38.77 8.19 -16.02
N VAL A 360 39.73 8.69 -16.80
CA VAL A 360 39.51 9.45 -18.06
C VAL A 360 39.95 8.59 -19.25
N PRO A 361 39.17 8.53 -20.34
CA PRO A 361 39.63 7.87 -21.57
C PRO A 361 40.67 8.73 -22.31
N HIS A 362 41.61 8.07 -22.99
CA HIS A 362 42.75 8.71 -23.72
C HIS A 362 42.25 9.80 -24.66
N SER A 363 41.20 9.51 -25.44
CA SER A 363 40.63 10.41 -26.48
C SER A 363 40.18 11.74 -25.87
N LEU A 364 39.58 11.70 -24.67
CA LEU A 364 38.93 12.87 -24.01
C LEU A 364 39.90 13.58 -23.08
N TRP A 365 41.09 13.01 -22.82
CA TRP A 365 42.02 13.45 -21.75
C TRP A 365 42.54 14.86 -22.01
N PRO A 366 43.08 15.19 -23.22
CA PRO A 366 43.59 16.54 -23.47
C PRO A 366 42.53 17.62 -23.24
N GLN A 367 41.28 17.37 -23.64
CA GLN A 367 40.14 18.30 -23.42
C GLN A 367 39.83 18.40 -21.92
N ILE A 368 39.78 17.26 -21.23
CA ILE A 368 39.41 17.20 -19.78
C ILE A 368 40.53 17.81 -18.94
N LYS A 369 41.79 17.46 -19.21
CA LYS A 369 42.99 18.01 -18.51
C LYS A 369 42.99 19.53 -18.67
N GLY A 370 42.90 20.02 -19.91
CA GLY A 370 42.88 21.46 -20.26
C GLY A 370 41.81 22.21 -19.49
N ARG A 371 40.57 21.71 -19.52
CA ARG A 371 39.39 22.35 -18.87
C ARG A 371 39.56 22.29 -17.34
N LEU A 372 40.08 21.19 -16.80
CA LEU A 372 40.29 21.00 -15.34
C LEU A 372 41.27 22.05 -14.81
N LEU A 373 42.45 22.17 -15.43
CA LEU A 373 43.55 23.07 -14.99
C LEU A 373 43.10 24.54 -15.11
N GLU A 374 42.40 24.88 -16.19
CA GLU A 374 41.84 26.24 -16.44
C GLU A 374 40.89 26.61 -15.29
N GLU A 375 39.94 25.73 -14.98
CA GLU A 375 38.89 25.96 -13.94
C GLU A 375 39.50 25.85 -12.55
N HIS A 376 40.52 24.99 -12.37
CA HIS A 376 41.31 24.86 -11.11
C HIS A 376 41.87 26.23 -10.72
N SER A 377 42.40 26.97 -11.71
CA SER A 377 43.04 28.30 -11.54
C SER A 377 42.01 29.34 -11.06
N ARG A 378 40.72 29.11 -11.33
CA ARG A 378 39.60 30.04 -10.99
C ARG A 378 39.05 29.71 -9.59
N ILE A 379 39.49 28.62 -8.97
CA ILE A 379 39.03 28.17 -7.61
C ILE A 379 39.71 29.05 -6.56
N LYS A 380 38.92 29.82 -5.81
CA LYS A 380 39.41 30.76 -4.76
C LYS A 380 39.37 30.06 -3.39
N VAL A 381 40.54 29.89 -2.77
CA VAL A 381 40.71 29.32 -1.40
C VAL A 381 41.02 30.48 -0.44
N GLY A 382 40.19 30.66 0.60
CA GLY A 382 40.33 31.76 1.57
C GLY A 382 39.38 31.63 2.74
N ASP A 383 39.19 32.73 3.48
CA ASP A 383 38.30 32.82 4.67
C ASP A 383 36.85 32.75 4.19
N PRO A 384 36.06 31.75 4.63
CA PRO A 384 34.67 31.62 4.17
C PRO A 384 33.69 32.60 4.82
N ALA A 385 34.09 33.24 5.93
CA ALA A 385 33.28 34.20 6.71
C ALA A 385 33.36 35.59 6.09
N GLU A 386 34.56 36.05 5.73
CA GLU A 386 34.85 37.42 5.22
C GLU A 386 34.73 37.44 3.69
N ASP A 387 35.04 36.32 3.02
CA ASP A 387 34.99 36.18 1.54
C ASP A 387 34.03 35.03 1.18
N PHE A 388 32.81 35.37 0.74
CA PHE A 388 31.76 34.40 0.32
C PHE A 388 32.11 33.83 -1.06
N GLY A 389 32.94 34.55 -1.83
CA GLY A 389 33.47 34.10 -3.14
C GLY A 389 34.39 32.90 -3.01
N THR A 390 34.83 32.58 -1.79
CA THR A 390 35.61 31.36 -1.43
C THR A 390 34.83 30.11 -1.86
N PHE A 391 35.48 29.18 -2.57
CA PHE A 391 34.89 27.88 -3.01
C PHE A 391 34.99 26.86 -1.86
N PHE A 392 36.18 26.70 -1.30
CA PHE A 392 36.44 25.93 -0.04
C PHE A 392 37.60 26.57 0.71
N SER A 393 37.69 26.32 2.01
CA SER A 393 38.68 26.93 2.94
C SER A 393 39.67 25.87 3.43
N ALA A 394 40.27 26.09 4.60
CA ALA A 394 41.31 25.22 5.22
C ALA A 394 40.71 23.86 5.57
N VAL A 395 41.56 22.83 5.63
CA VAL A 395 41.23 21.51 6.22
C VAL A 395 41.20 21.68 7.75
N ILE A 396 40.78 20.66 8.49
CA ILE A 396 40.15 20.81 9.83
C ILE A 396 41.19 21.03 10.93
N ASP A 397 42.31 20.29 10.94
CA ASP A 397 43.32 20.34 12.03
C ASP A 397 44.73 20.04 11.49
N ALA A 398 45.74 20.20 12.34
CA ALA A 398 47.19 20.05 12.02
C ALA A 398 47.52 18.60 11.68
N LYS A 399 46.88 17.63 12.37
CA LYS A 399 47.10 16.17 12.16
C LYS A 399 46.65 15.80 10.73
N SER A 400 45.47 16.27 10.32
CA SER A 400 44.92 16.08 8.94
C SER A 400 45.80 16.83 7.94
N PHE A 401 46.28 18.03 8.29
CA PHE A 401 47.15 18.88 7.45
C PHE A 401 48.47 18.15 7.18
N ALA A 402 49.12 17.67 8.25
CA ALA A 402 50.36 16.86 8.20
C ALA A 402 50.16 15.68 7.23
N ARG A 403 49.07 14.92 7.42
CA ARG A 403 48.71 13.73 6.63
C ARG A 403 48.62 14.10 5.14
N ILE A 404 47.95 15.22 4.83
CA ILE A 404 47.77 15.72 3.43
C ILE A 404 49.13 16.24 2.93
N LYS A 405 49.92 16.89 3.79
CA LYS A 405 51.26 17.42 3.45
C LYS A 405 52.17 16.26 3.01
N LYS A 406 52.07 15.10 3.67
CA LYS A 406 52.88 13.90 3.32
C LYS A 406 52.34 13.28 2.03
N TRP A 407 51.03 13.35 1.79
CA TRP A 407 50.38 12.87 0.54
C TRP A 407 50.77 13.78 -0.64
N LEU A 408 50.91 15.09 -0.38
CA LEU A 408 51.34 16.08 -1.42
C LEU A 408 52.79 15.83 -1.82
N GLU A 409 53.68 15.52 -0.87
CA GLU A 409 55.12 15.27 -1.14
C GLU A 409 55.29 13.87 -1.74
N HIS A 410 54.38 12.94 -1.42
CA HIS A 410 54.29 11.59 -2.06
C HIS A 410 54.03 11.77 -3.57
N ALA A 411 53.22 12.76 -3.93
CA ALA A 411 52.87 13.11 -5.33
C ALA A 411 54.10 13.68 -6.06
N ARG A 412 55.05 14.27 -5.32
CA ARG A 412 56.33 14.78 -5.85
C ARG A 412 57.39 13.65 -5.87
N SER A 413 57.41 12.81 -4.83
CA SER A 413 58.44 11.76 -4.62
C SER A 413 58.21 10.57 -5.56
N SER A 414 56.97 10.06 -5.63
CA SER A 414 56.59 8.81 -6.35
C SER A 414 56.84 8.97 -7.85
N PRO A 415 57.48 7.98 -8.51
CA PRO A 415 57.81 8.08 -9.94
C PRO A 415 56.59 8.13 -10.87
N SER A 416 55.57 7.31 -10.61
CA SER A 416 54.36 7.15 -11.46
C SER A 416 53.36 8.29 -11.23
N LEU A 417 53.66 9.25 -10.36
CA LEU A 417 52.78 10.41 -10.04
C LEU A 417 53.38 11.70 -10.61
N THR A 418 52.50 12.60 -11.07
CA THR A 418 52.81 13.98 -11.53
C THR A 418 51.71 14.92 -11.03
N ILE A 419 52.07 15.97 -10.29
CA ILE A 419 51.13 17.06 -9.88
C ILE A 419 50.87 17.95 -11.09
N LEU A 420 49.63 17.97 -11.59
CA LEU A 420 49.20 18.77 -12.77
C LEU A 420 48.77 20.17 -12.33
N ALA A 421 48.24 20.30 -11.11
CA ALA A 421 47.84 21.59 -10.51
C ALA A 421 47.90 21.51 -8.98
N GLY A 422 48.07 22.65 -8.31
CA GLY A 422 48.22 22.77 -6.86
C GLY A 422 49.52 22.13 -6.39
N GLY A 423 49.52 21.57 -5.17
CA GLY A 423 50.66 20.84 -4.58
C GLY A 423 51.24 21.55 -3.38
N LYS A 424 51.00 22.86 -3.24
CA LYS A 424 51.52 23.70 -2.13
C LYS A 424 50.47 23.81 -1.02
N CYS A 425 50.93 23.96 0.22
CA CYS A 425 50.10 24.14 1.44
C CYS A 425 50.87 25.00 2.45
N ASP A 426 50.15 25.77 3.28
CA ASP A 426 50.72 26.75 4.24
C ASP A 426 49.83 26.80 5.49
N ASP A 427 50.40 26.48 6.65
CA ASP A 427 49.67 26.41 7.97
C ASP A 427 50.11 27.59 8.86
N SER A 428 50.48 28.72 8.26
CA SER A 428 50.92 29.94 9.00
C SER A 428 49.72 30.62 9.66
N VAL A 429 48.62 30.80 8.89
CA VAL A 429 47.36 31.46 9.34
C VAL A 429 46.35 30.36 9.72
N GLY A 430 45.98 29.53 8.74
CA GLY A 430 45.10 28.36 8.88
C GLY A 430 45.68 27.16 8.16
N TYR A 431 45.04 25.99 8.27
CA TYR A 431 45.51 24.71 7.66
C TYR A 431 45.09 24.68 6.18
N PHE A 432 45.65 25.60 5.39
CA PHE A 432 45.26 25.88 3.97
C PHE A 432 46.02 24.95 3.03
N VAL A 433 45.28 24.09 2.31
CA VAL A 433 45.80 23.17 1.26
C VAL A 433 45.21 23.60 -0.09
N GLU A 434 46.06 23.85 -1.09
CA GLU A 434 45.65 24.14 -2.49
C GLU A 434 44.92 22.93 -3.04
N PRO A 435 43.88 23.13 -3.90
CA PRO A 435 43.23 22.01 -4.58
C PRO A 435 44.27 21.36 -5.51
N CYS A 436 44.53 20.07 -5.32
CA CYS A 436 45.62 19.33 -6.02
C CYS A 436 45.02 18.32 -7.00
N ILE A 437 45.49 18.34 -8.26
CA ILE A 437 45.14 17.35 -9.32
C ILE A 437 46.42 16.59 -9.68
N VAL A 438 46.49 15.32 -9.27
CA VAL A 438 47.66 14.42 -9.48
C VAL A 438 47.32 13.43 -10.60
N GLU A 439 48.22 13.24 -11.57
CA GLU A 439 48.09 12.20 -12.62
C GLU A 439 48.87 10.96 -12.17
N SER A 440 48.20 9.81 -12.13
CA SER A 440 48.82 8.49 -11.86
C SER A 440 48.84 7.67 -13.15
N LYS A 441 50.04 7.34 -13.64
CA LYS A 441 50.24 6.41 -14.78
C LYS A 441 49.95 4.98 -14.29
N ASP A 442 50.13 4.75 -12.98
CA ASP A 442 49.85 3.46 -12.29
C ASP A 442 48.46 3.51 -11.68
N PRO A 443 47.52 2.63 -12.09
CA PRO A 443 46.18 2.62 -11.51
C PRO A 443 46.11 2.01 -10.10
N GLN A 444 47.18 1.35 -9.65
CA GLN A 444 47.26 0.65 -8.33
C GLN A 444 48.14 1.43 -7.35
N GLU A 445 48.51 2.67 -7.68
CA GLU A 445 49.38 3.54 -6.82
C GLU A 445 48.65 3.81 -5.51
N PRO A 446 49.31 3.69 -4.33
CA PRO A 446 48.66 3.97 -3.04
C PRO A 446 47.76 5.21 -2.98
N ILE A 447 48.08 6.29 -3.72
CA ILE A 447 47.27 7.54 -3.80
C ILE A 447 45.90 7.22 -4.41
N MET A 448 45.82 6.15 -5.22
CA MET A 448 44.58 5.69 -5.90
C MET A 448 43.79 4.71 -5.00
N LYS A 449 44.30 4.40 -3.80
CA LYS A 449 43.72 3.36 -2.89
C LYS A 449 43.37 3.94 -1.52
N GLU A 450 44.31 4.67 -0.90
CA GLU A 450 44.21 5.14 0.50
C GLU A 450 43.50 6.50 0.56
N GLU A 451 42.59 6.66 1.52
CA GLU A 451 41.75 7.87 1.73
C GLU A 451 42.61 8.98 2.34
N ILE A 452 42.64 10.16 1.72
CA ILE A 452 43.47 11.33 2.12
C ILE A 452 42.61 12.26 2.98
N PHE A 453 41.30 12.31 2.72
CA PHE A 453 40.31 13.21 3.38
C PHE A 453 40.82 14.66 3.26
N GLY A 454 41.33 14.99 2.07
CA GLY A 454 41.86 16.31 1.69
C GLY A 454 41.58 16.61 0.22
N PRO A 455 41.94 17.80 -0.28
CA PRO A 455 41.61 18.19 -1.66
C PRO A 455 42.69 17.71 -2.64
N VAL A 456 42.81 16.39 -2.80
CA VAL A 456 43.80 15.72 -3.70
C VAL A 456 43.03 14.74 -4.61
N LEU A 457 42.82 15.13 -5.87
CA LEU A 457 42.19 14.28 -6.92
C LEU A 457 43.29 13.56 -7.70
N SER A 458 43.30 12.22 -7.66
CA SER A 458 44.19 11.35 -8.47
C SER A 458 43.49 11.01 -9.79
N VAL A 459 44.21 11.14 -10.91
CA VAL A 459 43.67 10.92 -12.29
C VAL A 459 44.45 9.77 -12.94
N TYR A 460 43.73 8.80 -13.52
CA TYR A 460 44.29 7.70 -14.35
C TYR A 460 43.68 7.77 -15.75
N VAL A 461 44.52 7.90 -16.78
CA VAL A 461 44.11 7.87 -18.21
C VAL A 461 44.17 6.42 -18.69
N TYR A 462 43.08 5.93 -19.31
CA TYR A 462 42.94 4.54 -19.79
C TYR A 462 42.69 4.55 -21.29
N PRO A 463 43.23 3.58 -22.07
CA PRO A 463 42.92 3.47 -23.49
C PRO A 463 41.44 3.11 -23.70
N ASP A 464 40.79 3.75 -24.68
CA ASP A 464 39.34 3.61 -24.98
C ASP A 464 39.02 2.14 -25.29
N ASP A 465 39.97 1.41 -25.91
CA ASP A 465 39.87 -0.03 -26.23
C ASP A 465 39.60 -0.84 -24.95
N LYS A 466 40.21 -0.44 -23.84
CA LYS A 466 40.26 -1.22 -22.56
C LYS A 466 39.39 -0.53 -21.50
N TYR A 467 38.20 -0.03 -21.88
CA TYR A 467 37.27 0.68 -20.97
C TYR A 467 36.55 -0.34 -20.07
N LYS A 468 36.32 -1.56 -20.59
CA LYS A 468 35.72 -2.69 -19.81
C LYS A 468 36.72 -3.17 -18.76
N GLU A 469 38.00 -3.32 -19.15
CA GLU A 469 39.11 -3.68 -18.22
C GLU A 469 39.21 -2.62 -17.11
N THR A 470 39.06 -1.34 -17.46
CA THR A 470 39.12 -0.19 -16.52
C THR A 470 37.93 -0.24 -15.56
N LEU A 471 36.74 -0.60 -16.06
CA LEU A 471 35.52 -0.75 -15.23
C LEU A 471 35.76 -1.79 -14.13
N GLN A 472 36.38 -2.93 -14.48
CA GLN A 472 36.78 -4.00 -13.52
C GLN A 472 37.82 -3.44 -12.56
N LEU A 473 38.71 -2.56 -13.06
CA LEU A 473 39.85 -1.98 -12.29
C LEU A 473 39.33 -0.96 -11.26
N VAL A 474 38.24 -0.23 -11.59
CA VAL A 474 37.54 0.69 -10.65
C VAL A 474 37.01 -0.14 -9.47
N ASP A 475 36.45 -1.31 -9.76
CA ASP A 475 35.79 -2.21 -8.76
C ASP A 475 36.85 -2.80 -7.82
N SER A 476 38.02 -3.21 -8.36
CA SER A 476 38.99 -4.12 -7.69
C SER A 476 40.09 -3.35 -6.94
N THR A 477 40.39 -2.10 -7.32
CA THR A 477 41.58 -1.35 -6.83
C THR A 477 41.53 -1.17 -5.31
N THR A 478 40.47 -0.52 -4.81
CA THR A 478 40.36 -0.05 -3.39
C THR A 478 39.61 -1.08 -2.55
N SER A 479 39.66 -0.93 -1.22
CA SER A 479 38.97 -1.77 -0.22
C SER A 479 37.56 -1.24 0.03
N TYR A 480 37.27 -0.02 -0.40
CA TYR A 480 36.03 0.75 -0.08
C TYR A 480 34.96 0.50 -1.15
N GLY A 481 33.72 0.88 -0.84
CA GLY A 481 32.56 0.76 -1.76
C GLY A 481 31.44 1.71 -1.40
N LEU A 482 31.77 2.97 -1.10
CA LEU A 482 30.79 3.98 -0.57
C LEU A 482 30.08 4.66 -1.74
N THR A 483 30.74 5.62 -2.40
CA THR A 483 30.14 6.41 -3.52
C THR A 483 30.99 6.21 -4.79
N GLY A 484 30.34 6.39 -5.94
CA GLY A 484 30.95 6.29 -7.28
C GLY A 484 30.02 6.88 -8.32
N ALA A 485 30.57 7.47 -9.37
CA ALA A 485 29.81 8.06 -10.50
C ALA A 485 30.34 7.51 -11.81
N VAL A 486 29.45 7.36 -12.80
CA VAL A 486 29.81 7.11 -14.23
C VAL A 486 29.16 8.21 -15.08
N PHE A 487 29.95 8.83 -15.95
CA PHE A 487 29.51 9.88 -16.91
C PHE A 487 29.48 9.28 -18.32
N SER A 488 28.29 9.19 -18.92
CA SER A 488 28.04 8.73 -20.31
C SER A 488 26.66 9.21 -20.77
N GLN A 489 26.55 9.63 -22.03
CA GLN A 489 25.25 9.89 -22.72
C GLN A 489 24.88 8.67 -23.56
N ASP A 490 25.82 7.73 -23.73
CA ASP A 490 25.54 6.35 -24.22
C ASP A 490 24.88 5.56 -23.08
N LYS A 491 23.70 5.00 -23.34
CA LYS A 491 22.83 4.37 -22.31
C LYS A 491 23.22 2.90 -22.07
N ASP A 492 23.92 2.29 -23.03
CA ASP A 492 24.32 0.85 -22.99
C ASP A 492 25.52 0.68 -22.05
N VAL A 493 26.40 1.68 -21.97
CA VAL A 493 27.64 1.64 -21.14
C VAL A 493 27.27 1.87 -19.67
N VAL A 494 26.30 2.75 -19.38
CA VAL A 494 25.83 3.01 -17.98
C VAL A 494 25.09 1.78 -17.47
N GLN A 495 24.39 1.05 -18.34
CA GLN A 495 23.72 -0.25 -18.02
C GLN A 495 24.80 -1.24 -17.56
N GLU A 496 25.88 -1.41 -18.34
CA GLU A 496 26.94 -2.41 -18.05
C GLU A 496 27.84 -1.90 -16.91
N ALA A 497 28.01 -0.57 -16.78
CA ALA A 497 28.76 0.07 -15.68
C ALA A 497 28.02 -0.15 -14.35
N THR A 498 26.68 -0.06 -14.38
CA THR A 498 25.79 -0.26 -13.20
C THR A 498 25.99 -1.67 -12.63
N LYS A 499 26.07 -2.69 -13.50
CA LYS A 499 26.10 -4.12 -13.08
C LYS A 499 27.50 -4.51 -12.60
N VAL A 500 28.57 -4.01 -13.23
CA VAL A 500 29.97 -4.37 -12.86
C VAL A 500 30.39 -3.59 -11.60
N LEU A 501 29.87 -2.37 -11.40
CA LEU A 501 30.18 -1.52 -10.22
C LEU A 501 29.03 -1.56 -9.21
N ARG A 502 28.26 -2.66 -9.20
CA ARG A 502 27.06 -2.88 -8.35
C ARG A 502 27.46 -2.84 -6.87
N ASN A 503 28.64 -3.38 -6.53
CA ASN A 503 29.17 -3.46 -5.13
C ASN A 503 30.35 -2.51 -4.94
N ALA A 504 30.71 -1.72 -5.97
CA ALA A 504 31.84 -0.76 -5.94
C ALA A 504 31.40 0.57 -5.34
N ALA A 505 30.09 0.78 -5.18
CA ALA A 505 29.48 2.04 -4.69
C ALA A 505 28.08 1.78 -4.12
N GLY A 506 27.93 1.98 -2.81
CA GLY A 506 26.62 1.98 -2.12
C GLY A 506 25.74 3.11 -2.59
N ASN A 507 26.34 4.25 -2.94
CA ASN A 507 25.66 5.41 -3.58
C ASN A 507 26.24 5.62 -4.98
N PHE A 508 25.52 5.16 -6.00
CA PHE A 508 25.93 5.20 -7.44
C PHE A 508 25.25 6.40 -8.11
N TYR A 509 26.00 7.11 -8.97
CA TYR A 509 25.53 8.33 -9.66
C TYR A 509 25.76 8.19 -11.17
N ILE A 510 24.69 8.37 -11.96
CA ILE A 510 24.73 8.48 -13.45
C ILE A 510 24.70 9.97 -13.79
N ASN A 511 25.79 10.51 -14.32
CA ASN A 511 25.91 11.91 -14.81
C ASN A 511 25.64 12.90 -13.67
N ASP A 512 26.16 12.61 -12.47
CA ASP A 512 26.11 13.52 -11.30
C ASP A 512 27.29 13.24 -10.39
N LYS A 513 27.67 14.24 -9.56
CA LYS A 513 28.82 14.18 -8.63
C LYS A 513 28.54 13.17 -7.52
N SER A 514 29.59 12.55 -6.97
CA SER A 514 29.55 11.43 -6.00
C SER A 514 29.16 11.93 -4.61
N THR A 515 29.20 13.25 -4.38
CA THR A 515 28.75 13.92 -3.13
C THR A 515 27.31 14.43 -3.32
N GLY A 516 26.71 14.95 -2.24
CA GLY A 516 25.38 15.60 -2.27
C GLY A 516 24.26 14.59 -2.12
N SER A 517 24.31 13.76 -1.08
CA SER A 517 23.24 12.79 -0.70
C SER A 517 22.13 13.53 0.05
N ILE A 518 20.95 13.66 -0.56
CA ILE A 518 19.76 14.32 0.05
C ILE A 518 18.91 13.23 0.74
N VAL A 519 18.56 13.46 2.01
CA VAL A 519 17.76 12.53 2.85
C VAL A 519 16.42 12.26 2.16
N GLY A 520 16.03 10.99 2.05
CA GLY A 520 14.77 10.54 1.43
C GLY A 520 14.90 10.25 -0.05
N GLN A 521 15.93 10.80 -0.71
CA GLN A 521 16.18 10.69 -2.17
C GLN A 521 17.38 9.78 -2.43
N GLN A 522 18.49 9.98 -1.70
CA GLN A 522 19.70 9.13 -1.77
C GLN A 522 20.10 8.70 -0.36
N PRO A 523 19.43 7.69 0.24
CA PRO A 523 19.89 7.09 1.48
C PRO A 523 21.37 6.72 1.36
N PHE A 524 22.20 7.23 2.28
CA PHE A 524 23.68 7.21 2.18
C PHE A 524 24.24 5.95 2.87
N GLY A 525 25.37 5.45 2.37
CA GLY A 525 26.10 4.32 2.97
C GLY A 525 26.57 3.33 1.91
N GLY A 526 27.73 2.72 2.13
CA GLY A 526 28.29 1.64 1.27
C GLY A 526 28.77 0.47 2.10
N ALA A 527 28.92 -0.69 1.47
CA ALA A 527 29.44 -1.94 2.07
C ALA A 527 30.97 -2.00 1.89
N ARG A 528 31.53 -3.19 1.69
CA ARG A 528 32.99 -3.46 1.73
C ARG A 528 33.57 -2.81 3.00
N ALA A 529 34.66 -2.03 2.90
CA ALA A 529 35.38 -1.46 4.05
C ALA A 529 34.73 -0.15 4.51
N SER A 530 33.74 0.35 3.76
CA SER A 530 33.10 1.68 3.99
C SER A 530 32.08 1.61 5.13
N GLY A 531 31.72 0.42 5.61
CA GLY A 531 30.98 0.25 6.88
C GLY A 531 29.86 -0.78 6.79
N THR A 532 28.85 -0.64 7.66
CA THR A 532 27.76 -1.62 7.88
C THR A 532 26.61 -1.38 6.87
N ASN A 533 26.57 -0.21 6.23
CA ASN A 533 25.59 0.17 5.19
C ASN A 533 24.16 0.03 5.75
N ASP A 534 23.88 0.73 6.86
CA ASP A 534 22.55 0.73 7.52
C ASP A 534 21.65 1.80 6.89
N LYS A 535 22.21 2.61 5.98
CA LYS A 535 21.49 3.55 5.07
C LYS A 535 20.74 4.62 5.86
N PRO A 536 21.47 5.53 6.56
CA PRO A 536 20.87 6.77 7.07
C PRO A 536 20.23 7.61 5.97
N GLY A 537 19.09 8.24 6.27
CA GLY A 537 18.30 9.06 5.32
C GLY A 537 17.27 8.23 4.58
N GLY A 538 17.31 6.91 4.76
CA GLY A 538 16.32 5.95 4.20
C GLY A 538 15.36 5.46 5.27
N PRO A 539 14.31 4.69 4.90
CA PRO A 539 13.32 4.21 5.86
C PRO A 539 13.81 3.16 6.87
N HIS A 540 14.85 2.38 6.53
CA HIS A 540 15.26 1.15 7.23
C HIS A 540 16.37 1.41 8.26
N TYR A 541 16.89 2.64 8.35
CA TYR A 541 17.99 3.03 9.27
C TYR A 541 17.54 2.85 10.72
N ILE A 542 16.37 3.39 11.05
CA ILE A 542 15.77 3.43 12.42
C ILE A 542 15.60 2.00 12.97
N LEU A 543 15.49 0.99 12.10
CA LEU A 543 15.21 -0.43 12.50
C LEU A 543 16.37 -1.00 13.33
N ARG A 544 17.58 -0.44 13.22
CA ARG A 544 18.77 -0.90 13.97
C ARG A 544 18.67 -0.46 15.44
N TRP A 545 17.80 0.52 15.74
CA TRP A 545 17.71 1.17 17.08
C TRP A 545 16.38 0.84 17.75
N THR A 546 15.69 -0.20 17.26
CA THR A 546 14.51 -0.82 17.91
C THR A 546 14.73 -2.34 17.99
N SER A 547 14.52 -2.92 19.18
CA SER A 547 14.45 -4.38 19.41
C SER A 547 12.97 -4.75 19.64
N PRO A 548 12.20 -5.04 18.56
CA PRO A 548 10.74 -5.11 18.68
C PRO A 548 10.25 -6.28 19.54
N GLN A 549 9.10 -6.07 20.20
CA GLN A 549 8.34 -7.09 20.96
C GLN A 549 7.02 -7.35 20.20
N VAL A 550 6.48 -8.56 20.26
CA VAL A 550 5.12 -8.87 19.72
C VAL A 550 4.23 -9.40 20.84
N ILE A 551 3.06 -8.77 21.03
CA ILE A 551 2.01 -9.17 22.00
C ILE A 551 1.00 -10.07 21.27
N LYS A 552 0.82 -11.31 21.74
CA LYS A 552 -0.33 -12.19 21.36
C LYS A 552 -1.28 -12.28 22.56
N GLU A 553 -2.49 -11.75 22.42
CA GLU A 553 -3.56 -11.81 23.45
C GLU A 553 -4.71 -12.66 22.91
N THR A 554 -4.86 -13.89 23.42
CA THR A 554 -6.01 -14.79 23.14
C THR A 554 -7.17 -14.41 24.07
N HIS A 555 -8.38 -14.32 23.51
CA HIS A 555 -9.60 -13.81 24.18
C HIS A 555 -10.51 -14.96 24.60
N LYS A 556 -10.35 -16.14 24.00
CA LYS A 556 -11.08 -17.39 24.37
C LYS A 556 -10.20 -18.23 25.29
N PRO A 557 -10.80 -19.01 26.22
CA PRO A 557 -10.06 -20.04 26.96
C PRO A 557 -9.48 -21.08 25.99
N LEU A 558 -8.36 -21.69 26.38
CA LEU A 558 -7.45 -22.46 25.48
C LEU A 558 -8.10 -23.79 25.07
N GLY A 559 -8.60 -24.56 26.03
CA GLY A 559 -9.19 -25.90 25.81
C GLY A 559 -8.27 -27.00 26.30
N ASP A 560 -8.35 -28.19 25.71
CA ASP A 560 -7.63 -29.41 26.16
C ASP A 560 -6.17 -29.34 25.69
N TRP A 561 -5.23 -29.70 26.56
CA TRP A 561 -3.77 -29.75 26.29
C TRP A 561 -3.46 -30.83 25.25
N SER A 562 -4.25 -31.91 25.21
CA SER A 562 -4.14 -33.01 24.21
C SER A 562 -4.78 -32.56 22.89
N TYR A 563 -4.51 -33.29 21.81
CA TYR A 563 -4.99 -32.99 20.44
C TYR A 563 -5.98 -34.07 20.00
N ALA A 564 -6.64 -33.85 18.84
CA ALA A 564 -7.77 -34.65 18.32
C ALA A 564 -7.28 -35.92 17.61
N TYR A 565 -5.96 -36.11 17.49
CA TYR A 565 -5.34 -37.28 16.78
C TYR A 565 -4.93 -38.36 17.78
N MET A 566 -5.32 -38.21 19.05
CA MET A 566 -4.95 -39.12 20.17
C MET A 566 -6.20 -39.85 20.68
N GLY B 25 10.50 2.83 -20.63
CA GLY B 25 11.18 4.16 -20.64
C GLY B 25 11.66 4.56 -19.25
N LEU B 26 11.63 5.86 -18.95
CA LEU B 26 12.24 6.46 -17.74
C LEU B 26 11.26 6.39 -16.55
N ARG B 27 10.06 6.95 -16.70
CA ARG B 27 9.15 7.33 -15.58
C ARG B 27 8.13 6.22 -15.26
N TRP B 28 8.43 4.96 -15.60
CA TRP B 28 7.60 3.80 -15.21
C TRP B 28 8.45 2.53 -15.12
N LYS B 29 8.04 1.60 -14.25
CA LYS B 29 8.68 0.27 -14.04
C LYS B 29 7.64 -0.68 -13.42
N HIS B 30 7.65 -1.94 -13.84
CA HIS B 30 6.76 -3.02 -13.32
C HIS B 30 7.23 -3.43 -11.92
N THR B 31 6.45 -3.09 -10.89
CA THR B 31 6.58 -3.65 -9.51
C THR B 31 5.58 -4.80 -9.36
N SER B 32 5.67 -5.56 -8.28
CA SER B 32 4.82 -6.77 -8.03
C SER B 32 4.46 -6.88 -6.55
N SER B 33 3.18 -7.14 -6.27
CA SER B 33 2.63 -7.44 -4.92
C SER B 33 2.35 -8.94 -4.82
N LEU B 34 2.51 -9.51 -3.63
CA LEU B 34 2.31 -10.97 -3.34
C LEU B 34 1.48 -11.12 -2.06
N LYS B 35 0.23 -11.56 -2.20
CA LYS B 35 -0.70 -11.82 -1.06
C LYS B 35 -0.62 -13.31 -0.70
N VAL B 36 -0.07 -13.62 0.48
CA VAL B 36 0.09 -15.01 0.99
C VAL B 36 -0.75 -15.17 2.27
N ALA B 37 -1.26 -16.37 2.50
CA ALA B 37 -1.98 -16.79 3.74
C ALA B 37 -1.15 -17.88 4.43
N ASN B 38 -1.26 -17.98 5.76
CA ASN B 38 -0.61 -19.04 6.57
C ASN B 38 -1.13 -20.41 6.11
N GLU B 39 -0.24 -21.40 6.02
CA GLU B 39 -0.58 -22.80 5.71
C GLU B 39 -1.38 -23.38 6.88
N PRO B 40 -2.59 -23.93 6.64
CA PRO B 40 -3.45 -24.40 7.73
C PRO B 40 -2.91 -25.69 8.37
N VAL B 41 -2.80 -25.69 9.71
CA VAL B 41 -2.40 -26.89 10.52
C VAL B 41 -3.54 -27.90 10.44
N LEU B 42 -3.31 -29.05 9.79
CA LEU B 42 -4.33 -30.11 9.57
C LEU B 42 -4.53 -30.91 10.86
N ALA B 43 -5.74 -31.47 11.04
CA ALA B 43 -6.24 -32.06 12.30
C ALA B 43 -5.65 -33.46 12.52
N PHE B 44 -5.44 -34.23 11.44
CA PHE B 44 -4.82 -35.58 11.45
C PHE B 44 -5.70 -36.57 12.21
N THR B 45 -7.02 -36.50 12.02
CA THR B 45 -8.02 -37.43 12.64
C THR B 45 -8.08 -38.72 11.81
N GLN B 46 -8.51 -39.83 12.44
CA GLN B 46 -8.66 -41.16 11.79
C GLN B 46 -9.67 -41.05 10.65
N GLY B 47 -9.28 -41.51 9.46
CA GLY B 47 -10.09 -41.43 8.22
C GLY B 47 -9.57 -40.37 7.26
N SER B 48 -8.98 -39.30 7.80
CA SER B 48 -8.42 -38.15 7.03
C SER B 48 -7.36 -38.65 6.05
N PRO B 49 -7.28 -38.07 4.82
CA PRO B 49 -6.28 -38.50 3.84
C PRO B 49 -4.84 -38.16 4.22
N GLU B 50 -4.63 -37.16 5.10
CA GLU B 50 -3.29 -36.69 5.52
C GLU B 50 -2.67 -37.66 6.54
N ARG B 51 -3.49 -38.32 7.37
CA ARG B 51 -3.02 -39.27 8.43
C ARG B 51 -2.52 -40.56 7.76
N ASP B 52 -3.29 -41.09 6.81
CA ASP B 52 -2.96 -42.34 6.07
C ASP B 52 -1.66 -42.11 5.26
N ALA B 53 -1.58 -40.97 4.56
CA ALA B 53 -0.41 -40.56 3.74
C ALA B 53 0.85 -40.51 4.61
N LEU B 54 0.72 -40.03 5.86
CA LEU B 54 1.84 -39.87 6.83
C LEU B 54 2.35 -41.26 7.27
N GLN B 55 1.45 -42.17 7.64
CA GLN B 55 1.82 -43.50 8.21
C GLN B 55 2.30 -44.43 7.09
N LYS B 56 1.87 -44.23 5.85
CA LYS B 56 2.42 -44.93 4.66
C LYS B 56 3.82 -44.38 4.35
N ALA B 57 4.07 -43.11 4.65
CA ALA B 57 5.39 -42.45 4.55
C ALA B 57 6.28 -42.90 5.72
N LEU B 58 5.70 -43.07 6.92
CA LEU B 58 6.41 -43.54 8.15
C LEU B 58 6.91 -44.97 7.95
N LYS B 59 6.10 -45.82 7.31
CA LYS B 59 6.42 -47.26 7.07
C LYS B 59 7.44 -47.39 5.92
N ASP B 60 7.99 -46.27 5.43
CA ASP B 60 9.05 -46.24 4.39
C ASP B 60 10.40 -45.86 5.01
N LEU B 61 10.45 -45.52 6.31
CA LEU B 61 11.72 -45.22 7.04
C LEU B 61 12.09 -46.38 7.97
N LYS B 62 11.11 -47.21 8.38
CA LYS B 62 11.25 -48.24 9.44
C LYS B 62 12.53 -49.08 9.23
N GLY B 63 12.82 -49.49 8.00
CA GLY B 63 13.90 -50.43 7.67
C GLY B 63 14.89 -49.87 6.66
N ARG B 64 14.88 -48.57 6.42
CA ARG B 64 15.81 -47.87 5.49
C ARG B 64 16.71 -46.91 6.28
N MET B 65 17.90 -46.64 5.76
CA MET B 65 18.87 -45.65 6.29
C MET B 65 19.47 -44.88 5.11
N GLU B 66 19.12 -43.59 4.96
CA GLU B 66 19.53 -42.75 3.81
C GLU B 66 21.01 -42.38 3.95
N ALA B 67 21.78 -42.58 2.87
CA ALA B 67 23.19 -42.15 2.73
C ALA B 67 23.21 -40.71 2.21
N ILE B 68 23.32 -39.74 3.12
CA ILE B 68 23.25 -38.27 2.83
C ILE B 68 24.67 -37.75 2.59
N PRO B 69 25.00 -37.33 1.34
CA PRO B 69 26.30 -36.72 1.07
C PRO B 69 26.29 -35.22 1.40
N CYS B 70 27.48 -34.62 1.48
CA CYS B 70 27.68 -33.16 1.31
C CYS B 70 27.40 -32.83 -0.15
N VAL B 71 26.57 -31.82 -0.43
CA VAL B 71 26.27 -31.35 -1.80
C VAL B 71 26.94 -29.99 -2.02
N VAL B 72 27.92 -29.95 -2.92
CA VAL B 72 28.61 -28.71 -3.39
C VAL B 72 28.26 -28.52 -4.87
N GLY B 73 27.37 -27.57 -5.17
CA GLY B 73 26.82 -27.35 -6.51
C GLY B 73 25.81 -28.44 -6.87
N ASP B 74 26.19 -29.35 -7.78
CA ASP B 74 25.41 -30.56 -8.14
C ASP B 74 26.25 -31.81 -7.86
N GLU B 75 27.40 -31.65 -7.19
CA GLU B 75 28.35 -32.75 -6.87
C GLU B 75 28.05 -33.28 -5.46
N GLU B 76 27.89 -34.60 -5.34
CA GLU B 76 27.67 -35.31 -4.05
C GLU B 76 29.03 -35.81 -3.54
N VAL B 77 29.59 -35.14 -2.52
CA VAL B 77 30.95 -35.42 -1.96
C VAL B 77 30.80 -36.20 -0.64
N TRP B 78 31.61 -37.23 -0.46
CA TRP B 78 31.76 -38.00 0.80
C TRP B 78 33.18 -37.81 1.35
N THR B 79 33.35 -37.88 2.67
CA THR B 79 34.65 -37.82 3.37
C THR B 79 34.80 -39.04 4.28
N SER B 80 36.02 -39.31 4.77
CA SER B 80 36.35 -40.42 5.69
C SER B 80 35.65 -40.21 7.04
N ASP B 81 35.36 -38.97 7.41
CA ASP B 81 34.67 -38.60 8.68
C ASP B 81 33.17 -38.89 8.53
N VAL B 82 32.82 -40.16 8.38
CA VAL B 82 31.42 -40.66 8.23
C VAL B 82 30.75 -40.62 9.62
N GLN B 83 29.51 -40.11 9.69
CA GLN B 83 28.72 -39.94 10.93
C GLN B 83 27.34 -40.58 10.74
N TYR B 84 26.59 -40.77 11.84
CA TYR B 84 25.25 -41.41 11.85
C TYR B 84 24.27 -40.56 12.66
N GLN B 85 23.02 -40.48 12.19
CA GLN B 85 21.86 -39.92 12.94
C GLN B 85 20.90 -41.07 13.25
N VAL B 86 20.60 -41.29 14.53
CA VAL B 86 19.69 -42.36 15.04
C VAL B 86 18.37 -41.71 15.48
N SER B 87 17.28 -42.47 15.47
CA SER B 87 15.96 -42.06 16.03
C SER B 87 16.10 -41.89 17.54
N PRO B 88 15.77 -40.70 18.11
CA PRO B 88 15.91 -40.49 19.55
C PRO B 88 15.08 -41.43 20.44
N PHE B 89 13.99 -41.97 19.91
CA PHE B 89 13.07 -42.91 20.61
C PHE B 89 13.56 -44.36 20.46
N ASN B 90 14.52 -44.61 19.57
CA ASN B 90 15.04 -45.96 19.24
C ASN B 90 16.48 -45.81 18.71
N HIS B 91 17.44 -45.58 19.62
CA HIS B 91 18.83 -45.17 19.30
C HIS B 91 19.66 -46.35 18.77
N GLY B 92 19.05 -47.52 18.59
CA GLY B 92 19.66 -48.68 17.90
C GLY B 92 19.44 -48.62 16.40
N HIS B 93 18.50 -47.77 15.94
CA HIS B 93 18.11 -47.62 14.52
C HIS B 93 18.80 -46.39 13.91
N LYS B 94 19.88 -46.61 13.16
CA LYS B 94 20.53 -45.58 12.30
C LYS B 94 19.60 -45.31 11.11
N VAL B 95 19.11 -44.09 10.98
CA VAL B 95 18.06 -43.71 9.98
C VAL B 95 18.66 -42.79 8.91
N ALA B 96 19.82 -42.19 9.17
CA ALA B 96 20.64 -41.47 8.16
C ALA B 96 22.12 -41.69 8.44
N LYS B 97 22.89 -42.05 7.40
CA LYS B 97 24.38 -41.98 7.39
C LYS B 97 24.77 -40.74 6.56
N PHE B 98 25.60 -39.87 7.14
CA PHE B 98 26.14 -38.66 6.48
C PHE B 98 27.65 -38.57 6.79
N CYS B 99 28.30 -37.47 6.42
CA CYS B 99 29.74 -37.23 6.67
C CYS B 99 30.00 -35.73 6.90
N TYR B 100 31.10 -35.42 7.60
CA TYR B 100 31.57 -34.04 7.88
C TYR B 100 32.45 -33.53 6.74
N ALA B 101 32.12 -32.35 6.21
CA ALA B 101 32.96 -31.56 5.31
C ALA B 101 34.25 -31.17 6.04
N ASP B 102 35.41 -31.52 5.47
CA ASP B 102 36.75 -31.12 5.98
C ASP B 102 37.07 -29.71 5.46
N LYS B 103 38.16 -29.11 5.93
CA LYS B 103 38.60 -27.74 5.53
C LYS B 103 38.60 -27.63 4.00
N SER B 104 39.18 -28.61 3.31
CA SER B 104 39.32 -28.67 1.83
C SER B 104 37.95 -28.53 1.16
N LEU B 105 36.94 -29.27 1.65
CA LEU B 105 35.57 -29.28 1.05
C LEU B 105 34.89 -27.92 1.26
N LEU B 106 34.96 -27.39 2.48
CA LEU B 106 34.28 -26.12 2.88
C LEU B 106 34.82 -24.95 2.04
N ASN B 107 36.14 -24.87 1.86
CA ASN B 107 36.82 -23.83 1.05
C ASN B 107 36.43 -23.98 -0.42
N LYS B 108 36.34 -25.22 -0.90
CA LYS B 108 35.87 -25.55 -2.27
C LYS B 108 34.42 -25.04 -2.42
N ALA B 109 33.59 -25.27 -1.40
CA ALA B 109 32.16 -24.87 -1.35
C ALA B 109 32.03 -23.35 -1.29
N ILE B 110 32.93 -22.68 -0.56
CA ILE B 110 32.97 -21.18 -0.44
C ILE B 110 33.21 -20.59 -1.84
N GLU B 111 34.33 -20.94 -2.48
CA GLU B 111 34.76 -20.33 -3.77
C GLU B 111 33.71 -20.61 -4.87
N ALA B 112 33.17 -21.83 -4.91
CA ALA B 112 32.13 -22.25 -5.88
C ALA B 112 30.86 -21.40 -5.69
N ALA B 113 30.53 -21.10 -4.43
CA ALA B 113 29.38 -20.24 -4.05
C ALA B 113 29.59 -18.82 -4.59
N LEU B 114 30.81 -18.27 -4.42
CA LEU B 114 31.16 -16.88 -4.83
C LEU B 114 31.03 -16.74 -6.35
N ALA B 115 31.39 -17.79 -7.10
CA ALA B 115 31.36 -17.82 -8.59
C ALA B 115 29.90 -17.79 -9.08
N ALA B 116 28.96 -18.26 -8.27
CA ALA B 116 27.51 -18.35 -8.59
C ALA B 116 26.75 -17.12 -8.07
N ARG B 117 27.36 -16.34 -7.17
CA ARG B 117 26.70 -15.27 -6.39
C ARG B 117 26.25 -14.12 -7.31
N LYS B 118 27.10 -13.68 -8.23
CA LYS B 118 26.89 -12.46 -9.06
C LYS B 118 25.64 -12.62 -9.93
N GLU B 119 25.50 -13.75 -10.64
CA GLU B 119 24.34 -14.01 -11.54
C GLU B 119 23.08 -14.23 -10.70
N TRP B 120 23.22 -14.82 -9.51
CA TRP B 120 22.10 -15.09 -8.56
C TRP B 120 21.60 -13.78 -7.97
N ASP B 121 22.50 -12.92 -7.48
CA ASP B 121 22.18 -11.57 -6.95
C ASP B 121 21.45 -10.76 -8.04
N LEU B 122 21.94 -10.83 -9.29
CA LEU B 122 21.40 -10.05 -10.44
C LEU B 122 20.03 -10.60 -10.87
N LYS B 123 19.74 -11.87 -10.57
CA LYS B 123 18.41 -12.50 -10.82
C LYS B 123 17.35 -11.69 -10.08
N PRO B 124 16.29 -11.20 -10.77
CA PRO B 124 15.24 -10.41 -10.09
C PRO B 124 14.56 -11.20 -8.96
N ILE B 125 14.00 -10.47 -7.98
CA ILE B 125 13.46 -11.06 -6.72
C ILE B 125 12.28 -12.01 -7.03
N ALA B 126 11.47 -11.68 -8.03
CA ALA B 126 10.29 -12.48 -8.46
C ALA B 126 10.73 -13.89 -8.87
N ASP B 127 11.84 -13.99 -9.61
CA ASP B 127 12.40 -15.28 -10.12
C ASP B 127 12.98 -16.09 -8.95
N ARG B 128 13.54 -15.43 -7.94
CA ARG B 128 14.11 -16.07 -6.72
C ARG B 128 12.97 -16.56 -5.82
N ALA B 129 11.98 -15.70 -5.56
CA ALA B 129 10.79 -15.98 -4.71
C ALA B 129 10.00 -17.15 -5.27
N GLN B 130 9.89 -17.25 -6.60
CA GLN B 130 9.11 -18.29 -7.33
C GLN B 130 9.63 -19.69 -6.99
N ILE B 131 10.92 -19.80 -6.66
CA ILE B 131 11.59 -21.08 -6.28
C ILE B 131 11.09 -21.50 -4.89
N PHE B 132 11.07 -20.57 -3.93
CA PHE B 132 10.66 -20.81 -2.53
C PHE B 132 9.14 -21.01 -2.44
N LEU B 133 8.37 -20.26 -3.22
CA LEU B 133 6.89 -20.44 -3.35
C LEU B 133 6.58 -21.85 -3.85
N LYS B 134 7.28 -22.30 -4.90
CA LYS B 134 7.11 -23.65 -5.50
C LYS B 134 7.55 -24.71 -4.46
N ALA B 135 8.67 -24.47 -3.78
CA ALA B 135 9.23 -25.35 -2.73
C ALA B 135 8.21 -25.50 -1.58
N ALA B 136 7.58 -24.40 -1.18
CA ALA B 136 6.51 -24.35 -0.15
C ALA B 136 5.33 -25.22 -0.58
N ASP B 137 4.91 -25.09 -1.85
CA ASP B 137 3.74 -25.82 -2.41
C ASP B 137 4.02 -27.33 -2.44
N MET B 138 5.26 -27.72 -2.73
CA MET B 138 5.71 -29.14 -2.71
C MET B 138 5.63 -29.66 -1.27
N LEU B 139 6.21 -28.90 -0.32
CA LEU B 139 6.25 -29.23 1.14
C LEU B 139 4.83 -29.28 1.73
N SER B 140 3.88 -28.54 1.13
CA SER B 140 2.45 -28.48 1.56
C SER B 140 1.65 -29.62 0.92
N GLY B 141 1.99 -30.00 -0.32
CA GLY B 141 1.27 -31.02 -1.11
C GLY B 141 1.98 -32.37 -1.08
N PRO B 142 2.59 -32.80 -2.22
CA PRO B 142 3.07 -34.18 -2.36
C PRO B 142 4.28 -34.59 -1.49
N ARG B 143 5.03 -33.63 -0.95
CA ARG B 143 6.25 -33.89 -0.14
C ARG B 143 5.98 -33.64 1.35
N ARG B 144 4.73 -33.38 1.74
CA ARG B 144 4.34 -33.05 3.14
C ARG B 144 4.54 -34.28 4.03
N ALA B 145 3.95 -35.41 3.67
CA ALA B 145 4.03 -36.69 4.42
C ALA B 145 5.50 -37.07 4.63
N GLU B 146 6.31 -36.98 3.56
CA GLU B 146 7.76 -37.30 3.57
C GLU B 146 8.45 -36.49 4.67
N ILE B 147 8.30 -35.16 4.65
CA ILE B 147 9.08 -34.22 5.51
C ILE B 147 8.59 -34.32 6.96
N LEU B 148 7.29 -34.61 7.17
CA LEU B 148 6.72 -34.85 8.52
C LEU B 148 7.36 -36.11 9.12
N ALA B 149 7.21 -37.25 8.45
CA ALA B 149 7.74 -38.57 8.85
C ALA B 149 9.24 -38.47 9.18
N LYS B 150 10.03 -37.87 8.27
CA LYS B 150 11.50 -37.73 8.37
C LYS B 150 11.87 -36.86 9.59
N THR B 151 11.00 -35.91 9.96
CA THR B 151 11.16 -35.04 11.16
C THR B 151 10.82 -35.86 12.41
N MET B 152 9.69 -36.57 12.41
CA MET B 152 9.23 -37.38 13.58
C MET B 152 10.32 -38.40 13.91
N VAL B 153 10.68 -39.24 12.93
CA VAL B 153 11.64 -40.36 13.07
C VAL B 153 13.04 -39.81 13.40
N GLY B 154 13.46 -38.75 12.69
CA GLY B 154 14.82 -38.19 12.77
C GLY B 154 15.09 -37.46 14.08
N GLN B 155 14.11 -36.68 14.57
CA GLN B 155 14.29 -35.73 15.70
C GLN B 155 13.39 -36.07 16.89
N GLY B 156 12.49 -37.05 16.75
CA GLY B 156 11.62 -37.55 17.84
C GLY B 156 10.44 -36.63 18.10
N LYS B 157 9.91 -36.00 17.05
CA LYS B 157 8.70 -35.14 17.12
C LYS B 157 7.44 -36.03 17.00
N THR B 158 6.34 -35.61 17.63
CA THR B 158 5.00 -36.22 17.47
C THR B 158 4.41 -35.73 16.13
N VAL B 159 3.20 -36.15 15.80
CA VAL B 159 2.51 -35.80 14.51
C VAL B 159 2.31 -34.28 14.46
N ILE B 160 1.79 -33.69 15.54
CA ILE B 160 1.38 -32.26 15.57
C ILE B 160 2.61 -31.34 15.68
N GLN B 161 3.62 -31.74 16.46
CA GLN B 161 4.86 -30.92 16.67
C GLN B 161 5.68 -30.88 15.37
N ALA B 162 5.58 -31.93 14.55
CA ALA B 162 6.19 -32.00 13.20
C ALA B 162 5.36 -31.17 12.21
N GLU B 163 4.04 -31.13 12.39
CA GLU B 163 3.08 -30.42 11.50
C GLU B 163 3.31 -28.90 11.60
N ILE B 164 3.39 -28.36 12.82
CA ILE B 164 3.61 -26.90 13.05
C ILE B 164 5.05 -26.53 12.66
N ASP B 165 5.98 -27.50 12.66
CA ASP B 165 7.41 -27.30 12.29
C ASP B 165 7.61 -27.57 10.79
N ALA B 166 7.81 -28.84 10.41
CA ALA B 166 8.35 -29.26 9.10
C ALA B 166 7.43 -28.79 7.96
N ALA B 167 6.11 -28.80 8.18
CA ALA B 167 5.10 -28.27 7.23
C ALA B 167 4.90 -26.77 7.50
N ALA B 168 3.92 -26.43 8.34
CA ALA B 168 3.31 -25.07 8.47
C ALA B 168 4.39 -23.97 8.49
N GLU B 169 5.25 -23.94 9.53
CA GLU B 169 6.20 -22.81 9.77
C GLU B 169 7.19 -22.71 8.61
N LEU B 170 7.59 -23.83 8.00
CA LEU B 170 8.54 -23.87 6.87
C LEU B 170 7.85 -23.36 5.60
N ILE B 171 6.61 -23.79 5.33
CA ILE B 171 5.76 -23.26 4.23
C ILE B 171 5.70 -21.73 4.40
N ASP B 172 5.29 -21.30 5.60
CA ASP B 172 5.07 -19.87 5.96
C ASP B 172 6.39 -19.11 5.83
N PHE B 173 7.51 -19.67 6.30
CA PHE B 173 8.86 -19.05 6.21
C PHE B 173 9.19 -18.77 4.74
N PHE B 174 8.86 -19.70 3.83
CA PHE B 174 9.16 -19.58 2.38
C PHE B 174 8.20 -18.59 1.72
N ARG B 175 6.91 -18.62 2.07
CA ARG B 175 5.85 -17.81 1.42
C ARG B 175 5.90 -16.37 1.93
N PHE B 176 5.98 -16.15 3.24
CA PHE B 176 5.91 -14.80 3.87
C PHE B 176 7.21 -14.02 3.60
N ASN B 177 8.37 -14.68 3.66
CA ASN B 177 9.68 -14.06 3.30
C ASN B 177 9.66 -13.70 1.81
N ALA B 178 9.07 -14.56 0.96
CA ALA B 178 8.86 -14.30 -0.49
C ALA B 178 7.99 -13.05 -0.65
N LYS B 179 6.92 -12.93 0.13
CA LYS B 179 6.03 -11.73 0.17
C LYS B 179 6.88 -10.51 0.56
N TYR B 180 7.51 -10.57 1.73
CA TYR B 180 8.27 -9.45 2.36
C TYR B 180 9.38 -8.95 1.43
N ALA B 181 9.97 -9.84 0.64
CA ALA B 181 11.12 -9.54 -0.26
C ALA B 181 10.66 -8.73 -1.49
N VAL B 182 9.44 -8.96 -1.98
CA VAL B 182 8.90 -8.26 -3.19
C VAL B 182 8.14 -6.99 -2.77
N GLU B 183 7.59 -6.96 -1.55
CA GLU B 183 7.03 -5.72 -0.94
C GLU B 183 8.18 -4.72 -0.75
N LEU B 184 9.36 -5.23 -0.38
CA LEU B 184 10.59 -4.43 -0.12
C LEU B 184 11.08 -3.77 -1.41
N GLU B 185 10.90 -4.43 -2.56
CA GLU B 185 11.32 -3.93 -3.89
C GLU B 185 10.48 -2.70 -4.26
N GLY B 186 9.27 -2.57 -3.67
CA GLY B 186 8.38 -1.42 -3.84
C GLY B 186 8.81 -0.22 -3.02
N GLN B 187 9.53 -0.45 -1.91
CA GLN B 187 10.01 0.63 -1.00
C GLN B 187 11.18 1.36 -1.67
N GLN B 188 10.86 2.46 -2.37
CA GLN B 188 11.78 3.24 -3.23
C GLN B 188 11.84 4.68 -2.73
N PRO B 189 12.96 5.39 -2.93
CA PRO B 189 13.10 6.77 -2.46
C PRO B 189 12.35 7.76 -3.35
N ILE B 190 12.25 9.01 -2.91
CA ILE B 190 11.56 10.12 -3.64
C ILE B 190 12.50 10.59 -4.75
N SER B 191 11.97 10.88 -5.93
CA SER B 191 12.70 11.48 -7.08
C SER B 191 12.24 12.94 -7.27
N VAL B 192 13.18 13.88 -7.17
CA VAL B 192 12.97 15.32 -7.47
C VAL B 192 13.68 15.62 -8.79
N PRO B 193 12.97 16.12 -9.83
CA PRO B 193 13.64 16.50 -11.08
C PRO B 193 14.76 17.49 -10.83
N PRO B 194 15.89 17.45 -11.59
CA PRO B 194 16.03 16.62 -12.77
C PRO B 194 16.71 15.26 -12.54
N SER B 195 16.52 14.65 -11.37
CA SER B 195 17.15 13.36 -10.95
C SER B 195 16.07 12.31 -10.67
N THR B 196 16.31 11.06 -11.05
CA THR B 196 15.47 9.87 -10.70
C THR B 196 16.29 8.91 -9.81
N ASN B 197 15.74 8.56 -8.65
CA ASN B 197 16.42 7.77 -7.59
C ASN B 197 15.72 6.41 -7.45
N SER B 198 16.50 5.33 -7.49
CA SER B 198 16.06 3.93 -7.24
C SER B 198 16.96 3.30 -6.17
N THR B 199 16.41 2.41 -5.35
CA THR B 199 17.16 1.51 -4.44
C THR B 199 17.21 0.12 -5.07
N VAL B 200 18.42 -0.41 -5.27
CA VAL B 200 18.68 -1.83 -5.68
C VAL B 200 19.06 -2.61 -4.42
N TYR B 201 18.20 -3.53 -3.98
CA TYR B 201 18.41 -4.39 -2.78
C TYR B 201 19.32 -5.56 -3.18
N ARG B 202 20.64 -5.32 -3.12
CA ARG B 202 21.69 -6.33 -3.42
C ARG B 202 21.77 -7.30 -2.24
N GLY B 203 22.21 -8.53 -2.50
CA GLY B 203 22.67 -9.45 -1.46
C GLY B 203 23.99 -8.97 -0.87
N LEU B 204 24.44 -9.58 0.23
CA LEU B 204 25.74 -9.26 0.88
C LEU B 204 26.86 -9.81 0.00
N GLU B 205 27.95 -9.06 -0.16
CA GLU B 205 29.11 -9.46 -0.98
C GLU B 205 29.92 -10.50 -0.21
N GLY B 206 29.94 -11.74 -0.70
CA GLY B 206 30.56 -12.91 -0.05
C GLY B 206 29.55 -14.01 0.19
N PHE B 207 29.86 -14.95 1.08
CA PHE B 207 28.98 -16.09 1.46
C PHE B 207 28.47 -15.87 2.89
N VAL B 208 27.25 -16.36 3.16
CA VAL B 208 26.63 -16.42 4.52
C VAL B 208 26.79 -17.84 5.04
N ALA B 209 27.17 -17.99 6.31
CA ALA B 209 27.23 -19.30 7.03
C ALA B 209 25.95 -19.48 7.84
N ALA B 210 25.14 -20.47 7.48
CA ALA B 210 23.88 -20.84 8.17
C ALA B 210 24.13 -22.08 9.03
N ILE B 211 24.00 -21.94 10.36
CA ILE B 211 24.16 -23.06 11.35
C ILE B 211 22.81 -23.31 12.01
N SER B 212 22.18 -24.44 11.67
CA SER B 212 20.80 -24.81 12.07
C SER B 212 20.83 -25.70 13.32
N PRO B 213 19.83 -25.55 14.23
CA PRO B 213 19.69 -26.45 15.38
C PRO B 213 18.81 -27.66 15.05
N PHE B 214 18.57 -28.51 16.04
CA PHE B 214 17.86 -29.81 15.91
C PHE B 214 16.34 -29.62 16.10
N ASN B 215 15.94 -28.66 16.94
CA ASN B 215 14.57 -28.57 17.51
C ASN B 215 13.54 -28.28 16.41
N PHE B 216 13.88 -27.47 15.40
CA PHE B 216 12.96 -27.10 14.29
C PHE B 216 13.69 -27.22 12.94
N THR B 217 13.15 -28.06 12.05
CA THR B 217 13.62 -28.22 10.65
C THR B 217 13.28 -26.95 9.87
N ALA B 218 12.17 -26.30 10.24
CA ALA B 218 11.69 -25.02 9.67
C ALA B 218 12.79 -23.95 9.81
N ILE B 219 13.38 -23.83 11.00
CA ILE B 219 14.44 -22.82 11.33
C ILE B 219 15.64 -23.05 10.41
N GLY B 220 16.05 -24.32 10.24
CA GLY B 220 17.12 -24.72 9.29
C GLY B 220 16.81 -24.27 7.88
N GLY B 221 15.57 -24.48 7.43
CA GLY B 221 15.07 -24.06 6.11
C GLY B 221 15.11 -22.55 5.96
N ASN B 222 14.75 -21.83 7.03
CA ASN B 222 14.70 -20.34 7.06
C ASN B 222 16.12 -19.77 7.13
N LEU B 223 16.98 -20.32 7.99
CA LEU B 223 18.34 -19.78 8.27
C LEU B 223 19.16 -19.73 6.97
N ALA B 224 19.03 -20.72 6.10
CA ALA B 224 19.74 -20.82 4.81
C ALA B 224 18.86 -20.27 3.68
N GLY B 225 17.55 -20.50 3.75
CA GLY B 225 16.58 -20.13 2.70
C GLY B 225 16.42 -18.63 2.55
N ALA B 226 16.31 -17.88 3.65
CA ALA B 226 16.02 -16.43 3.67
C ALA B 226 17.19 -15.65 3.08
N PRO B 227 18.44 -15.78 3.59
CA PRO B 227 19.57 -15.05 3.01
C PRO B 227 19.68 -15.30 1.49
N ALA B 228 19.57 -16.58 1.09
CA ALA B 228 19.59 -17.04 -0.32
C ALA B 228 18.54 -16.27 -1.12
N LEU B 229 17.29 -16.25 -0.62
CA LEU B 229 16.13 -15.56 -1.26
C LEU B 229 16.50 -14.10 -1.59
N MET B 230 17.34 -13.46 -0.76
CA MET B 230 17.77 -12.04 -0.92
C MET B 230 19.06 -11.96 -1.76
N GLY B 231 19.37 -12.99 -2.55
CA GLY B 231 20.47 -12.99 -3.53
C GLY B 231 21.82 -13.29 -2.90
N ASN B 232 21.85 -13.82 -1.67
CA ASN B 232 23.10 -14.30 -1.01
C ASN B 232 23.37 -15.74 -1.43
N VAL B 233 24.61 -16.19 -1.25
CA VAL B 233 25.01 -17.62 -1.36
C VAL B 233 25.36 -18.11 0.05
N VAL B 234 25.01 -19.36 0.36
CA VAL B 234 25.00 -19.90 1.75
C VAL B 234 25.82 -21.18 1.80
N LEU B 235 26.69 -21.29 2.82
CA LEU B 235 27.23 -22.58 3.33
C LEU B 235 26.37 -23.01 4.52
N TRP B 236 25.58 -24.06 4.34
CA TRP B 236 24.58 -24.53 5.35
C TRP B 236 25.12 -25.78 6.06
N LYS B 237 25.52 -25.63 7.33
CA LYS B 237 25.79 -26.75 8.27
C LYS B 237 24.51 -27.06 9.04
N PRO B 238 23.76 -28.14 8.68
CA PRO B 238 22.60 -28.55 9.46
C PRO B 238 23.01 -29.25 10.76
N SER B 239 22.08 -29.37 11.71
CA SER B 239 22.28 -30.11 12.99
C SER B 239 22.45 -31.61 12.67
N ASP B 240 23.49 -32.23 13.24
CA ASP B 240 23.80 -33.67 13.10
C ASP B 240 22.55 -34.50 13.42
N THR B 241 21.81 -34.08 14.45
CA THR B 241 20.66 -34.82 15.03
C THR B 241 19.33 -34.40 14.35
N ALA B 242 19.40 -33.74 13.18
CA ALA B 242 18.22 -33.39 12.35
C ALA B 242 18.59 -33.47 10.86
N MET B 243 19.56 -34.32 10.51
CA MET B 243 20.17 -34.39 9.15
C MET B 243 19.14 -34.89 8.14
N LEU B 244 18.46 -36.01 8.44
CA LEU B 244 17.52 -36.70 7.52
C LEU B 244 16.47 -35.70 7.02
N ALA B 245 15.85 -34.94 7.93
CA ALA B 245 14.78 -33.98 7.64
C ALA B 245 15.33 -32.78 6.88
N SER B 246 16.50 -32.27 7.27
CA SER B 246 17.11 -31.02 6.74
C SER B 246 17.69 -31.27 5.33
N TYR B 247 18.18 -32.48 5.04
CA TYR B 247 18.66 -32.85 3.68
C TYR B 247 17.45 -32.96 2.74
N ALA B 248 16.29 -33.32 3.28
CA ALA B 248 15.02 -33.51 2.53
C ALA B 248 14.45 -32.15 2.11
N VAL B 249 14.60 -31.10 2.94
CA VAL B 249 14.16 -29.71 2.60
C VAL B 249 15.17 -29.10 1.62
N TYR B 250 16.46 -29.40 1.78
CA TYR B 250 17.53 -29.01 0.82
C TYR B 250 17.15 -29.51 -0.57
N ARG B 251 16.65 -30.75 -0.66
CA ARG B 251 16.30 -31.44 -1.93
C ARG B 251 14.99 -30.87 -2.49
N ILE B 252 14.09 -30.38 -1.63
CA ILE B 252 12.83 -29.68 -2.06
C ILE B 252 13.25 -28.43 -2.83
N LEU B 253 14.16 -27.63 -2.26
CA LEU B 253 14.62 -26.33 -2.83
C LEU B 253 15.28 -26.56 -4.19
N ARG B 254 16.08 -27.63 -4.34
CA ARG B 254 16.96 -27.86 -5.51
C ARG B 254 16.12 -28.25 -6.76
N GLU B 255 15.08 -29.06 -6.59
CA GLU B 255 14.18 -29.46 -7.71
C GLU B 255 12.94 -28.57 -7.73
N ALA B 256 12.91 -27.52 -6.90
CA ALA B 256 11.96 -26.39 -6.98
C ALA B 256 12.55 -25.28 -7.87
N GLY B 257 13.81 -25.41 -8.28
CA GLY B 257 14.47 -24.56 -9.29
C GLY B 257 15.68 -23.80 -8.77
N LEU B 258 16.13 -24.06 -7.55
CA LEU B 258 17.33 -23.38 -6.97
C LEU B 258 18.57 -23.86 -7.72
N PRO B 259 19.30 -22.96 -8.41
CA PRO B 259 20.49 -23.36 -9.17
C PRO B 259 21.60 -23.92 -8.28
N PRO B 260 22.61 -24.60 -8.85
CA PRO B 260 23.76 -25.08 -8.09
C PRO B 260 24.59 -23.96 -7.47
N ASN B 261 25.16 -24.21 -6.28
CA ASN B 261 26.19 -23.38 -5.60
C ASN B 261 25.55 -22.12 -5.00
N ILE B 262 24.25 -22.13 -4.71
CA ILE B 262 23.57 -21.02 -3.97
C ILE B 262 23.45 -21.42 -2.50
N ILE B 263 22.88 -22.60 -2.21
CA ILE B 263 22.98 -23.26 -0.89
C ILE B 263 23.86 -24.50 -1.06
N GLN B 264 25.04 -24.50 -0.42
CA GLN B 264 25.94 -25.67 -0.32
C GLN B 264 25.55 -26.46 0.93
N PHE B 265 25.12 -27.72 0.77
CA PHE B 265 24.76 -28.64 1.89
C PHE B 265 26.06 -29.25 2.44
N VAL B 266 26.54 -28.72 3.56
CA VAL B 266 27.87 -29.06 4.14
C VAL B 266 27.71 -29.35 5.63
N PRO B 267 27.25 -30.57 6.00
CA PRO B 267 27.35 -31.04 7.37
C PRO B 267 28.83 -31.08 7.76
N ALA B 268 29.17 -30.63 8.97
CA ALA B 268 30.56 -30.53 9.46
C ALA B 268 30.58 -30.54 10.99
N ASP B 269 31.76 -30.77 11.57
CA ASP B 269 32.04 -30.56 13.01
C ASP B 269 31.77 -29.09 13.32
N GLY B 270 31.06 -28.81 14.41
CA GLY B 270 30.65 -27.45 14.82
C GLY B 270 31.85 -26.50 14.89
N PRO B 271 32.79 -26.72 15.83
CA PRO B 271 34.02 -25.92 15.93
C PRO B 271 34.75 -25.69 14.60
N LEU B 272 34.97 -26.74 13.81
CA LEU B 272 35.78 -26.70 12.56
C LEU B 272 35.07 -25.86 11.49
N PHE B 273 33.74 -25.98 11.39
CA PHE B 273 32.88 -25.13 10.52
C PHE B 273 33.02 -23.67 10.96
N GLY B 274 32.87 -23.42 12.26
CA GLY B 274 33.06 -22.10 12.89
C GLY B 274 34.43 -21.53 12.60
N ASP B 275 35.48 -22.35 12.78
CA ASP B 275 36.90 -21.98 12.56
C ASP B 275 37.12 -21.55 11.10
N THR B 276 36.62 -22.35 10.15
CA THR B 276 36.88 -22.19 8.69
C THR B 276 36.16 -20.96 8.15
N VAL B 277 34.87 -20.78 8.45
CA VAL B 277 34.04 -19.69 7.86
C VAL B 277 34.46 -18.34 8.47
N THR B 278 34.91 -18.31 9.73
CA THR B 278 35.40 -17.08 10.41
C THR B 278 36.83 -16.76 9.98
N SER B 279 37.52 -17.70 9.32
CA SER B 279 38.90 -17.52 8.77
C SER B 279 38.83 -17.09 7.31
N SER B 280 37.73 -17.36 6.61
CA SER B 280 37.53 -17.02 5.18
C SER B 280 37.33 -15.51 5.03
N GLU B 281 38.11 -14.88 4.16
CA GLU B 281 38.10 -13.41 3.89
C GLU B 281 36.77 -13.01 3.23
N HIS B 282 36.04 -13.97 2.65
CA HIS B 282 34.79 -13.74 1.86
C HIS B 282 33.54 -13.93 2.72
N LEU B 283 33.67 -14.11 4.04
CA LEU B 283 32.52 -14.19 4.98
C LEU B 283 31.84 -12.83 5.05
N CYS B 284 30.51 -12.79 4.94
CA CYS B 284 29.69 -11.55 5.06
C CYS B 284 28.45 -11.78 5.94
N GLY B 285 28.32 -12.96 6.57
CA GLY B 285 27.14 -13.28 7.39
C GLY B 285 27.24 -14.62 8.11
N ILE B 286 26.75 -14.67 9.35
CA ILE B 286 26.46 -15.92 10.11
C ILE B 286 25.00 -15.86 10.57
N ASN B 287 24.16 -16.73 10.01
CA ASN B 287 22.73 -16.90 10.42
C ASN B 287 22.68 -18.08 11.39
N PHE B 288 22.86 -17.81 12.69
CA PHE B 288 23.01 -18.84 13.76
C PHE B 288 21.70 -18.98 14.55
N THR B 289 21.32 -20.23 14.84
CA THR B 289 20.35 -20.61 15.90
C THR B 289 20.91 -21.82 16.65
N GLY B 290 21.00 -21.75 17.98
CA GLY B 290 21.56 -22.80 18.84
C GLY B 290 21.94 -22.25 20.21
N SER B 291 22.99 -22.81 20.83
CA SER B 291 23.45 -22.46 22.20
C SER B 291 24.08 -21.05 22.18
N VAL B 292 23.90 -20.31 23.27
CA VAL B 292 24.33 -18.87 23.40
C VAL B 292 25.86 -18.77 23.39
N PRO B 293 26.65 -19.66 24.07
CA PRO B 293 28.10 -19.48 24.14
C PRO B 293 28.81 -19.73 22.80
N THR B 294 28.22 -20.57 21.94
CA THR B 294 28.74 -20.89 20.59
C THR B 294 28.61 -19.65 19.70
N PHE B 295 27.45 -18.98 19.73
CA PHE B 295 27.18 -17.73 18.96
C PHE B 295 28.20 -16.65 19.37
N LYS B 296 28.51 -16.57 20.67
CA LYS B 296 29.51 -15.61 21.21
C LYS B 296 30.91 -15.98 20.70
N HIS B 297 31.23 -17.28 20.63
CA HIS B 297 32.53 -17.79 20.14
C HIS B 297 32.72 -17.41 18.66
N LEU B 298 31.65 -17.47 17.86
CA LEU B 298 31.66 -17.06 16.43
C LEU B 298 31.84 -15.54 16.34
N TRP B 299 31.13 -14.80 17.19
CA TRP B 299 31.23 -13.32 17.34
C TRP B 299 32.69 -12.93 17.61
N LYS B 300 33.32 -13.58 18.59
CA LYS B 300 34.74 -13.32 19.01
C LYS B 300 35.68 -13.70 17.85
N GLN B 301 35.42 -14.82 17.17
CA GLN B 301 36.23 -15.36 16.05
C GLN B 301 36.22 -14.37 14.88
N VAL B 302 35.06 -13.78 14.58
CA VAL B 302 34.87 -12.78 13.48
C VAL B 302 35.68 -11.53 13.83
N ALA B 303 35.49 -10.98 15.04
CA ALA B 303 36.14 -9.73 15.51
C ALA B 303 37.66 -9.89 15.52
N GLN B 304 38.15 -11.08 15.88
CA GLN B 304 39.61 -11.41 15.93
C GLN B 304 40.18 -11.43 14.50
N ASN B 305 39.35 -11.79 13.52
CA ASN B 305 39.72 -11.91 12.08
C ASN B 305 39.11 -10.75 11.27
N LEU B 306 38.81 -9.62 11.93
CA LEU B 306 38.01 -8.51 11.32
C LEU B 306 38.83 -7.78 10.25
N ASP B 307 40.16 -7.79 10.35
CA ASP B 307 41.07 -7.03 9.46
C ASP B 307 41.11 -7.67 8.06
N ARG B 308 40.88 -8.98 7.95
CA ARG B 308 41.08 -9.75 6.70
C ARG B 308 39.75 -9.96 5.94
N PHE B 309 38.62 -9.48 6.49
CA PHE B 309 37.30 -9.53 5.83
C PHE B 309 37.16 -8.36 4.85
N HIS B 310 36.62 -8.62 3.65
CA HIS B 310 36.38 -7.60 2.59
C HIS B 310 35.25 -6.66 3.00
N THR B 311 34.33 -7.13 3.86
CA THR B 311 33.24 -6.32 4.45
C THR B 311 32.96 -6.79 5.89
N PHE B 312 32.19 -6.00 6.64
CA PHE B 312 31.79 -6.30 8.04
C PHE B 312 30.73 -7.39 8.02
N PRO B 313 31.04 -8.61 8.52
CA PRO B 313 30.08 -9.72 8.50
C PRO B 313 28.90 -9.43 9.44
N ARG B 314 27.67 -9.66 8.96
CA ARG B 314 26.41 -9.45 9.72
C ARG B 314 26.06 -10.74 10.48
N LEU B 315 26.14 -10.72 11.80
CA LEU B 315 25.82 -11.87 12.69
C LEU B 315 24.37 -11.76 13.16
N ALA B 316 23.55 -12.78 12.85
CA ALA B 316 22.16 -12.95 13.33
C ALA B 316 22.10 -14.20 14.21
N GLY B 317 21.93 -14.02 15.52
CA GLY B 317 21.91 -15.10 16.53
C GLY B 317 20.53 -15.26 17.18
N GLU B 318 19.98 -16.46 17.13
CA GLU B 318 18.74 -16.85 17.87
C GLU B 318 19.13 -17.91 18.92
N CYS B 319 19.32 -17.48 20.17
CA CYS B 319 19.84 -18.32 21.29
C CYS B 319 18.78 -18.42 22.40
N GLY B 320 19.20 -18.88 23.58
CA GLY B 320 18.57 -18.61 24.88
C GLY B 320 17.17 -19.19 25.02
N GLY B 321 16.49 -18.83 26.11
CA GLY B 321 15.15 -19.33 26.48
C GLY B 321 15.12 -19.89 27.89
N LYS B 322 14.78 -19.05 28.87
CA LYS B 322 14.31 -19.48 30.22
C LYS B 322 12.97 -18.78 30.49
N ASN B 323 11.91 -19.28 29.86
CA ASN B 323 10.63 -18.56 29.63
C ASN B 323 9.67 -18.84 30.79
N PHE B 324 8.76 -17.90 31.04
CA PHE B 324 7.90 -17.84 32.26
C PHE B 324 6.42 -17.89 31.89
N HIS B 325 5.62 -18.50 32.77
CA HIS B 325 4.13 -18.40 32.82
C HIS B 325 3.74 -17.73 34.15
N PHE B 326 3.61 -16.40 34.16
CA PHE B 326 3.10 -15.63 35.32
C PHE B 326 1.58 -15.82 35.42
N VAL B 327 1.11 -16.40 36.51
CA VAL B 327 -0.34 -16.56 36.81
C VAL B 327 -0.72 -15.52 37.88
N HIS B 328 -1.78 -14.76 37.63
CA HIS B 328 -2.47 -13.90 38.63
C HIS B 328 -3.70 -14.65 39.15
N ARG B 329 -4.08 -14.43 40.40
CA ARG B 329 -5.18 -15.15 41.11
C ARG B 329 -6.50 -15.05 40.31
N SER B 330 -6.64 -14.03 39.46
CA SER B 330 -7.88 -13.72 38.68
C SER B 330 -7.89 -14.44 37.32
N ALA B 331 -7.12 -15.51 37.16
CA ALA B 331 -6.89 -16.20 35.87
C ALA B 331 -7.90 -17.34 35.68
N ASP B 332 -8.13 -17.75 34.43
CA ASP B 332 -8.82 -19.01 34.06
C ASP B 332 -7.88 -20.16 34.40
N VAL B 333 -8.15 -20.87 35.51
CA VAL B 333 -7.27 -21.91 36.11
C VAL B 333 -7.06 -23.06 35.12
N GLU B 334 -8.06 -23.37 34.28
CA GLU B 334 -8.03 -24.51 33.33
C GLU B 334 -7.15 -24.16 32.13
N SER B 335 -7.10 -22.88 31.74
CA SER B 335 -6.23 -22.35 30.65
C SER B 335 -4.76 -22.37 31.10
N VAL B 336 -4.50 -22.10 32.38
CA VAL B 336 -3.14 -22.09 32.99
C VAL B 336 -2.53 -23.50 32.87
N VAL B 337 -3.24 -24.52 33.36
CA VAL B 337 -2.76 -25.94 33.37
C VAL B 337 -2.61 -26.42 31.92
N SER B 338 -3.62 -26.22 31.08
CA SER B 338 -3.65 -26.70 29.67
C SER B 338 -2.49 -26.07 28.88
N GLY B 339 -2.26 -24.77 29.06
CA GLY B 339 -1.21 -24.00 28.38
C GLY B 339 0.19 -24.43 28.80
N THR B 340 0.44 -24.50 30.11
CA THR B 340 1.78 -24.73 30.72
C THR B 340 2.21 -26.18 30.50
N LEU B 341 1.27 -27.13 30.48
CA LEU B 341 1.53 -28.56 30.13
C LEU B 341 2.05 -28.63 28.69
N ARG B 342 1.40 -27.91 27.77
CA ARG B 342 1.77 -27.85 26.32
C ARG B 342 3.12 -27.14 26.17
N SER B 343 3.23 -25.91 26.69
CA SER B 343 4.40 -25.01 26.50
C SER B 343 5.69 -25.65 27.04
N ALA B 344 5.59 -26.41 28.14
CA ALA B 344 6.76 -26.88 28.94
C ALA B 344 7.18 -28.29 28.54
N PHE B 345 6.30 -29.09 27.92
CA PHE B 345 6.53 -30.54 27.69
C PHE B 345 6.37 -30.97 26.22
N GLU B 346 5.79 -30.14 25.35
CA GLU B 346 5.68 -30.45 23.89
C GLU B 346 7.09 -30.55 23.30
N TYR B 347 7.33 -31.55 22.45
CA TYR B 347 8.67 -31.97 21.96
C TYR B 347 9.63 -32.05 23.16
N GLY B 348 9.13 -32.58 24.29
CA GLY B 348 9.88 -32.75 25.55
C GLY B 348 10.48 -31.45 26.05
N GLY B 349 9.78 -30.33 25.86
CA GLY B 349 10.20 -28.98 26.30
C GLY B 349 11.53 -28.56 25.68
N GLN B 350 11.84 -29.09 24.49
CA GLN B 350 13.09 -28.79 23.74
C GLN B 350 12.81 -27.66 22.74
N LYS B 351 12.25 -26.54 23.23
CA LYS B 351 12.02 -25.30 22.44
C LYS B 351 12.73 -24.14 23.14
N CYS B 352 13.22 -23.18 22.35
CA CYS B 352 13.73 -21.87 22.84
C CYS B 352 12.59 -21.11 23.53
N SER B 353 11.35 -21.34 23.07
CA SER B 353 10.12 -20.66 23.54
C SER B 353 9.48 -21.41 24.73
N ALA B 354 10.09 -22.51 25.18
CA ALA B 354 9.50 -23.46 26.16
C ALA B 354 9.46 -22.82 27.56
N CYS B 355 8.31 -22.96 28.25
CA CYS B 355 8.10 -22.51 29.65
C CYS B 355 8.90 -23.40 30.60
N SER B 356 9.76 -22.80 31.43
CA SER B 356 10.58 -23.49 32.47
C SER B 356 10.34 -22.85 33.86
N ARG B 357 9.59 -21.75 33.92
CA ARG B 357 9.25 -21.03 35.18
C ARG B 357 7.72 -20.89 35.26
N LEU B 358 7.11 -21.43 36.32
CA LEU B 358 5.66 -21.30 36.60
C LEU B 358 5.48 -20.50 37.90
N TYR B 359 5.00 -19.25 37.77
CA TYR B 359 4.75 -18.31 38.89
C TYR B 359 3.25 -18.33 39.22
N VAL B 360 2.87 -19.04 40.29
CA VAL B 360 1.45 -19.32 40.67
C VAL B 360 1.16 -18.70 42.04
N PRO B 361 0.02 -17.99 42.20
CA PRO B 361 -0.31 -17.37 43.48
C PRO B 361 -0.77 -18.39 44.53
N HIS B 362 -0.52 -18.10 45.81
CA HIS B 362 -0.75 -19.02 46.96
C HIS B 362 -2.21 -19.48 46.99
N SER B 363 -3.16 -18.56 46.79
CA SER B 363 -4.63 -18.81 46.84
C SER B 363 -5.03 -19.86 45.80
N LEU B 364 -4.45 -19.79 44.59
CA LEU B 364 -4.88 -20.58 43.41
C LEU B 364 -4.03 -21.86 43.28
N TRP B 365 -2.97 -22.00 44.09
CA TRP B 365 -1.92 -23.06 43.92
C TRP B 365 -2.46 -24.44 44.26
N PRO B 366 -3.15 -24.65 45.41
CA PRO B 366 -3.78 -25.95 45.69
C PRO B 366 -4.69 -26.45 44.56
N GLN B 367 -5.33 -25.52 43.83
CA GLN B 367 -6.26 -25.82 42.71
C GLN B 367 -5.48 -26.20 41.46
N ILE B 368 -4.28 -25.63 41.27
CA ILE B 368 -3.41 -25.86 40.06
C ILE B 368 -2.56 -27.11 40.29
N LYS B 369 -1.90 -27.23 41.45
CA LYS B 369 -1.11 -28.44 41.83
C LYS B 369 -1.97 -29.68 41.58
N GLY B 370 -3.19 -29.69 42.11
CA GLY B 370 -4.18 -30.77 41.96
C GLY B 370 -4.47 -31.11 40.50
N ARG B 371 -4.44 -30.12 39.61
CA ARG B 371 -4.78 -30.26 38.17
C ARG B 371 -3.53 -30.54 37.34
N LEU B 372 -2.37 -29.99 37.72
CA LEU B 372 -1.06 -30.28 37.06
C LEU B 372 -0.77 -31.78 37.20
N LEU B 373 -0.73 -32.27 38.44
CA LEU B 373 -0.32 -33.66 38.79
C LEU B 373 -1.35 -34.67 38.27
N GLU B 374 -2.63 -34.26 38.15
CA GLU B 374 -3.72 -35.12 37.63
C GLU B 374 -3.49 -35.41 36.15
N GLU B 375 -3.21 -34.37 35.35
CA GLU B 375 -3.05 -34.47 33.87
C GLU B 375 -1.67 -35.05 33.54
N HIS B 376 -0.71 -34.96 34.48
CA HIS B 376 0.66 -35.53 34.35
C HIS B 376 0.59 -37.05 34.12
N SER B 377 -0.35 -37.73 34.79
CA SER B 377 -0.55 -39.21 34.74
C SER B 377 -1.05 -39.63 33.36
N ARG B 378 -1.89 -38.80 32.72
CA ARG B 378 -2.53 -39.10 31.41
C ARG B 378 -1.54 -38.88 30.25
N ILE B 379 -0.38 -38.28 30.51
CA ILE B 379 0.70 -38.07 29.49
C ILE B 379 1.30 -39.43 29.11
N LYS B 380 1.18 -39.82 27.84
CA LYS B 380 1.80 -41.02 27.25
C LYS B 380 3.12 -40.62 26.58
N VAL B 381 4.25 -41.16 27.05
CA VAL B 381 5.61 -40.95 26.48
C VAL B 381 6.06 -42.27 25.86
N GLY B 382 6.46 -42.24 24.58
CA GLY B 382 6.86 -43.44 23.83
C GLY B 382 7.10 -43.16 22.35
N ASP B 383 6.89 -44.19 21.50
CA ASP B 383 7.17 -44.16 20.04
C ASP B 383 6.11 -43.30 19.35
N PRO B 384 6.48 -42.13 18.78
CA PRO B 384 5.51 -41.27 18.09
C PRO B 384 5.13 -41.78 16.70
N ALA B 385 6.02 -42.55 16.07
CA ALA B 385 5.82 -43.17 14.74
C ALA B 385 4.82 -44.32 14.83
N GLU B 386 4.76 -44.99 15.98
CA GLU B 386 3.96 -46.23 16.20
C GLU B 386 2.69 -45.89 17.01
N ASP B 387 2.84 -45.13 18.10
CA ASP B 387 1.72 -44.70 18.99
C ASP B 387 1.44 -43.21 18.76
N PHE B 388 0.26 -42.88 18.24
CA PHE B 388 -0.18 -41.50 17.91
C PHE B 388 -0.88 -40.88 19.13
N GLY B 389 -1.16 -41.69 20.16
CA GLY B 389 -1.64 -41.23 21.47
C GLY B 389 -0.53 -40.51 22.25
N THR B 390 0.72 -40.66 21.81
CA THR B 390 1.93 -40.06 22.42
C THR B 390 1.82 -38.54 22.41
N PHE B 391 1.98 -37.89 23.57
CA PHE B 391 1.99 -36.41 23.73
C PHE B 391 3.35 -35.87 23.29
N PHE B 392 4.44 -36.46 23.81
CA PHE B 392 5.84 -36.19 23.39
C PHE B 392 6.69 -37.45 23.58
N SER B 393 7.79 -37.53 22.83
CA SER B 393 8.71 -38.70 22.77
C SER B 393 10.02 -38.39 23.51
N ALA B 394 11.06 -39.18 23.25
CA ALA B 394 12.41 -39.06 23.85
C ALA B 394 13.04 -37.72 23.47
N VAL B 395 13.98 -37.25 24.30
CA VAL B 395 14.86 -36.07 23.99
C VAL B 395 15.90 -36.51 22.96
N ILE B 396 16.63 -35.55 22.38
CA ILE B 396 17.22 -35.65 21.01
C ILE B 396 18.41 -36.63 20.96
N ASP B 397 19.36 -36.58 21.91
CA ASP B 397 20.57 -37.43 21.87
C ASP B 397 21.12 -37.65 23.29
N ALA B 398 22.15 -38.51 23.41
CA ALA B 398 22.74 -38.98 24.68
C ALA B 398 23.27 -37.80 25.52
N LYS B 399 23.84 -36.79 24.86
CA LYS B 399 24.50 -35.63 25.52
C LYS B 399 23.43 -34.68 26.09
N SER B 400 22.25 -34.62 25.46
CA SER B 400 21.06 -33.86 25.97
C SER B 400 20.46 -34.59 27.18
N PHE B 401 20.39 -35.92 27.12
CA PHE B 401 19.80 -36.81 28.15
C PHE B 401 20.59 -36.72 29.46
N ALA B 402 21.93 -36.73 29.35
CA ALA B 402 22.88 -36.68 30.51
C ALA B 402 22.71 -35.36 31.27
N ARG B 403 22.47 -34.26 30.55
CA ARG B 403 22.23 -32.91 31.14
C ARG B 403 20.97 -32.96 32.01
N ILE B 404 19.86 -33.47 31.45
CA ILE B 404 18.53 -33.54 32.12
C ILE B 404 18.63 -34.46 33.34
N LYS B 405 19.34 -35.59 33.23
CA LYS B 405 19.57 -36.55 34.34
C LYS B 405 20.31 -35.83 35.49
N LYS B 406 21.33 -35.04 35.14
CA LYS B 406 22.08 -34.18 36.11
C LYS B 406 21.11 -33.24 36.82
N TRP B 407 20.15 -32.66 36.09
CA TRP B 407 19.13 -31.70 36.62
C TRP B 407 18.07 -32.46 37.41
N LEU B 408 17.68 -33.65 36.97
CA LEU B 408 16.70 -34.52 37.68
C LEU B 408 17.32 -35.02 39.00
N GLU B 409 18.63 -35.29 39.00
CA GLU B 409 19.41 -35.62 40.22
C GLU B 409 19.51 -34.38 41.11
N HIS B 410 19.64 -33.19 40.51
CA HIS B 410 19.71 -31.88 41.22
C HIS B 410 18.35 -31.54 41.82
N ALA B 411 17.26 -31.82 41.12
CA ALA B 411 15.86 -31.63 41.58
C ALA B 411 15.59 -32.52 42.80
N ARG B 412 16.26 -33.68 42.86
CA ARG B 412 16.18 -34.64 44.00
C ARG B 412 17.05 -34.14 45.16
N SER B 413 18.24 -33.61 44.86
CA SER B 413 19.35 -33.37 45.83
C SER B 413 19.23 -31.99 46.50
N SER B 414 18.75 -30.97 45.77
CA SER B 414 18.67 -29.56 46.24
C SER B 414 17.68 -29.44 47.39
N PRO B 415 18.02 -28.71 48.49
CA PRO B 415 17.14 -28.60 49.65
C PRO B 415 15.82 -27.83 49.39
N SER B 416 15.81 -26.92 48.41
CA SER B 416 14.67 -26.03 48.09
C SER B 416 13.75 -26.68 47.04
N LEU B 417 14.22 -27.73 46.36
CA LEU B 417 13.49 -28.37 45.22
C LEU B 417 12.77 -29.63 45.71
N THR B 418 11.46 -29.68 45.50
CA THR B 418 10.57 -30.85 45.79
C THR B 418 9.96 -31.32 44.46
N ILE B 419 10.29 -32.55 44.04
CA ILE B 419 9.76 -33.16 42.77
C ILE B 419 8.29 -33.53 43.00
N LEU B 420 7.37 -32.70 42.51
CA LEU B 420 5.90 -32.91 42.64
C LEU B 420 5.48 -34.10 41.78
N ALA B 421 5.93 -34.15 40.53
CA ALA B 421 5.68 -35.25 39.56
C ALA B 421 6.95 -35.55 38.77
N GLY B 422 7.00 -36.72 38.11
CA GLY B 422 8.14 -37.19 37.30
C GLY B 422 9.33 -37.55 38.16
N GLY B 423 10.55 -37.41 37.62
CA GLY B 423 11.82 -37.60 38.34
C GLY B 423 12.74 -38.57 37.64
N LYS B 424 12.21 -39.70 37.13
CA LYS B 424 13.03 -40.80 36.54
C LYS B 424 13.41 -40.44 35.10
N CYS B 425 14.37 -41.19 34.55
CA CYS B 425 14.82 -41.12 33.13
C CYS B 425 15.45 -42.46 32.74
N ASP B 426 15.16 -42.96 31.54
CA ASP B 426 15.58 -44.31 31.07
C ASP B 426 16.06 -44.21 29.61
N ASP B 427 17.34 -44.53 29.37
CA ASP B 427 17.97 -44.55 28.03
C ASP B 427 18.16 -46.01 27.59
N SER B 428 17.17 -46.88 27.88
CA SER B 428 17.16 -48.32 27.53
C SER B 428 17.09 -48.48 26.01
N VAL B 429 15.98 -48.02 25.41
CA VAL B 429 15.68 -48.15 23.95
C VAL B 429 15.82 -46.77 23.29
N GLY B 430 15.29 -45.73 23.93
CA GLY B 430 15.44 -44.31 23.52
C GLY B 430 15.79 -43.43 24.70
N TYR B 431 16.17 -42.18 24.44
CA TYR B 431 16.57 -41.18 25.47
C TYR B 431 15.30 -40.58 26.09
N PHE B 432 14.53 -41.43 26.79
CA PHE B 432 13.17 -41.12 27.30
C PHE B 432 13.26 -40.46 28.67
N VAL B 433 12.81 -39.21 28.76
CA VAL B 433 12.60 -38.44 30.02
C VAL B 433 11.09 -38.26 30.21
N GLU B 434 10.54 -38.73 31.33
CA GLU B 434 9.13 -38.45 31.73
C GLU B 434 9.05 -36.99 32.16
N PRO B 435 7.89 -36.32 31.95
CA PRO B 435 7.79 -34.88 32.22
C PRO B 435 7.86 -34.62 33.73
N CYS B 436 8.84 -33.84 34.17
CA CYS B 436 9.11 -33.52 35.60
C CYS B 436 8.50 -32.16 35.96
N ILE B 437 7.59 -32.12 36.94
CA ILE B 437 7.12 -30.86 37.60
C ILE B 437 7.83 -30.76 38.96
N VAL B 438 8.54 -29.65 39.18
CA VAL B 438 9.31 -29.35 40.42
C VAL B 438 8.69 -28.12 41.08
N GLU B 439 8.50 -28.14 42.40
CA GLU B 439 8.19 -26.94 43.22
C GLU B 439 9.49 -26.43 43.83
N SER B 440 9.91 -25.22 43.43
CA SER B 440 11.01 -24.45 44.05
C SER B 440 10.42 -23.47 45.08
N LYS B 441 10.94 -23.51 46.31
CA LYS B 441 10.59 -22.54 47.40
C LYS B 441 11.57 -21.36 47.36
N ASP B 442 12.62 -21.47 46.53
CA ASP B 442 13.61 -20.39 46.25
C ASP B 442 13.52 -20.01 44.77
N PRO B 443 13.15 -18.75 44.44
CA PRO B 443 12.95 -18.35 43.05
C PRO B 443 14.21 -17.94 42.28
N GLN B 444 15.39 -18.03 42.92
CA GLN B 444 16.71 -17.66 42.34
C GLN B 444 17.58 -18.91 42.19
N GLU B 445 16.98 -20.10 42.34
CA GLU B 445 17.65 -21.42 42.19
C GLU B 445 18.03 -21.62 40.73
N PRO B 446 19.25 -22.14 40.42
CA PRO B 446 19.64 -22.43 39.05
C PRO B 446 18.56 -23.03 38.13
N ILE B 447 17.64 -23.84 38.67
CA ILE B 447 16.51 -24.45 37.89
C ILE B 447 15.55 -23.36 37.40
N MET B 448 15.59 -22.16 38.00
CA MET B 448 14.77 -20.98 37.61
C MET B 448 15.46 -20.20 36.48
N LYS B 449 16.78 -20.32 36.32
CA LYS B 449 17.59 -19.37 35.50
C LYS B 449 18.69 -20.09 34.69
N GLU B 450 18.51 -21.37 34.36
CA GLU B 450 19.43 -22.13 33.47
C GLU B 450 18.61 -23.00 32.51
N GLU B 451 18.91 -22.89 31.20
CA GLU B 451 18.16 -23.56 30.11
C GLU B 451 18.39 -25.08 30.18
N ILE B 452 17.31 -25.86 30.12
CA ILE B 452 17.33 -27.36 30.22
C ILE B 452 17.35 -27.96 28.81
N PHE B 453 16.47 -27.50 27.93
CA PHE B 453 16.13 -28.17 26.64
C PHE B 453 15.79 -29.62 26.93
N GLY B 454 14.68 -29.82 27.65
CA GLY B 454 14.22 -31.10 28.21
C GLY B 454 12.98 -30.87 29.08
N PRO B 455 12.17 -31.92 29.36
CA PRO B 455 10.85 -31.72 29.95
C PRO B 455 10.89 -31.54 31.48
N VAL B 456 11.54 -30.47 31.94
CA VAL B 456 11.57 -30.01 33.35
C VAL B 456 10.83 -28.68 33.44
N LEU B 457 9.58 -28.70 33.94
CA LEU B 457 8.80 -27.50 34.32
C LEU B 457 8.99 -27.26 35.82
N SER B 458 9.69 -26.18 36.19
CA SER B 458 9.99 -25.81 37.60
C SER B 458 9.09 -24.66 38.03
N VAL B 459 8.50 -24.77 39.23
CA VAL B 459 7.39 -23.89 39.72
C VAL B 459 7.88 -23.14 40.96
N TYR B 460 7.53 -21.84 41.05
CA TYR B 460 7.63 -21.01 42.28
C TYR B 460 6.21 -20.66 42.75
N VAL B 461 6.04 -20.45 44.05
CA VAL B 461 4.73 -20.12 44.69
C VAL B 461 4.89 -18.79 45.44
N TYR B 462 4.07 -17.80 45.10
CA TYR B 462 4.15 -16.41 45.62
C TYR B 462 2.81 -16.03 46.26
N PRO B 463 2.80 -15.19 47.32
CA PRO B 463 1.56 -14.75 47.94
C PRO B 463 0.87 -13.64 47.15
N ASP B 464 -0.47 -13.68 47.08
CA ASP B 464 -1.32 -12.72 46.32
C ASP B 464 -1.04 -11.29 46.78
N ASP B 465 -0.74 -11.11 48.07
CA ASP B 465 -0.32 -9.82 48.67
C ASP B 465 0.93 -9.31 47.97
N LYS B 466 1.94 -10.18 47.81
CA LYS B 466 3.28 -9.86 47.22
C LYS B 466 3.32 -10.28 45.75
N TYR B 467 2.52 -9.64 44.88
CA TYR B 467 2.29 -10.06 43.48
C TYR B 467 3.08 -9.19 42.50
N LYS B 468 3.13 -7.86 42.72
CA LYS B 468 3.80 -6.90 41.80
C LYS B 468 5.31 -6.85 42.09
N GLU B 469 5.74 -7.35 43.26
CA GLU B 469 7.17 -7.55 43.61
C GLU B 469 7.65 -8.86 42.96
N THR B 470 6.72 -9.81 42.78
CA THR B 470 6.94 -11.09 42.05
C THR B 470 6.92 -10.82 40.54
N LEU B 471 6.12 -9.85 40.10
CA LEU B 471 6.03 -9.41 38.68
C LEU B 471 7.36 -8.76 38.27
N GLN B 472 8.06 -8.15 39.22
CA GLN B 472 9.40 -7.52 39.03
C GLN B 472 10.51 -8.54 39.31
N LEU B 473 10.17 -9.64 40.00
CA LEU B 473 11.09 -10.79 40.28
C LEU B 473 11.35 -11.53 38.96
N VAL B 474 10.27 -11.94 38.28
CA VAL B 474 10.30 -12.73 37.01
C VAL B 474 11.14 -12.00 35.94
N ASP B 475 11.14 -10.66 35.96
CA ASP B 475 11.93 -9.81 35.02
C ASP B 475 13.43 -10.04 35.24
N SER B 476 13.89 -9.92 36.50
CA SER B 476 15.33 -9.80 36.87
C SER B 476 15.92 -11.14 37.35
N THR B 477 15.21 -12.26 37.16
CA THR B 477 15.65 -13.61 37.59
C THR B 477 16.77 -14.11 36.65
N THR B 478 16.46 -14.21 35.35
CA THR B 478 17.33 -14.85 34.33
C THR B 478 17.98 -13.78 33.45
N SER B 479 19.06 -14.15 32.76
CA SER B 479 19.81 -13.31 31.80
C SER B 479 19.11 -13.29 30.44
N TYR B 480 18.14 -14.19 30.23
CA TYR B 480 17.38 -14.36 28.96
C TYR B 480 16.17 -13.42 28.94
N GLY B 481 15.60 -13.20 27.74
CA GLY B 481 14.42 -12.35 27.51
C GLY B 481 13.69 -12.73 26.23
N LEU B 482 13.40 -14.02 26.06
CA LEU B 482 12.87 -14.60 24.78
C LEU B 482 11.34 -14.52 24.77
N THR B 483 10.64 -15.47 25.40
CA THR B 483 9.16 -15.52 25.48
C THR B 483 8.71 -15.45 26.93
N GLY B 484 7.41 -15.16 27.14
CA GLY B 484 6.78 -15.02 28.45
C GLY B 484 5.27 -14.96 28.32
N ALA B 485 4.55 -15.53 29.29
CA ALA B 485 3.08 -15.59 29.31
C ALA B 485 2.56 -15.01 30.63
N VAL B 486 1.51 -14.18 30.57
CA VAL B 486 0.75 -13.67 31.74
C VAL B 486 -0.69 -14.20 31.62
N PHE B 487 -1.16 -14.89 32.67
CA PHE B 487 -2.55 -15.42 32.77
C PHE B 487 -3.32 -14.62 33.83
N SER B 488 -4.31 -13.84 33.37
CA SER B 488 -5.28 -13.09 34.21
C SER B 488 -6.42 -12.57 33.32
N GLN B 489 -7.65 -12.57 33.86
CA GLN B 489 -8.86 -12.04 33.19
C GLN B 489 -9.15 -10.63 33.72
N ASP B 490 -8.48 -10.22 34.80
CA ASP B 490 -8.37 -8.80 35.24
C ASP B 490 -7.53 -8.07 34.19
N LYS B 491 -8.12 -7.10 33.48
CA LYS B 491 -7.51 -6.40 32.32
C LYS B 491 -6.55 -5.31 32.81
N ASP B 492 -6.64 -4.89 34.07
CA ASP B 492 -5.83 -3.79 34.65
C ASP B 492 -4.42 -4.28 34.97
N VAL B 493 -4.25 -5.58 35.22
CA VAL B 493 -2.95 -6.20 35.61
C VAL B 493 -2.20 -6.66 34.35
N VAL B 494 -2.92 -7.00 33.27
CA VAL B 494 -2.29 -7.41 31.97
C VAL B 494 -1.65 -6.17 31.34
N GLN B 495 -2.27 -5.00 31.48
CA GLN B 495 -1.70 -3.69 31.05
C GLN B 495 -0.53 -3.34 31.95
N GLU B 496 -0.61 -3.68 33.24
CA GLU B 496 0.47 -3.47 34.24
C GLU B 496 1.66 -4.39 33.90
N ALA B 497 1.37 -5.65 33.57
CA ALA B 497 2.38 -6.71 33.33
C ALA B 497 3.10 -6.48 31.98
N THR B 498 2.41 -5.95 30.98
CA THR B 498 2.99 -5.57 29.65
C THR B 498 4.07 -4.51 29.84
N LYS B 499 3.87 -3.59 30.80
CA LYS B 499 4.77 -2.44 31.07
C LYS B 499 5.97 -2.90 31.91
N VAL B 500 5.76 -3.83 32.84
CA VAL B 500 6.83 -4.35 33.75
C VAL B 500 7.72 -5.33 32.98
N LEU B 501 7.12 -6.23 32.19
CA LEU B 501 7.81 -7.34 31.47
C LEU B 501 8.04 -6.95 30.00
N ARG B 502 8.42 -5.69 29.75
CA ARG B 502 8.62 -5.14 28.38
C ARG B 502 9.79 -5.85 27.70
N ASN B 503 10.92 -6.00 28.42
CA ASN B 503 12.20 -6.54 27.89
C ASN B 503 12.50 -7.93 28.46
N ALA B 504 11.58 -8.50 29.25
CA ALA B 504 11.70 -9.85 29.85
C ALA B 504 11.22 -10.92 28.86
N ALA B 505 10.49 -10.50 27.81
CA ALA B 505 9.96 -11.38 26.75
C ALA B 505 9.88 -10.61 25.42
N GLY B 506 10.57 -11.10 24.40
CA GLY B 506 10.47 -10.61 23.01
C GLY B 506 9.12 -10.95 22.40
N ASN B 507 8.60 -12.15 22.69
CA ASN B 507 7.22 -12.58 22.33
C ASN B 507 6.40 -12.73 23.63
N PHE B 508 5.58 -11.73 23.93
CA PHE B 508 4.71 -11.68 25.14
C PHE B 508 3.34 -12.30 24.79
N TYR B 509 2.84 -13.16 25.67
CA TYR B 509 1.54 -13.90 25.48
C TYR B 509 0.62 -13.59 26.66
N ILE B 510 -0.56 -13.02 26.37
CA ILE B 510 -1.63 -12.72 27.37
C ILE B 510 -2.70 -13.82 27.26
N ASN B 511 -2.78 -14.69 28.28
CA ASN B 511 -3.75 -15.81 28.38
C ASN B 511 -3.54 -16.81 27.24
N ASP B 512 -2.29 -17.02 26.81
CA ASP B 512 -1.88 -18.11 25.90
C ASP B 512 -0.49 -18.62 26.29
N LYS B 513 -0.11 -19.80 25.78
CA LYS B 513 1.15 -20.50 26.12
C LYS B 513 2.34 -19.79 25.47
N SER B 514 3.56 -20.04 25.98
CA SER B 514 4.81 -19.35 25.60
C SER B 514 5.29 -19.79 24.21
N THR B 515 4.85 -20.96 23.75
CA THR B 515 5.33 -21.61 22.50
C THR B 515 4.32 -21.39 21.37
N GLY B 516 4.65 -21.90 20.17
CA GLY B 516 3.76 -21.93 19.00
C GLY B 516 3.67 -20.57 18.31
N SER B 517 4.80 -19.90 18.15
CA SER B 517 4.92 -18.62 17.38
C SER B 517 4.65 -18.90 15.90
N ILE B 518 3.57 -18.32 15.35
CA ILE B 518 3.16 -18.48 13.93
C ILE B 518 3.76 -17.32 13.12
N VAL B 519 4.38 -17.65 11.98
CA VAL B 519 4.99 -16.68 11.02
C VAL B 519 3.88 -15.74 10.51
N GLY B 520 4.17 -14.43 10.46
CA GLY B 520 3.24 -13.40 9.96
C GLY B 520 2.24 -12.94 11.00
N GLN B 521 2.26 -13.54 12.19
CA GLN B 521 1.33 -13.24 13.32
C GLN B 521 2.15 -12.90 14.57
N GLN B 522 3.03 -13.81 14.99
CA GLN B 522 3.98 -13.61 16.11
C GLN B 522 5.41 -13.78 15.60
N PRO B 523 6.01 -12.74 14.96
CA PRO B 523 7.42 -12.79 14.60
C PRO B 523 8.27 -13.15 15.83
N PHE B 524 9.10 -14.19 15.71
CA PHE B 524 9.80 -14.87 16.84
C PHE B 524 11.15 -14.22 17.10
N GLY B 525 11.46 -13.92 18.36
CA GLY B 525 12.78 -13.41 18.80
C GLY B 525 12.69 -12.58 20.06
N GLY B 526 13.78 -12.53 20.82
CA GLY B 526 13.88 -11.74 22.07
C GLY B 526 15.28 -11.19 22.27
N ALA B 527 15.38 -10.09 23.02
CA ALA B 527 16.64 -9.36 23.32
C ALA B 527 17.31 -10.00 24.54
N ARG B 528 18.06 -9.21 25.32
CA ARG B 528 18.93 -9.69 26.43
C ARG B 528 19.85 -10.78 25.85
N ALA B 529 20.09 -11.88 26.57
CA ALA B 529 21.05 -12.94 26.19
C ALA B 529 20.42 -13.94 25.20
N SER B 530 19.14 -13.75 24.85
CA SER B 530 18.36 -14.67 23.98
C SER B 530 18.73 -14.51 22.51
N GLY B 531 19.41 -13.41 22.14
CA GLY B 531 19.96 -13.23 20.78
C GLY B 531 19.87 -11.79 20.30
N THR B 532 19.98 -11.60 18.98
CA THR B 532 20.04 -10.28 18.29
C THR B 532 18.63 -9.80 17.93
N ASN B 533 17.62 -10.67 18.08
CA ASN B 533 16.18 -10.33 17.91
C ASN B 533 15.97 -9.65 16.56
N ASP B 534 16.25 -10.37 15.46
CA ASP B 534 16.06 -9.91 14.07
C ASP B 534 14.63 -10.22 13.61
N LYS B 535 13.89 -11.00 14.41
CA LYS B 535 12.46 -11.34 14.22
C LYS B 535 12.26 -12.11 12.91
N PRO B 536 12.76 -13.36 12.80
CA PRO B 536 12.35 -14.26 11.73
C PRO B 536 10.83 -14.52 11.79
N GLY B 537 10.18 -14.49 10.62
CA GLY B 537 8.70 -14.53 10.50
C GLY B 537 8.10 -13.13 10.54
N GLY B 538 8.93 -12.12 10.78
CA GLY B 538 8.56 -10.69 10.71
C GLY B 538 8.97 -10.09 9.37
N PRO B 539 8.47 -8.87 9.02
CA PRO B 539 8.76 -8.26 7.73
C PRO B 539 10.18 -7.69 7.60
N HIS B 540 10.91 -7.55 8.72
CA HIS B 540 12.21 -6.85 8.80
C HIS B 540 13.39 -7.81 8.81
N TYR B 541 13.16 -9.11 9.03
CA TYR B 541 14.23 -10.15 9.12
C TYR B 541 15.14 -10.09 7.89
N ILE B 542 14.53 -10.08 6.70
CA ILE B 542 15.21 -10.15 5.38
C ILE B 542 16.17 -8.96 5.20
N LEU B 543 15.94 -7.84 5.92
CA LEU B 543 16.72 -6.59 5.76
C LEU B 543 18.15 -6.75 6.31
N ARG B 544 18.43 -7.83 7.04
CA ARG B 544 19.80 -8.16 7.55
C ARG B 544 20.59 -8.87 6.45
N TRP B 545 19.92 -9.35 5.39
CA TRP B 545 20.54 -10.15 4.29
C TRP B 545 20.43 -9.38 2.96
N THR B 546 20.22 -8.06 3.03
CA THR B 546 20.36 -7.13 1.88
C THR B 546 21.21 -5.94 2.30
N SER B 547 22.16 -5.54 1.45
CA SER B 547 23.01 -4.32 1.57
C SER B 547 22.62 -3.37 0.46
N PRO B 548 21.62 -2.46 0.68
CA PRO B 548 21.04 -1.68 -0.42
C PRO B 548 22.06 -0.78 -1.12
N GLN B 549 21.90 -0.63 -2.44
CA GLN B 549 22.58 0.39 -3.28
C GLN B 549 21.52 1.37 -3.77
N VAL B 550 21.79 2.68 -3.68
CA VAL B 550 20.91 3.74 -4.24
C VAL B 550 21.59 4.33 -5.48
N ILE B 551 20.87 4.33 -6.60
CA ILE B 551 21.32 4.93 -7.90
C ILE B 551 20.55 6.24 -8.11
N LYS B 552 21.26 7.36 -8.23
CA LYS B 552 20.73 8.68 -8.67
C LYS B 552 21.14 8.89 -10.13
N GLU B 553 20.18 9.13 -11.03
CA GLU B 553 20.42 9.45 -12.45
C GLU B 553 19.89 10.86 -12.75
N THR B 554 20.79 11.79 -13.04
CA THR B 554 20.49 13.19 -13.46
C THR B 554 20.45 13.25 -14.99
N HIS B 555 19.37 13.80 -15.56
CA HIS B 555 19.07 13.78 -17.01
C HIS B 555 19.29 15.15 -17.65
N LYS B 556 20.05 16.04 -17.02
CA LYS B 556 20.44 17.37 -17.58
C LYS B 556 21.88 17.69 -17.17
N PRO B 557 22.65 18.42 -18.02
CA PRO B 557 24.02 18.82 -17.68
C PRO B 557 24.11 19.59 -16.36
N LEU B 558 25.19 19.37 -15.59
CA LEU B 558 25.32 19.77 -14.16
C LEU B 558 25.46 21.30 -14.02
N GLY B 559 25.84 22.00 -15.08
CA GLY B 559 26.06 23.46 -15.05
C GLY B 559 27.41 23.81 -14.42
N ASP B 560 27.57 25.02 -13.90
CA ASP B 560 28.85 25.53 -13.37
C ASP B 560 29.10 24.95 -11.97
N TRP B 561 30.39 24.82 -11.61
CA TRP B 561 30.86 24.28 -10.31
C TRP B 561 30.68 25.32 -9.18
N SER B 562 30.82 26.61 -9.50
CA SER B 562 30.65 27.74 -8.55
C SER B 562 29.17 28.10 -8.45
N TYR B 563 28.74 28.66 -7.30
CA TYR B 563 27.33 28.94 -6.96
C TYR B 563 27.04 30.43 -7.18
N ALA B 564 25.74 30.78 -7.22
CA ALA B 564 25.21 32.14 -7.44
C ALA B 564 25.71 33.10 -6.34
N TYR B 565 25.80 32.62 -5.09
CA TYR B 565 26.10 33.43 -3.89
C TYR B 565 27.57 33.89 -3.90
N MET B 566 28.44 33.21 -4.65
CA MET B 566 29.91 33.44 -4.64
C MET B 566 30.27 34.69 -5.47
N GLN B 567 29.45 35.04 -6.46
CA GLN B 567 29.65 36.23 -7.35
C GLN B 567 28.78 37.40 -6.84
N ALA C 24 -2.20 -19.43 -10.30
CA ALA C 24 -0.99 -19.18 -9.45
C ALA C 24 -0.86 -20.30 -8.40
N GLY C 25 -1.29 -20.03 -7.16
CA GLY C 25 -1.36 -21.01 -6.06
C GLY C 25 -2.64 -20.86 -5.26
N LEU C 26 -2.97 -21.85 -4.43
CA LEU C 26 -4.21 -21.85 -3.59
C LEU C 26 -4.07 -20.84 -2.45
N ARG C 27 -2.85 -20.54 -2.01
CA ARG C 27 -2.55 -19.71 -0.81
C ARG C 27 -1.91 -18.37 -1.21
N TRP C 28 -1.08 -18.35 -2.26
CA TRP C 28 -0.36 -17.14 -2.74
C TRP C 28 -0.90 -16.70 -4.11
N LYS C 29 -1.09 -15.39 -4.28
CA LYS C 29 -1.58 -14.74 -5.54
C LYS C 29 -0.54 -13.71 -5.99
N HIS C 30 -0.02 -13.85 -7.21
CA HIS C 30 1.01 -12.96 -7.81
C HIS C 30 0.33 -11.83 -8.59
N THR C 31 0.08 -10.69 -7.93
CA THR C 31 -0.64 -9.51 -8.48
C THR C 31 0.37 -8.51 -9.05
N SER C 32 0.17 -8.10 -10.31
CA SER C 32 0.99 -7.09 -11.02
C SER C 32 0.60 -5.68 -10.55
N SER C 33 1.56 -4.74 -10.60
CA SER C 33 1.38 -3.32 -10.22
C SER C 33 2.38 -2.45 -10.99
N LEU C 34 2.22 -1.13 -10.93
CA LEU C 34 3.06 -0.15 -11.68
C LEU C 34 3.52 0.97 -10.74
N LYS C 35 4.84 1.20 -10.68
CA LYS C 35 5.46 2.44 -10.15
C LYS C 35 5.41 3.49 -11.27
N VAL C 36 4.70 4.59 -11.06
CA VAL C 36 4.51 5.68 -12.06
C VAL C 36 4.77 7.03 -11.38
N ALA C 37 5.60 7.87 -12.03
CA ALA C 37 5.90 9.27 -11.62
C ALA C 37 5.20 10.23 -12.59
N ASN C 38 4.87 11.44 -12.11
CA ASN C 38 4.33 12.55 -12.95
C ASN C 38 5.42 12.99 -13.94
N GLU C 39 5.08 13.08 -15.23
CA GLU C 39 5.96 13.66 -16.27
C GLU C 39 6.33 15.08 -15.86
N PRO C 40 7.63 15.39 -15.59
CA PRO C 40 8.01 16.72 -15.13
C PRO C 40 7.81 17.78 -16.22
N VAL C 41 7.34 18.96 -15.82
CA VAL C 41 7.04 20.12 -16.71
C VAL C 41 8.34 20.90 -16.92
N LEU C 42 8.77 21.03 -18.18
CA LEU C 42 10.08 21.64 -18.59
C LEU C 42 9.99 23.16 -18.45
N ALA C 43 11.10 23.83 -18.12
CA ALA C 43 11.19 25.28 -17.90
C ALA C 43 11.11 26.04 -19.24
N PHE C 44 11.66 25.44 -20.31
CA PHE C 44 11.62 25.96 -21.71
C PHE C 44 12.40 27.28 -21.83
N THR C 45 13.47 27.44 -21.04
CA THR C 45 14.38 28.62 -21.07
C THR C 45 15.26 28.55 -22.31
N GLN C 46 15.85 29.69 -22.71
CA GLN C 46 16.75 29.79 -23.91
C GLN C 46 18.00 28.95 -23.69
N GLY C 47 18.41 28.18 -24.69
CA GLY C 47 19.57 27.26 -24.65
C GLY C 47 19.14 25.81 -24.54
N SER C 48 18.12 25.53 -23.71
CA SER C 48 17.58 24.17 -23.41
C SER C 48 17.16 23.49 -24.71
N PRO C 49 17.44 22.17 -24.88
CA PRO C 49 17.14 21.47 -26.14
C PRO C 49 15.64 21.26 -26.40
N GLU C 50 14.80 21.38 -25.37
CA GLU C 50 13.32 21.29 -25.49
C GLU C 50 12.80 22.48 -26.32
N ARG C 51 13.38 23.67 -26.14
CA ARG C 51 12.96 24.93 -26.81
C ARG C 51 13.40 24.91 -28.27
N ASP C 52 14.50 24.22 -28.59
CA ASP C 52 15.12 24.20 -29.93
C ASP C 52 14.27 23.32 -30.87
N ALA C 53 13.94 22.10 -30.45
CA ALA C 53 13.08 21.15 -31.18
C ALA C 53 11.65 21.70 -31.29
N LEU C 54 11.24 22.53 -30.31
CA LEU C 54 9.89 23.14 -30.22
C LEU C 54 9.69 24.13 -31.36
N GLN C 55 10.64 25.05 -31.56
CA GLN C 55 10.56 26.15 -32.56
C GLN C 55 10.81 25.61 -33.97
N LYS C 56 11.42 24.42 -34.09
CA LYS C 56 11.60 23.71 -35.38
C LYS C 56 10.26 23.10 -35.84
N ALA C 57 9.46 22.61 -34.89
CA ALA C 57 8.14 21.99 -35.12
C ALA C 57 7.08 23.08 -35.35
N LEU C 58 7.28 24.28 -34.80
CA LEU C 58 6.36 25.44 -34.97
C LEU C 58 6.50 26.02 -36.38
N LYS C 59 7.72 26.17 -36.88
CA LYS C 59 8.02 26.69 -38.24
C LYS C 59 7.75 25.59 -39.28
N ASP C 60 7.60 24.33 -38.84
CA ASP C 60 7.27 23.17 -39.71
C ASP C 60 5.79 23.25 -40.13
N LEU C 61 4.91 23.71 -39.22
CA LEU C 61 3.44 23.82 -39.45
C LEU C 61 3.06 25.28 -39.79
N LYS C 62 4.04 26.17 -39.90
CA LYS C 62 3.82 27.62 -40.11
C LYS C 62 3.27 27.88 -41.51
N GLY C 63 3.58 27.00 -42.47
CA GLY C 63 3.12 27.11 -43.88
C GLY C 63 2.42 25.86 -44.38
N ARG C 64 2.38 24.78 -43.60
CA ARG C 64 1.78 23.48 -44.01
C ARG C 64 0.35 23.38 -43.46
N MET C 65 -0.52 22.67 -44.19
CA MET C 65 -1.91 22.34 -43.80
C MET C 65 -2.12 20.83 -43.96
N GLU C 66 -2.06 20.07 -42.87
CA GLU C 66 -2.16 18.59 -42.88
C GLU C 66 -3.60 18.18 -43.23
N ALA C 67 -3.74 17.31 -44.23
CA ALA C 67 -5.03 16.69 -44.64
C ALA C 67 -5.29 15.47 -43.75
N ILE C 68 -6.14 15.64 -42.73
CA ILE C 68 -6.41 14.62 -41.67
C ILE C 68 -7.79 14.03 -41.90
N PRO C 69 -7.91 12.69 -42.09
CA PRO C 69 -9.20 12.06 -42.41
C PRO C 69 -9.94 11.47 -41.22
N CYS C 70 -11.17 10.97 -41.46
CA CYS C 70 -11.92 10.06 -40.56
C CYS C 70 -11.36 8.65 -40.73
N VAL C 71 -10.70 8.13 -39.69
CA VAL C 71 -9.98 6.81 -39.72
C VAL C 71 -10.86 5.75 -39.06
N VAL C 72 -11.37 4.80 -39.86
CA VAL C 72 -12.13 3.60 -39.42
C VAL C 72 -11.25 2.37 -39.69
N GLY C 73 -10.80 1.69 -38.62
CA GLY C 73 -9.74 0.67 -38.69
C GLY C 73 -8.44 1.29 -39.15
N ASP C 74 -7.91 0.84 -40.30
CA ASP C 74 -6.72 1.43 -40.96
C ASP C 74 -7.15 2.26 -42.18
N GLU C 75 -8.45 2.25 -42.51
CA GLU C 75 -9.01 2.92 -43.71
C GLU C 75 -9.19 4.42 -43.42
N GLU C 76 -8.45 5.26 -44.14
CA GLU C 76 -8.48 6.75 -44.04
C GLU C 76 -9.56 7.28 -44.99
N VAL C 77 -10.82 7.31 -44.54
CA VAL C 77 -12.01 7.65 -45.36
C VAL C 77 -12.18 9.18 -45.36
N TRP C 78 -12.37 9.77 -46.55
CA TRP C 78 -12.81 11.17 -46.74
C TRP C 78 -14.29 11.16 -47.15
N THR C 79 -14.99 12.28 -46.94
CA THR C 79 -16.42 12.47 -47.33
C THR C 79 -16.62 13.90 -47.85
N SER C 80 -17.84 14.20 -48.33
CA SER C 80 -18.19 15.43 -49.09
C SER C 80 -18.14 16.67 -48.17
N ASP C 81 -18.64 16.57 -46.95
CA ASP C 81 -18.67 17.68 -45.96
C ASP C 81 -17.26 17.87 -45.38
N VAL C 82 -16.36 18.47 -46.17
CA VAL C 82 -14.96 18.78 -45.76
C VAL C 82 -14.99 20.08 -44.94
N GLN C 83 -14.41 20.04 -43.73
CA GLN C 83 -14.40 21.18 -42.76
C GLN C 83 -12.94 21.60 -42.50
N TYR C 84 -12.74 22.86 -42.13
CA TYR C 84 -11.41 23.51 -41.97
C TYR C 84 -11.26 24.07 -40.56
N GLN C 85 -10.22 23.63 -39.84
CA GLN C 85 -9.76 24.22 -38.56
C GLN C 85 -8.72 25.30 -38.87
N VAL C 86 -8.91 26.51 -38.34
CA VAL C 86 -7.99 27.67 -38.51
C VAL C 86 -7.42 28.03 -37.14
N SER C 87 -6.19 28.58 -37.12
CA SER C 87 -5.54 29.12 -35.90
C SER C 87 -6.40 30.25 -35.33
N PRO C 88 -6.69 30.27 -34.01
CA PRO C 88 -7.53 31.31 -33.42
C PRO C 88 -6.87 32.70 -33.38
N PHE C 89 -5.53 32.74 -33.41
CA PHE C 89 -4.70 33.98 -33.38
C PHE C 89 -4.43 34.46 -34.82
N ASN C 90 -4.69 33.61 -35.82
CA ASN C 90 -4.52 33.93 -37.26
C ASN C 90 -5.49 33.06 -38.07
N HIS C 91 -6.76 33.46 -38.14
CA HIS C 91 -7.87 32.70 -38.79
C HIS C 91 -7.73 32.72 -40.32
N GLY C 92 -6.77 33.49 -40.85
CA GLY C 92 -6.37 33.44 -42.26
C GLY C 92 -5.61 32.17 -42.61
N HIS C 93 -5.03 31.51 -41.60
CA HIS C 93 -4.20 30.27 -41.75
C HIS C 93 -5.08 29.03 -41.57
N LYS C 94 -5.59 28.48 -42.68
CA LYS C 94 -6.19 27.12 -42.74
C LYS C 94 -5.07 26.10 -42.49
N VAL C 95 -5.13 25.41 -41.34
CA VAL C 95 -3.99 24.62 -40.78
C VAL C 95 -4.34 23.12 -40.77
N ALA C 96 -5.62 22.76 -40.63
CA ALA C 96 -6.11 21.36 -40.68
C ALA C 96 -7.30 21.26 -41.64
N LYS C 97 -7.20 20.35 -42.62
CA LYS C 97 -8.31 19.91 -43.49
C LYS C 97 -8.85 18.58 -42.94
N PHE C 98 -10.13 18.52 -42.58
CA PHE C 98 -10.81 17.31 -42.05
C PHE C 98 -12.23 17.24 -42.61
N CYS C 99 -12.98 16.19 -42.25
CA CYS C 99 -14.30 15.85 -42.83
C CYS C 99 -15.30 15.47 -41.74
N TYR C 100 -16.57 15.83 -41.94
CA TYR C 100 -17.72 15.53 -41.03
C TYR C 100 -18.32 14.16 -41.39
N ALA C 101 -18.11 13.16 -40.54
CA ALA C 101 -18.65 11.79 -40.66
C ALA C 101 -20.18 11.83 -40.61
N ASP C 102 -20.85 11.48 -41.71
CA ASP C 102 -22.33 11.32 -41.80
C ASP C 102 -22.72 9.99 -41.15
N LYS C 103 -24.01 9.72 -40.99
CA LYS C 103 -24.53 8.53 -40.26
C LYS C 103 -24.09 7.24 -40.98
N SER C 104 -23.86 7.31 -42.29
CA SER C 104 -23.37 6.16 -43.12
C SER C 104 -22.00 5.71 -42.62
N LEU C 105 -21.04 6.63 -42.54
CA LEU C 105 -19.64 6.37 -42.10
C LEU C 105 -19.62 6.11 -40.59
N LEU C 106 -20.50 6.75 -39.82
CA LEU C 106 -20.60 6.57 -38.34
C LEU C 106 -21.05 5.14 -38.03
N ASN C 107 -22.15 4.67 -38.62
CA ASN C 107 -22.66 3.28 -38.44
C ASN C 107 -21.60 2.29 -38.94
N LYS C 108 -20.89 2.63 -40.02
CA LYS C 108 -19.74 1.84 -40.56
C LYS C 108 -18.63 1.80 -39.49
N ALA C 109 -18.49 2.87 -38.70
CA ALA C 109 -17.52 3.00 -37.59
C ALA C 109 -18.01 2.21 -36.36
N ILE C 110 -19.31 2.29 -36.03
CA ILE C 110 -19.94 1.51 -34.92
C ILE C 110 -19.70 0.03 -35.19
N GLU C 111 -20.23 -0.50 -36.30
CA GLU C 111 -20.34 -1.95 -36.59
C GLU C 111 -18.95 -2.60 -36.68
N ALA C 112 -17.98 -1.92 -37.29
CA ALA C 112 -16.59 -2.40 -37.47
C ALA C 112 -15.89 -2.54 -36.11
N ALA C 113 -16.23 -1.66 -35.16
CA ALA C 113 -15.63 -1.60 -33.80
C ALA C 113 -16.01 -2.86 -33.00
N LEU C 114 -17.29 -3.23 -32.98
CA LEU C 114 -17.82 -4.36 -32.15
C LEU C 114 -17.24 -5.69 -32.62
N ALA C 115 -16.83 -5.79 -33.90
CA ALA C 115 -16.23 -7.00 -34.50
C ALA C 115 -14.86 -7.29 -33.86
N ALA C 116 -14.19 -6.25 -33.34
CA ALA C 116 -12.84 -6.33 -32.74
C ALA C 116 -12.88 -6.14 -31.22
N ARG C 117 -14.06 -5.92 -30.62
CA ARG C 117 -14.20 -5.51 -29.20
C ARG C 117 -14.00 -6.73 -28.28
N LYS C 118 -14.44 -7.93 -28.70
CA LYS C 118 -14.41 -9.15 -27.85
C LYS C 118 -12.96 -9.59 -27.65
N GLU C 119 -12.20 -9.69 -28.75
CA GLU C 119 -10.76 -10.10 -28.74
C GLU C 119 -9.91 -9.03 -28.05
N TRP C 120 -10.35 -7.76 -28.10
CA TRP C 120 -9.70 -6.61 -27.41
C TRP C 120 -9.94 -6.71 -25.90
N ASP C 121 -11.16 -7.08 -25.50
CA ASP C 121 -11.57 -7.24 -24.08
C ASP C 121 -10.84 -8.44 -23.46
N LEU C 122 -10.77 -9.56 -24.20
CA LEU C 122 -10.13 -10.83 -23.76
C LEU C 122 -8.63 -10.60 -23.56
N LYS C 123 -8.03 -9.68 -24.34
CA LYS C 123 -6.59 -9.31 -24.26
C LYS C 123 -6.26 -8.84 -22.84
N PRO C 124 -5.21 -9.40 -22.19
CA PRO C 124 -4.86 -9.01 -20.82
C PRO C 124 -4.54 -7.52 -20.67
N ILE C 125 -4.73 -6.98 -19.47
CA ILE C 125 -4.60 -5.53 -19.15
C ILE C 125 -3.15 -5.07 -19.37
N ALA C 126 -2.17 -5.91 -19.00
CA ALA C 126 -0.72 -5.62 -19.14
C ALA C 126 -0.41 -5.23 -20.59
N ASP C 127 -1.00 -5.93 -21.56
CA ASP C 127 -0.82 -5.71 -23.02
C ASP C 127 -1.51 -4.40 -23.43
N ARG C 128 -2.75 -4.19 -22.97
CA ARG C 128 -3.56 -2.97 -23.27
C ARG C 128 -2.87 -1.74 -22.69
N ALA C 129 -2.38 -1.84 -21.44
CA ALA C 129 -1.77 -0.74 -20.66
C ALA C 129 -0.48 -0.25 -21.33
N GLN C 130 0.33 -1.16 -21.88
CA GLN C 130 1.70 -0.85 -22.38
C GLN C 130 1.64 -0.32 -23.82
N ILE C 131 0.45 -0.17 -24.40
CA ILE C 131 0.22 0.62 -25.66
C ILE C 131 0.16 2.10 -25.25
N PHE C 132 -0.60 2.42 -24.20
CA PHE C 132 -0.77 3.77 -23.64
C PHE C 132 0.54 4.21 -22.95
N LEU C 133 1.22 3.28 -22.29
CA LEU C 133 2.48 3.51 -21.53
C LEU C 133 3.60 3.90 -22.52
N LYS C 134 3.58 3.33 -23.73
CA LYS C 134 4.62 3.47 -24.77
C LYS C 134 4.24 4.62 -25.72
N ALA C 135 2.94 4.90 -25.86
CA ALA C 135 2.40 6.11 -26.52
C ALA C 135 2.81 7.34 -25.69
N ALA C 136 2.73 7.24 -24.37
CA ALA C 136 3.10 8.29 -23.39
C ALA C 136 4.62 8.50 -23.41
N ASP C 137 5.39 7.44 -23.66
CA ASP C 137 6.88 7.48 -23.75
C ASP C 137 7.30 8.30 -24.96
N MET C 138 6.68 8.06 -26.13
CA MET C 138 6.98 8.78 -27.39
C MET C 138 6.28 10.14 -27.41
N LEU C 139 5.35 10.40 -26.48
CA LEU C 139 4.77 11.76 -26.25
C LEU C 139 5.75 12.62 -25.45
N SER C 140 6.53 12.02 -24.55
CA SER C 140 7.47 12.73 -23.62
C SER C 140 8.76 13.15 -24.35
N GLY C 141 9.24 12.31 -25.28
CA GLY C 141 10.56 12.50 -25.94
C GLY C 141 10.43 12.95 -27.40
N PRO C 142 10.46 12.01 -28.37
CA PRO C 142 10.58 12.37 -29.80
C PRO C 142 9.39 13.15 -30.38
N ARG C 143 8.16 12.83 -29.97
CA ARG C 143 6.92 13.44 -30.53
C ARG C 143 6.37 14.51 -29.57
N ARG C 144 7.15 14.97 -28.58
CA ARG C 144 6.74 16.04 -27.63
C ARG C 144 6.64 17.37 -28.38
N ALA C 145 7.71 17.76 -29.07
CA ALA C 145 7.77 18.99 -29.90
C ALA C 145 6.60 19.01 -30.88
N GLU C 146 6.28 17.87 -31.48
CA GLU C 146 5.19 17.71 -32.48
C GLU C 146 3.85 18.07 -31.83
N ILE C 147 3.51 17.43 -30.70
CA ILE C 147 2.18 17.54 -30.04
C ILE C 147 2.00 18.94 -29.46
N LEU C 148 3.08 19.58 -29.00
CA LEU C 148 3.05 20.97 -28.45
C LEU C 148 2.72 21.97 -29.57
N ALA C 149 3.50 21.94 -30.65
CA ALA C 149 3.37 22.83 -31.82
C ALA C 149 1.96 22.70 -32.44
N LYS C 150 1.45 21.46 -32.53
CA LYS C 150 0.13 21.13 -33.13
C LYS C 150 -1.00 21.65 -32.22
N THR C 151 -0.74 21.82 -30.93
CA THR C 151 -1.72 22.31 -29.92
C THR C 151 -1.82 23.84 -29.99
N MET C 152 -0.73 24.55 -29.73
CA MET C 152 -0.73 26.03 -29.57
C MET C 152 -1.03 26.73 -30.91
N VAL C 153 -0.64 26.14 -32.04
CA VAL C 153 -1.04 26.62 -33.40
C VAL C 153 -2.53 26.32 -33.61
N GLY C 154 -2.96 25.12 -33.18
CA GLY C 154 -4.33 24.61 -33.41
C GLY C 154 -5.36 25.24 -32.50
N GLN C 155 -5.03 25.44 -31.22
CA GLN C 155 -5.99 25.83 -30.15
C GLN C 155 -5.68 27.23 -29.60
N GLY C 156 -4.46 27.75 -29.79
CA GLY C 156 -4.06 29.11 -29.39
C GLY C 156 -3.58 29.18 -27.94
N LYS C 157 -3.00 28.10 -27.43
CA LYS C 157 -2.37 28.04 -26.08
C LYS C 157 -0.95 28.63 -26.19
N THR C 158 -0.34 28.99 -25.06
CA THR C 158 1.10 29.32 -24.95
C THR C 158 1.88 28.00 -24.94
N VAL C 159 3.22 28.05 -24.86
CA VAL C 159 4.08 26.83 -24.78
C VAL C 159 3.84 26.12 -23.45
N ILE C 160 3.68 26.87 -22.35
CA ILE C 160 3.48 26.30 -20.98
C ILE C 160 2.07 25.71 -20.87
N GLN C 161 1.06 26.41 -21.40
CA GLN C 161 -0.37 25.96 -21.37
C GLN C 161 -0.53 24.72 -22.25
N ALA C 162 0.24 24.63 -23.34
CA ALA C 162 0.29 23.46 -24.25
C ALA C 162 0.96 22.27 -23.55
N GLU C 163 1.99 22.53 -22.73
CA GLU C 163 2.85 21.46 -22.12
C GLU C 163 2.14 20.83 -20.91
N ILE C 164 1.55 21.63 -20.03
CA ILE C 164 0.80 21.11 -18.84
C ILE C 164 -0.48 20.39 -19.33
N ASP C 165 -0.85 20.58 -20.60
CA ASP C 165 -1.97 19.87 -21.28
C ASP C 165 -1.41 18.75 -22.15
N ALA C 166 -0.93 19.08 -23.35
CA ALA C 166 -0.68 18.14 -24.48
C ALA C 166 0.46 17.17 -24.16
N ALA C 167 1.38 17.55 -23.26
CA ALA C 167 2.48 16.69 -22.77
C ALA C 167 2.13 16.15 -21.38
N ALA C 168 2.40 16.92 -20.31
CA ALA C 168 2.36 16.49 -18.90
C ALA C 168 1.06 15.73 -18.60
N GLU C 169 -0.09 16.42 -18.67
CA GLU C 169 -1.42 15.87 -18.26
C GLU C 169 -1.75 14.64 -19.11
N LEU C 170 -1.63 14.75 -20.44
CA LEU C 170 -1.97 13.67 -21.41
C LEU C 170 -1.08 12.45 -21.16
N ILE C 171 0.22 12.67 -20.93
CA ILE C 171 1.22 11.60 -20.60
C ILE C 171 0.82 10.92 -19.29
N ASP C 172 0.47 11.72 -18.28
CA ASP C 172 0.09 11.24 -16.92
C ASP C 172 -1.26 10.52 -17.00
N PHE C 173 -2.20 11.03 -17.80
CA PHE C 173 -3.53 10.41 -18.04
C PHE C 173 -3.36 8.99 -18.61
N PHE C 174 -2.39 8.80 -19.51
CA PHE C 174 -2.04 7.50 -20.12
C PHE C 174 -1.33 6.61 -19.09
N ARG C 175 -0.41 7.20 -18.32
CA ARG C 175 0.52 6.47 -17.41
C ARG C 175 -0.19 6.08 -16.10
N PHE C 176 -0.90 7.00 -15.47
CA PHE C 176 -1.55 6.80 -14.14
C PHE C 176 -2.77 5.87 -14.30
N ASN C 177 -3.55 6.03 -15.38
CA ASN C 177 -4.73 5.16 -15.67
C ASN C 177 -4.25 3.72 -15.89
N ALA C 178 -3.14 3.55 -16.60
CA ALA C 178 -2.47 2.23 -16.81
C ALA C 178 -2.18 1.60 -15.44
N LYS C 179 -1.56 2.38 -14.53
CA LYS C 179 -1.27 1.96 -13.13
C LYS C 179 -2.57 1.48 -12.47
N TYR C 180 -3.60 2.35 -12.47
CA TYR C 180 -4.90 2.13 -11.80
C TYR C 180 -5.56 0.85 -12.33
N ALA C 181 -5.54 0.64 -13.65
CA ALA C 181 -6.20 -0.49 -14.36
C ALA C 181 -5.45 -1.80 -14.09
N VAL C 182 -4.11 -1.78 -14.12
CA VAL C 182 -3.24 -2.96 -13.83
C VAL C 182 -3.46 -3.38 -12.38
N GLU C 183 -3.50 -2.42 -11.45
CA GLU C 183 -3.64 -2.64 -9.99
C GLU C 183 -5.10 -2.98 -9.65
N LEU C 184 -6.05 -2.65 -10.52
CA LEU C 184 -7.51 -2.92 -10.31
C LEU C 184 -7.75 -4.44 -10.36
N GLU C 185 -7.05 -5.16 -11.24
CA GLU C 185 -7.23 -6.62 -11.42
C GLU C 185 -6.54 -7.38 -10.29
N GLY C 186 -5.83 -6.67 -9.40
CA GLY C 186 -5.32 -7.19 -8.11
C GLY C 186 -6.37 -7.10 -7.02
N GLN C 187 -7.40 -6.27 -7.21
CA GLN C 187 -8.54 -6.10 -6.26
C GLN C 187 -9.54 -7.25 -6.50
N GLN C 188 -9.31 -8.37 -5.80
CA GLN C 188 -10.11 -9.63 -5.94
C GLN C 188 -10.89 -9.87 -4.65
N PRO C 189 -12.01 -10.63 -4.70
CA PRO C 189 -12.75 -10.98 -3.49
C PRO C 189 -12.07 -12.11 -2.71
N ILE C 190 -12.64 -12.48 -1.56
CA ILE C 190 -12.07 -13.52 -0.63
C ILE C 190 -12.55 -14.89 -1.12
N SER C 191 -11.70 -15.92 -0.99
CA SER C 191 -12.00 -17.32 -1.38
C SER C 191 -11.97 -18.23 -0.14
N VAL C 192 -13.10 -18.88 0.16
CA VAL C 192 -13.21 -19.95 1.19
C VAL C 192 -13.29 -21.29 0.46
N PRO C 193 -12.48 -22.31 0.85
CA PRO C 193 -12.65 -23.66 0.32
C PRO C 193 -14.08 -24.15 0.57
N PRO C 194 -14.68 -24.96 -0.32
CA PRO C 194 -13.98 -25.58 -1.45
C PRO C 194 -13.90 -24.78 -2.76
N SER C 195 -14.21 -23.47 -2.72
CA SER C 195 -14.37 -22.61 -3.93
C SER C 195 -13.19 -21.64 -4.08
N THR C 196 -12.98 -21.12 -5.29
CA THR C 196 -12.04 -20.02 -5.64
C THR C 196 -12.80 -18.93 -6.40
N ASN C 197 -12.83 -17.71 -5.84
CA ASN C 197 -13.53 -16.52 -6.42
C ASN C 197 -12.49 -15.62 -7.09
N SER C 198 -12.77 -15.21 -8.34
CA SER C 198 -11.97 -14.21 -9.10
C SER C 198 -12.92 -13.22 -9.78
N THR C 199 -12.60 -11.91 -9.69
CA THR C 199 -13.30 -10.82 -10.41
C THR C 199 -12.56 -10.53 -11.72
N VAL C 200 -13.24 -10.69 -12.86
CA VAL C 200 -12.75 -10.33 -14.22
C VAL C 200 -13.36 -8.99 -14.60
N TYR C 201 -12.52 -7.95 -14.77
CA TYR C 201 -12.93 -6.57 -15.10
C TYR C 201 -13.07 -6.45 -16.62
N ARG C 202 -14.27 -6.76 -17.13
CA ARG C 202 -14.60 -6.75 -18.58
C ARG C 202 -14.88 -5.31 -19.00
N GLY C 203 -14.81 -5.03 -20.30
CA GLY C 203 -15.33 -3.79 -20.90
C GLY C 203 -16.83 -3.87 -21.07
N LEU C 204 -17.52 -2.73 -21.02
CA LEU C 204 -18.99 -2.63 -21.27
C LEU C 204 -19.28 -3.22 -22.66
N GLU C 205 -20.29 -4.09 -22.78
CA GLU C 205 -20.68 -4.71 -24.07
C GLU C 205 -21.39 -3.64 -24.91
N GLY C 206 -20.81 -3.29 -26.07
CA GLY C 206 -21.23 -2.17 -26.93
C GLY C 206 -20.05 -1.26 -27.25
N PHE C 207 -20.33 0.00 -27.57
CA PHE C 207 -19.31 1.05 -27.90
C PHE C 207 -19.54 2.28 -27.04
N VAL C 208 -18.46 3.00 -26.74
CA VAL C 208 -18.46 4.29 -25.97
C VAL C 208 -18.24 5.43 -26.97
N ALA C 209 -19.05 6.50 -26.86
CA ALA C 209 -18.99 7.71 -27.70
C ALA C 209 -18.25 8.82 -26.94
N ALA C 210 -16.98 9.05 -27.28
CA ALA C 210 -16.11 10.10 -26.70
C ALA C 210 -16.31 11.41 -27.48
N ILE C 211 -16.83 12.45 -26.80
CA ILE C 211 -17.02 13.82 -27.35
C ILE C 211 -16.10 14.78 -26.57
N SER C 212 -15.01 15.24 -27.19
CA SER C 212 -13.98 16.09 -26.55
C SER C 212 -14.19 17.56 -26.93
N PRO C 213 -13.78 18.50 -26.05
CA PRO C 213 -13.86 19.93 -26.34
C PRO C 213 -12.56 20.50 -26.93
N PHE C 214 -12.50 21.83 -27.04
CA PHE C 214 -11.38 22.59 -27.67
C PHE C 214 -10.23 22.81 -26.68
N ASN C 215 -10.55 22.97 -25.40
CA ASN C 215 -9.68 23.69 -24.42
C ASN C 215 -8.57 22.78 -23.86
N PHE C 216 -8.63 21.46 -24.08
CA PHE C 216 -7.62 20.50 -23.56
C PHE C 216 -7.46 19.30 -24.50
N THR C 217 -6.27 19.18 -25.10
CA THR C 217 -5.81 18.02 -25.92
C THR C 217 -5.80 16.75 -25.04
N ALA C 218 -5.33 16.89 -23.79
CA ALA C 218 -5.21 15.80 -22.79
C ALA C 218 -6.58 15.18 -22.50
N ILE C 219 -7.62 16.02 -22.33
CA ILE C 219 -9.01 15.59 -22.05
C ILE C 219 -9.49 14.72 -23.22
N GLY C 220 -9.26 15.16 -24.46
CA GLY C 220 -9.57 14.38 -25.68
C GLY C 220 -8.98 12.98 -25.62
N GLY C 221 -7.69 12.89 -25.30
CA GLY C 221 -6.96 11.62 -25.13
C GLY C 221 -7.56 10.74 -24.04
N ASN C 222 -8.07 11.36 -22.97
CA ASN C 222 -8.65 10.66 -21.79
C ASN C 222 -9.99 10.03 -22.15
N LEU C 223 -10.91 10.82 -22.70
CA LEU C 223 -12.32 10.41 -22.98
C LEU C 223 -12.32 9.23 -23.96
N ALA C 224 -11.36 9.18 -24.87
CA ALA C 224 -11.15 8.07 -25.83
C ALA C 224 -10.24 7.01 -25.20
N GLY C 225 -9.18 7.43 -24.51
CA GLY C 225 -8.10 6.57 -24.03
C GLY C 225 -8.52 5.67 -22.88
N ALA C 226 -9.15 6.24 -21.84
CA ALA C 226 -9.48 5.55 -20.57
C ALA C 226 -10.50 4.43 -20.83
N PRO C 227 -11.65 4.70 -21.47
CA PRO C 227 -12.58 3.62 -21.86
C PRO C 227 -11.90 2.47 -22.62
N ALA C 228 -11.05 2.81 -23.60
CA ALA C 228 -10.33 1.85 -24.48
C ALA C 228 -9.38 0.99 -23.65
N LEU C 229 -8.72 1.57 -22.64
CA LEU C 229 -7.79 0.87 -21.71
C LEU C 229 -8.52 -0.26 -20.98
N MET C 230 -9.82 -0.08 -20.70
CA MET C 230 -10.66 -1.04 -19.94
C MET C 230 -11.43 -1.96 -20.91
N GLY C 231 -10.95 -2.11 -22.14
CA GLY C 231 -11.41 -3.14 -23.09
C GLY C 231 -12.65 -2.75 -23.86
N ASN C 232 -13.06 -1.48 -23.81
CA ASN C 232 -14.19 -0.93 -24.60
C ASN C 232 -13.70 -0.55 -26.00
N VAL C 233 -14.63 -0.31 -26.92
CA VAL C 233 -14.35 0.27 -28.27
C VAL C 233 -15.01 1.65 -28.33
N VAL C 234 -14.24 2.67 -28.74
CA VAL C 234 -14.62 4.10 -28.60
C VAL C 234 -14.84 4.71 -29.99
N LEU C 235 -15.91 5.49 -30.16
CA LEU C 235 -16.10 6.44 -31.29
C LEU C 235 -15.75 7.84 -30.79
N TRP C 236 -14.55 8.32 -31.14
CA TRP C 236 -14.04 9.65 -30.72
C TRP C 236 -14.44 10.71 -31.75
N LYS C 237 -15.31 11.64 -31.34
CA LYS C 237 -15.59 12.92 -32.04
C LYS C 237 -14.78 14.02 -31.36
N PRO C 238 -13.59 14.40 -31.90
CA PRO C 238 -12.85 15.53 -31.37
C PRO C 238 -13.51 16.84 -31.84
N SER C 239 -13.44 17.89 -31.03
CA SER C 239 -13.95 19.24 -31.36
C SER C 239 -13.23 19.75 -32.62
N ASP C 240 -13.94 20.53 -33.45
CA ASP C 240 -13.46 21.03 -34.76
C ASP C 240 -12.29 22.01 -34.55
N THR C 241 -12.20 22.61 -33.36
CA THR C 241 -11.30 23.74 -33.03
C THR C 241 -9.99 23.24 -32.40
N ALA C 242 -9.94 21.97 -31.97
CA ALA C 242 -8.74 21.31 -31.39
C ALA C 242 -8.38 20.09 -32.23
N MET C 243 -8.74 20.12 -33.51
CA MET C 243 -8.83 18.94 -34.41
C MET C 243 -7.42 18.50 -34.86
N LEU C 244 -6.47 19.43 -34.93
CA LEU C 244 -5.08 19.16 -35.41
C LEU C 244 -4.32 18.33 -34.38
N ALA C 245 -4.29 18.78 -33.12
CA ALA C 245 -3.55 18.14 -32.00
C ALA C 245 -4.23 16.82 -31.62
N SER C 246 -5.54 16.70 -31.84
CA SER C 246 -6.35 15.50 -31.49
C SER C 246 -6.01 14.34 -32.42
N TYR C 247 -5.76 14.59 -33.70
CA TYR C 247 -5.38 13.55 -34.70
C TYR C 247 -3.93 13.12 -34.47
N ALA C 248 -3.08 14.02 -33.97
CA ALA C 248 -1.69 13.74 -33.58
C ALA C 248 -1.71 12.60 -32.55
N VAL C 249 -2.28 12.86 -31.37
CA VAL C 249 -2.36 11.88 -30.23
C VAL C 249 -2.99 10.57 -30.72
N TYR C 250 -3.99 10.64 -31.61
CA TYR C 250 -4.69 9.45 -32.17
C TYR C 250 -3.69 8.56 -32.93
N ARG C 251 -2.93 9.17 -33.85
CA ARG C 251 -1.97 8.48 -34.76
C ARG C 251 -0.77 7.96 -33.97
N ILE C 252 -0.33 8.72 -32.95
CA ILE C 252 0.82 8.35 -32.08
C ILE C 252 0.41 7.14 -31.24
N LEU C 253 -0.88 7.03 -30.89
CA LEU C 253 -1.48 5.85 -30.21
C LEU C 253 -1.44 4.64 -31.15
N ARG C 254 -1.85 4.82 -32.41
CA ARG C 254 -1.91 3.73 -33.43
C ARG C 254 -0.49 3.31 -33.83
N GLU C 255 0.48 4.23 -33.76
CA GLU C 255 1.92 3.95 -34.02
C GLU C 255 2.56 3.29 -32.79
N ALA C 256 1.89 3.33 -31.64
CA ALA C 256 2.35 2.74 -30.36
C ALA C 256 1.82 1.30 -30.20
N GLY C 257 1.21 0.74 -31.26
CA GLY C 257 0.80 -0.68 -31.35
C GLY C 257 -0.64 -0.89 -30.93
N LEU C 258 -1.50 0.11 -31.11
CA LEU C 258 -2.97 0.03 -30.84
C LEU C 258 -3.65 -0.64 -32.02
N PRO C 259 -4.25 -1.85 -31.84
CA PRO C 259 -4.97 -2.52 -32.94
C PRO C 259 -6.02 -1.66 -33.63
N PRO C 260 -6.33 -1.95 -34.92
CA PRO C 260 -7.43 -1.28 -35.61
C PRO C 260 -8.81 -1.58 -34.99
N ASN C 261 -9.74 -0.63 -35.12
CA ASN C 261 -11.18 -0.78 -34.80
C ASN C 261 -11.41 -0.92 -33.29
N ILE C 262 -10.70 -0.13 -32.48
CA ILE C 262 -10.93 -0.04 -31.00
C ILE C 262 -11.05 1.44 -30.57
N ILE C 263 -10.33 2.34 -31.24
CA ILE C 263 -10.64 3.81 -31.26
C ILE C 263 -10.74 4.22 -32.73
N GLN C 264 -11.93 4.67 -33.15
CA GLN C 264 -12.20 5.19 -34.52
C GLN C 264 -12.17 6.73 -34.46
N PHE C 265 -11.26 7.36 -35.19
CA PHE C 265 -11.18 8.84 -35.31
C PHE C 265 -12.28 9.29 -36.28
N VAL C 266 -13.41 9.75 -35.72
CA VAL C 266 -14.63 10.14 -36.49
C VAL C 266 -15.07 11.54 -36.07
N PRO C 267 -14.41 12.60 -36.59
CA PRO C 267 -14.95 13.95 -36.50
C PRO C 267 -16.32 14.02 -37.20
N ALA C 268 -17.29 14.68 -36.58
CA ALA C 268 -18.68 14.82 -37.07
C ALA C 268 -19.32 16.08 -36.52
N ASP C 269 -20.45 16.49 -37.10
CA ASP C 269 -21.31 17.60 -36.61
C ASP C 269 -21.81 17.24 -35.21
N GLY C 270 -21.70 18.17 -34.26
CA GLY C 270 -22.08 17.98 -32.85
C GLY C 270 -23.44 17.27 -32.71
N PRO C 271 -24.56 17.95 -33.10
CA PRO C 271 -25.88 17.33 -33.10
C PRO C 271 -25.98 16.00 -33.87
N LEU C 272 -25.34 15.89 -35.04
CA LEU C 272 -25.42 14.70 -35.93
C LEU C 272 -24.79 13.49 -35.23
N PHE C 273 -23.60 13.66 -34.63
CA PHE C 273 -22.89 12.62 -33.86
C PHE C 273 -23.76 12.16 -32.68
N GLY C 274 -24.20 13.12 -31.86
CA GLY C 274 -25.05 12.90 -30.67
C GLY C 274 -26.32 12.14 -31.00
N ASP C 275 -26.99 12.52 -32.10
CA ASP C 275 -28.27 11.92 -32.55
C ASP C 275 -28.05 10.46 -32.98
N THR C 276 -26.96 10.16 -33.69
CA THR C 276 -26.68 8.83 -34.28
C THR C 276 -26.36 7.81 -33.18
N VAL C 277 -25.47 8.15 -32.24
CA VAL C 277 -24.95 7.21 -31.21
C VAL C 277 -26.02 6.97 -30.13
N THR C 278 -26.84 7.98 -29.80
CA THR C 278 -27.97 7.86 -28.84
C THR C 278 -29.09 7.01 -29.45
N SER C 279 -29.18 6.95 -30.79
CA SER C 279 -30.20 6.18 -31.54
C SER C 279 -29.69 4.77 -31.88
N SER C 280 -28.38 4.54 -31.75
CA SER C 280 -27.73 3.21 -31.95
C SER C 280 -28.05 2.30 -30.76
N GLU C 281 -28.56 1.08 -31.03
CA GLU C 281 -29.08 0.14 -29.99
C GLU C 281 -27.94 -0.68 -29.39
N HIS C 282 -26.69 -0.45 -29.82
CA HIS C 282 -25.47 -1.13 -29.28
C HIS C 282 -24.64 -0.14 -28.44
N LEU C 283 -25.18 1.05 -28.14
CA LEU C 283 -24.54 2.07 -27.27
C LEU C 283 -24.51 1.56 -25.83
N CYS C 284 -23.42 1.81 -25.10
CA CYS C 284 -23.24 1.39 -23.69
C CYS C 284 -22.55 2.49 -22.86
N GLY C 285 -22.37 3.70 -23.41
CA GLY C 285 -21.78 4.84 -22.67
C GLY C 285 -21.44 6.02 -23.58
N ILE C 286 -21.58 7.24 -23.05
CA ILE C 286 -21.14 8.51 -23.70
C ILE C 286 -20.19 9.23 -22.73
N ASN C 287 -18.92 9.37 -23.11
CA ASN C 287 -17.88 10.09 -22.33
C ASN C 287 -17.76 11.52 -22.87
N PHE C 288 -18.45 12.47 -22.25
CA PHE C 288 -18.61 13.87 -22.72
C PHE C 288 -17.76 14.81 -21.85
N THR C 289 -17.22 15.86 -22.48
CA THR C 289 -16.69 17.09 -21.83
C THR C 289 -17.01 18.29 -22.74
N GLY C 290 -17.72 19.29 -22.21
CA GLY C 290 -18.11 20.51 -22.94
C GLY C 290 -19.21 21.28 -22.24
N SER C 291 -20.06 21.98 -22.99
CA SER C 291 -21.19 22.79 -22.49
C SER C 291 -22.25 21.87 -21.88
N VAL C 292 -22.96 22.34 -20.85
CA VAL C 292 -23.85 21.51 -19.99
C VAL C 292 -25.17 21.20 -20.71
N PRO C 293 -25.83 22.12 -21.45
CA PRO C 293 -27.12 21.80 -22.07
C PRO C 293 -27.02 20.76 -23.19
N THR C 294 -25.85 20.65 -23.84
CA THR C 294 -25.54 19.59 -24.84
C THR C 294 -25.45 18.24 -24.12
N PHE C 295 -24.89 18.21 -22.89
CA PHE C 295 -24.83 17.00 -22.04
C PHE C 295 -26.23 16.64 -21.55
N LYS C 296 -27.00 17.63 -21.09
CA LYS C 296 -28.41 17.47 -20.65
C LYS C 296 -29.22 16.86 -21.79
N HIS C 297 -29.01 17.34 -23.02
CA HIS C 297 -29.70 16.86 -24.26
C HIS C 297 -29.33 15.40 -24.53
N LEU C 298 -28.06 15.02 -24.33
CA LEU C 298 -27.56 13.63 -24.48
C LEU C 298 -28.23 12.72 -23.44
N TRP C 299 -28.50 13.25 -22.24
CA TRP C 299 -29.19 12.52 -21.14
C TRP C 299 -30.63 12.20 -21.54
N LYS C 300 -31.32 13.15 -22.18
CA LYS C 300 -32.75 13.02 -22.58
C LYS C 300 -32.86 12.05 -23.77
N GLN C 301 -31.95 12.17 -24.76
CA GLN C 301 -31.94 11.35 -25.99
C GLN C 301 -31.72 9.88 -25.65
N VAL C 302 -30.89 9.58 -24.64
CA VAL C 302 -30.54 8.18 -24.23
C VAL C 302 -31.72 7.57 -23.46
N ALA C 303 -32.50 8.39 -22.74
CA ALA C 303 -33.66 7.96 -21.93
C ALA C 303 -34.87 7.69 -22.83
N GLN C 304 -35.08 8.55 -23.84
CA GLN C 304 -36.20 8.43 -24.81
C GLN C 304 -36.03 7.15 -25.64
N ASN C 305 -34.78 6.78 -25.92
CA ASN C 305 -34.40 5.61 -26.76
C ASN C 305 -33.85 4.48 -25.87
N LEU C 306 -34.35 4.35 -24.64
CA LEU C 306 -33.75 3.49 -23.59
C LEU C 306 -34.16 2.01 -23.78
N ASP C 307 -35.28 1.76 -24.45
CA ASP C 307 -35.90 0.40 -24.55
C ASP C 307 -35.14 -0.47 -25.56
N ARG C 308 -34.37 0.14 -26.47
CA ARG C 308 -33.69 -0.57 -27.59
C ARG C 308 -32.30 -1.07 -27.16
N PHE C 309 -31.62 -0.35 -26.24
CA PHE C 309 -30.24 -0.66 -25.79
C PHE C 309 -30.22 -2.04 -25.13
N HIS C 310 -29.16 -2.81 -25.40
CA HIS C 310 -28.89 -4.14 -24.78
C HIS C 310 -28.47 -3.92 -23.32
N THR C 311 -27.45 -3.10 -23.10
CA THR C 311 -26.90 -2.69 -21.77
C THR C 311 -27.48 -1.33 -21.39
N PHE C 312 -27.51 -1.01 -20.10
CA PHE C 312 -27.88 0.34 -19.57
C PHE C 312 -26.68 1.28 -19.77
N PRO C 313 -26.78 2.32 -20.63
CA PRO C 313 -25.63 3.13 -21.00
C PRO C 313 -25.19 4.05 -19.85
N ARG C 314 -23.90 4.08 -19.55
CA ARG C 314 -23.28 4.89 -18.46
C ARG C 314 -22.80 6.23 -19.03
N LEU C 315 -23.47 7.32 -18.67
CA LEU C 315 -23.09 8.70 -19.09
C LEU C 315 -22.11 9.30 -18.07
N ALA C 316 -20.96 9.76 -18.55
CA ALA C 316 -20.00 10.61 -17.80
C ALA C 316 -19.92 11.98 -18.49
N GLY C 317 -20.16 13.06 -17.73
CA GLY C 317 -20.16 14.44 -18.23
C GLY C 317 -19.32 15.36 -17.35
N GLU C 318 -18.29 15.99 -17.93
CA GLU C 318 -17.49 17.06 -17.29
C GLU C 318 -17.87 18.38 -17.95
N CYS C 319 -18.61 19.23 -17.23
CA CYS C 319 -19.27 20.45 -17.78
C CYS C 319 -19.00 21.66 -16.88
N GLY C 320 -19.41 22.85 -17.34
CA GLY C 320 -19.57 24.08 -16.55
C GLY C 320 -18.35 24.43 -15.73
N GLY C 321 -18.56 25.20 -14.66
CA GLY C 321 -17.52 25.73 -13.76
C GLY C 321 -17.54 27.25 -13.72
N LYS C 322 -18.26 27.82 -12.74
CA LYS C 322 -18.25 29.27 -12.43
C LYS C 322 -17.48 29.47 -11.12
N ASN C 323 -16.15 29.50 -11.23
CA ASN C 323 -15.21 29.19 -10.12
C ASN C 323 -14.77 30.48 -9.42
N PHE C 324 -14.51 30.39 -8.11
CA PHE C 324 -14.29 31.54 -7.19
C PHE C 324 -12.86 31.51 -6.63
N HIS C 325 -12.35 32.69 -6.27
CA HIS C 325 -11.11 32.92 -5.49
C HIS C 325 -11.44 33.73 -4.25
N PHE C 326 -11.88 33.09 -3.16
CA PHE C 326 -12.21 33.77 -1.88
C PHE C 326 -10.90 34.20 -1.21
N VAL C 327 -10.85 35.49 -0.82
CA VAL C 327 -9.70 36.09 -0.08
C VAL C 327 -10.20 36.49 1.30
N HIS C 328 -9.41 36.21 2.34
CA HIS C 328 -9.59 36.72 3.73
C HIS C 328 -8.58 37.86 3.95
N ARG C 329 -8.84 38.73 4.92
CA ARG C 329 -8.02 39.91 5.26
C ARG C 329 -6.60 39.48 5.71
N SER C 330 -6.41 38.21 6.04
CA SER C 330 -5.12 37.63 6.52
C SER C 330 -4.29 37.04 5.37
N ALA C 331 -4.80 37.10 4.14
CA ALA C 331 -4.24 36.43 2.94
C ALA C 331 -2.89 37.06 2.53
N ASP C 332 -1.96 36.23 2.06
CA ASP C 332 -0.71 36.65 1.40
C ASP C 332 -1.07 37.31 0.06
N VAL C 333 -1.02 38.65 0.01
CA VAL C 333 -1.61 39.50 -1.07
C VAL C 333 -0.89 39.23 -2.40
N GLU C 334 0.42 38.96 -2.37
CA GLU C 334 1.25 38.78 -3.59
C GLU C 334 0.87 37.48 -4.31
N SER C 335 0.46 36.44 -3.56
CA SER C 335 0.01 35.13 -4.10
C SER C 335 -1.45 35.23 -4.55
N VAL C 336 -2.26 36.04 -3.87
CA VAL C 336 -3.69 36.32 -4.23
C VAL C 336 -3.72 36.82 -5.68
N VAL C 337 -2.89 37.81 -6.01
CA VAL C 337 -2.95 38.56 -7.32
C VAL C 337 -2.26 37.73 -8.41
N SER C 338 -1.09 37.14 -8.13
CA SER C 338 -0.33 36.30 -9.10
C SER C 338 -1.12 35.03 -9.43
N GLY C 339 -1.84 34.49 -8.44
CA GLY C 339 -2.72 33.32 -8.60
C GLY C 339 -3.96 33.64 -9.42
N THR C 340 -4.64 34.75 -9.10
CA THR C 340 -5.93 35.17 -9.71
C THR C 340 -5.73 35.51 -11.19
N LEU C 341 -4.66 36.25 -11.52
CA LEU C 341 -4.31 36.61 -12.92
C LEU C 341 -4.05 35.33 -13.72
N ARG C 342 -3.29 34.39 -13.15
CA ARG C 342 -2.96 33.07 -13.76
C ARG C 342 -4.26 32.30 -14.02
N SER C 343 -5.06 32.08 -12.98
CA SER C 343 -6.30 31.26 -13.00
C SER C 343 -7.32 31.84 -13.99
N ALA C 344 -7.45 33.17 -14.02
CA ALA C 344 -8.55 33.89 -14.70
C ALA C 344 -8.24 34.13 -16.18
N PHE C 345 -6.96 34.22 -16.58
CA PHE C 345 -6.55 34.73 -17.91
C PHE C 345 -5.67 33.75 -18.69
N GLU C 346 -5.06 32.74 -18.06
CA GLU C 346 -4.22 31.75 -18.79
C GLU C 346 -5.09 30.99 -19.79
N TYR C 347 -4.58 30.81 -21.02
CA TYR C 347 -5.33 30.35 -22.23
C TYR C 347 -6.67 31.10 -22.31
N GLY C 348 -6.62 32.44 -22.17
CA GLY C 348 -7.77 33.35 -22.34
C GLY C 348 -8.90 33.08 -21.37
N GLY C 349 -8.59 32.48 -20.21
CA GLY C 349 -9.59 32.05 -19.21
C GLY C 349 -10.55 31.02 -19.77
N GLN C 350 -10.11 30.26 -20.77
CA GLN C 350 -10.93 29.23 -21.49
C GLN C 350 -10.69 27.86 -20.86
N LYS C 351 -10.91 27.74 -19.54
CA LYS C 351 -10.82 26.45 -18.80
C LYS C 351 -12.13 26.24 -18.01
N CYS C 352 -12.49 24.97 -17.79
CA CYS C 352 -13.56 24.54 -16.85
C CYS C 352 -13.21 25.04 -15.44
N SER C 353 -11.91 25.10 -15.12
CA SER C 353 -11.35 25.38 -13.77
C SER C 353 -11.09 26.88 -13.56
N ALA C 354 -11.20 27.70 -14.61
CA ALA C 354 -10.83 29.14 -14.63
C ALA C 354 -11.63 29.91 -13.57
N CYS C 355 -10.94 30.80 -12.84
CA CYS C 355 -11.53 31.70 -11.81
C CYS C 355 -12.19 32.90 -12.49
N SER C 356 -13.48 33.15 -12.21
CA SER C 356 -14.28 34.26 -12.78
C SER C 356 -15.10 34.97 -11.68
N ARG C 357 -14.77 34.73 -10.41
CA ARG C 357 -15.32 35.45 -9.22
C ARG C 357 -14.19 35.68 -8.23
N LEU C 358 -14.00 36.94 -7.78
CA LEU C 358 -12.93 37.32 -6.83
C LEU C 358 -13.55 38.01 -5.62
N TYR C 359 -13.83 37.25 -4.56
CA TYR C 359 -14.41 37.72 -3.28
C TYR C 359 -13.28 38.28 -2.40
N VAL C 360 -13.09 39.60 -2.44
CA VAL C 360 -11.99 40.34 -1.74
C VAL C 360 -12.61 41.19 -0.65
N PRO C 361 -12.02 41.23 0.58
CA PRO C 361 -12.51 42.09 1.64
C PRO C 361 -12.12 43.56 1.43
N HIS C 362 -12.89 44.48 2.02
CA HIS C 362 -12.76 45.96 1.84
C HIS C 362 -11.41 46.46 2.39
N SER C 363 -10.89 45.80 3.43
CA SER C 363 -9.62 46.16 4.12
C SER C 363 -8.44 46.08 3.15
N LEU C 364 -8.37 45.01 2.33
CA LEU C 364 -7.19 44.68 1.48
C LEU C 364 -7.45 45.05 0.00
N TRP C 365 -8.63 45.56 -0.34
CA TRP C 365 -9.02 45.87 -1.75
C TRP C 365 -8.24 47.06 -2.28
N PRO C 366 -8.09 48.18 -1.52
CA PRO C 366 -7.19 49.27 -1.93
C PRO C 366 -5.76 48.83 -2.27
N GLN C 367 -5.24 47.78 -1.63
CA GLN C 367 -3.88 47.23 -1.85
C GLN C 367 -3.86 46.37 -3.13
N ILE C 368 -5.02 45.90 -3.59
CA ILE C 368 -5.14 44.84 -4.64
C ILE C 368 -5.46 45.45 -6.02
N LYS C 369 -6.22 46.56 -6.10
CA LYS C 369 -6.51 47.24 -7.39
C LYS C 369 -5.19 47.68 -8.03
N GLY C 370 -4.36 48.38 -7.26
CA GLY C 370 -3.08 48.96 -7.70
C GLY C 370 -2.07 47.90 -8.10
N ARG C 371 -2.22 46.67 -7.58
CA ARG C 371 -1.32 45.52 -7.85
C ARG C 371 -1.87 44.66 -8.98
N LEU C 372 -3.20 44.49 -9.07
CA LEU C 372 -3.88 43.77 -10.19
C LEU C 372 -3.67 44.56 -11.49
N LEU C 373 -4.09 45.83 -11.51
CA LEU C 373 -4.13 46.68 -12.72
C LEU C 373 -2.72 47.09 -13.17
N GLU C 374 -1.74 47.08 -12.25
CA GLU C 374 -0.30 47.28 -12.59
C GLU C 374 0.18 46.08 -13.40
N GLU C 375 -0.03 44.87 -12.88
CA GLU C 375 0.40 43.60 -13.52
C GLU C 375 -0.44 43.34 -14.77
N HIS C 376 -1.68 43.84 -14.81
CA HIS C 376 -2.57 43.77 -16.01
C HIS C 376 -1.89 44.46 -17.20
N SER C 377 -1.26 45.62 -16.98
CA SER C 377 -0.57 46.42 -18.01
C SER C 377 0.61 45.65 -18.61
N ARG C 378 1.21 44.76 -17.82
CA ARG C 378 2.40 43.95 -18.22
C ARG C 378 1.94 42.68 -18.97
N ILE C 379 0.71 42.21 -18.71
CA ILE C 379 0.10 41.05 -19.43
C ILE C 379 -0.02 41.40 -20.91
N LYS C 380 0.80 40.77 -21.74
CA LYS C 380 0.83 40.95 -23.22
C LYS C 380 0.05 39.81 -23.87
N VAL C 381 -0.96 40.16 -24.70
CA VAL C 381 -1.75 39.20 -25.52
C VAL C 381 -1.30 39.34 -26.97
N GLY C 382 -0.75 38.29 -27.57
CA GLY C 382 -0.26 38.28 -28.97
C GLY C 382 -0.17 36.89 -29.55
N ASP C 383 0.62 36.72 -30.62
CA ASP C 383 0.88 35.42 -31.28
C ASP C 383 1.80 34.59 -30.37
N PRO C 384 1.34 33.42 -29.88
CA PRO C 384 2.12 32.62 -28.93
C PRO C 384 3.23 31.77 -29.56
N ALA C 385 3.24 31.66 -30.90
CA ALA C 385 4.22 30.88 -31.68
C ALA C 385 5.41 31.76 -32.10
N GLU C 386 5.17 33.06 -32.33
CA GLU C 386 6.20 34.04 -32.76
C GLU C 386 6.80 34.71 -31.52
N ASP C 387 5.95 35.28 -30.66
CA ASP C 387 6.35 35.98 -29.41
C ASP C 387 6.04 35.08 -28.21
N PHE C 388 7.07 34.58 -27.54
CA PHE C 388 6.98 33.65 -26.38
C PHE C 388 6.76 34.45 -25.09
N GLY C 389 6.91 35.77 -25.14
CA GLY C 389 6.65 36.68 -24.01
C GLY C 389 5.17 36.80 -23.68
N THR C 390 4.30 36.42 -24.62
CA THR C 390 2.81 36.48 -24.50
C THR C 390 2.35 35.60 -23.33
N PHE C 391 1.52 36.16 -22.44
CA PHE C 391 0.96 35.46 -21.24
C PHE C 391 -0.14 34.50 -21.70
N PHE C 392 -1.02 34.98 -22.58
CA PHE C 392 -2.03 34.16 -23.32
C PHE C 392 -2.27 34.80 -24.70
N SER C 393 -3.18 34.23 -25.50
CA SER C 393 -3.46 34.65 -26.89
C SER C 393 -4.97 34.72 -27.14
N ALA C 394 -5.39 34.53 -28.40
CA ALA C 394 -6.78 34.70 -28.88
C ALA C 394 -7.69 33.60 -28.32
N VAL C 395 -8.98 33.91 -28.14
CA VAL C 395 -10.04 32.92 -27.79
C VAL C 395 -10.31 32.06 -29.04
N ILE C 396 -11.06 30.96 -28.87
CA ILE C 396 -10.96 29.76 -29.75
C ILE C 396 -11.60 29.99 -31.13
N ASP C 397 -12.79 30.58 -31.20
CA ASP C 397 -13.51 30.81 -32.49
C ASP C 397 -14.41 32.05 -32.37
N ALA C 398 -14.97 32.48 -33.51
CA ALA C 398 -15.83 33.68 -33.66
C ALA C 398 -17.10 33.56 -32.82
N LYS C 399 -17.60 32.33 -32.66
CA LYS C 399 -18.84 32.01 -31.89
C LYS C 399 -18.56 32.32 -30.41
N SER C 400 -17.43 31.83 -29.89
CA SER C 400 -16.90 32.12 -28.53
C SER C 400 -16.55 33.60 -28.40
N PHE C 401 -15.97 34.19 -29.46
CA PHE C 401 -15.57 35.62 -29.52
C PHE C 401 -16.80 36.51 -29.36
N ALA C 402 -17.84 36.26 -30.16
CA ALA C 402 -19.13 37.00 -30.17
C ALA C 402 -19.79 36.90 -28.78
N ARG C 403 -19.64 35.76 -28.10
CA ARG C 403 -20.21 35.50 -26.74
C ARG C 403 -19.56 36.44 -25.72
N ILE C 404 -18.23 36.57 -25.76
CA ILE C 404 -17.44 37.38 -24.77
C ILE C 404 -17.61 38.86 -25.12
N LYS C 405 -17.86 39.18 -26.40
CA LYS C 405 -18.02 40.58 -26.91
C LYS C 405 -19.34 41.17 -26.38
N LYS C 406 -20.44 40.40 -26.45
CA LYS C 406 -21.77 40.83 -25.92
C LYS C 406 -21.75 40.78 -24.38
N TRP C 407 -20.81 40.02 -23.80
CA TRP C 407 -20.54 39.98 -22.34
C TRP C 407 -19.67 41.18 -21.92
N LEU C 408 -18.83 41.69 -22.83
CA LEU C 408 -17.91 42.84 -22.56
C LEU C 408 -18.70 44.16 -22.56
N GLU C 409 -19.52 44.40 -23.58
CA GLU C 409 -20.32 45.65 -23.73
C GLU C 409 -21.60 45.54 -22.89
N HIS C 410 -21.86 44.37 -22.29
CA HIS C 410 -22.80 44.19 -21.16
C HIS C 410 -22.23 44.87 -19.91
N ALA C 411 -20.92 44.73 -19.69
CA ALA C 411 -20.19 45.20 -18.48
C ALA C 411 -19.98 46.72 -18.55
N ARG C 412 -19.83 47.28 -19.76
CA ARG C 412 -19.75 48.76 -19.99
C ARG C 412 -21.12 49.41 -19.79
N SER C 413 -22.19 48.60 -19.72
CA SER C 413 -23.60 49.03 -19.85
C SER C 413 -24.33 48.98 -18.50
N SER C 414 -24.22 47.87 -17.75
CA SER C 414 -24.95 47.62 -16.49
C SER C 414 -24.55 48.66 -15.43
N PRO C 415 -25.52 49.25 -14.70
CA PRO C 415 -25.21 50.29 -13.71
C PRO C 415 -24.43 49.75 -12.51
N SER C 416 -24.71 48.52 -12.08
CA SER C 416 -24.08 47.84 -10.92
C SER C 416 -22.64 47.43 -11.26
N LEU C 417 -22.35 47.16 -12.54
CA LEU C 417 -21.01 46.75 -13.03
C LEU C 417 -20.16 47.99 -13.33
N THR C 418 -18.83 47.82 -13.34
CA THR C 418 -17.84 48.85 -13.73
C THR C 418 -16.58 48.14 -14.25
N ILE C 419 -16.11 48.51 -15.44
CA ILE C 419 -14.90 47.93 -16.09
C ILE C 419 -13.67 48.68 -15.58
N LEU C 420 -12.73 47.97 -14.97
CA LEU C 420 -11.49 48.51 -14.35
C LEU C 420 -10.34 48.45 -15.37
N ALA C 421 -10.23 47.33 -16.09
CA ALA C 421 -9.27 47.14 -17.21
C ALA C 421 -9.92 46.31 -18.31
N GLY C 422 -9.26 46.20 -19.47
CA GLY C 422 -9.80 45.55 -20.68
C GLY C 422 -10.95 46.36 -21.28
N GLY C 423 -12.02 45.68 -21.72
CA GLY C 423 -13.26 46.30 -22.19
C GLY C 423 -13.52 46.05 -23.67
N LYS C 424 -12.48 46.16 -24.51
CA LYS C 424 -12.56 46.03 -25.99
C LYS C 424 -12.01 44.67 -26.42
N CYS C 425 -12.30 44.27 -27.66
CA CYS C 425 -11.77 43.06 -28.34
C CYS C 425 -11.61 43.33 -29.83
N ASP C 426 -10.89 42.47 -30.55
CA ASP C 426 -10.54 42.65 -31.98
C ASP C 426 -10.44 41.28 -32.67
N ASP C 427 -11.00 41.15 -33.88
CA ASP C 427 -10.99 39.91 -34.70
C ASP C 427 -10.61 40.25 -36.15
N SER C 428 -9.72 41.22 -36.34
CA SER C 428 -9.22 41.66 -37.67
C SER C 428 -8.33 40.58 -38.29
N VAL C 429 -7.45 39.96 -37.48
CA VAL C 429 -6.52 38.86 -37.90
C VAL C 429 -6.72 37.65 -36.98
N GLY C 430 -6.87 37.87 -35.66
CA GLY C 430 -7.16 36.81 -34.67
C GLY C 430 -8.18 37.27 -33.64
N TYR C 431 -8.92 36.33 -33.03
CA TYR C 431 -10.00 36.59 -32.05
C TYR C 431 -9.39 37.02 -30.70
N PHE C 432 -8.79 38.21 -30.66
CA PHE C 432 -8.07 38.75 -29.48
C PHE C 432 -9.05 39.50 -28.57
N VAL C 433 -9.18 39.02 -27.32
CA VAL C 433 -9.93 39.69 -26.22
C VAL C 433 -8.92 40.07 -25.12
N GLU C 434 -9.01 41.29 -24.60
CA GLU C 434 -8.16 41.81 -23.51
C GLU C 434 -8.50 41.08 -22.22
N PRO C 435 -7.56 40.96 -21.25
CA PRO C 435 -7.92 40.58 -19.89
C PRO C 435 -8.76 41.70 -19.26
N CYS C 436 -10.04 41.45 -19.03
CA CYS C 436 -11.01 42.43 -18.47
C CYS C 436 -11.31 42.10 -17.01
N ILE C 437 -11.20 43.09 -16.12
CA ILE C 437 -11.57 43.00 -14.67
C ILE C 437 -12.83 43.84 -14.46
N VAL C 438 -13.91 43.22 -13.98
CA VAL C 438 -15.22 43.87 -13.68
C VAL C 438 -15.43 43.86 -12.16
N GLU C 439 -15.89 44.97 -11.60
CA GLU C 439 -16.39 45.06 -10.20
C GLU C 439 -17.92 45.14 -10.22
N SER C 440 -18.58 44.33 -9.39
CA SER C 440 -20.06 44.27 -9.22
C SER C 440 -20.43 44.66 -7.79
N LYS C 441 -21.35 45.61 -7.63
CA LYS C 441 -21.94 46.02 -6.32
C LYS C 441 -23.07 45.04 -5.96
N ASP C 442 -23.61 44.35 -6.96
CA ASP C 442 -24.62 43.26 -6.81
C ASP C 442 -23.91 41.91 -6.90
N PRO C 443 -23.75 41.17 -5.78
CA PRO C 443 -23.07 39.89 -5.80
C PRO C 443 -23.84 38.75 -6.51
N GLN C 444 -25.15 38.94 -6.77
CA GLN C 444 -25.99 37.99 -7.55
C GLN C 444 -26.31 38.61 -8.92
N GLU C 445 -25.27 38.93 -9.70
CA GLU C 445 -25.38 39.46 -11.09
C GLU C 445 -25.01 38.34 -12.07
N PRO C 446 -25.72 38.20 -13.20
CA PRO C 446 -25.36 37.21 -14.23
C PRO C 446 -23.87 36.94 -14.45
N ILE C 447 -23.01 37.98 -14.42
CA ILE C 447 -21.54 37.84 -14.66
C ILE C 447 -20.89 37.14 -13.46
N MET C 448 -21.57 37.09 -12.32
CA MET C 448 -21.11 36.38 -11.09
C MET C 448 -21.57 34.92 -11.08
N LYS C 449 -22.46 34.51 -11.99
CA LYS C 449 -23.11 33.16 -11.92
C LYS C 449 -23.27 32.47 -13.29
N GLU C 450 -22.96 33.13 -14.42
CA GLU C 450 -23.07 32.51 -15.77
C GLU C 450 -21.67 32.37 -16.39
N GLU C 451 -21.36 31.18 -16.91
CA GLU C 451 -20.02 30.81 -17.46
C GLU C 451 -19.83 31.50 -18.82
N ILE C 452 -18.70 32.20 -18.98
CA ILE C 452 -18.36 33.02 -20.20
C ILE C 452 -17.41 32.21 -21.09
N PHE C 453 -16.56 31.37 -20.49
CA PHE C 453 -15.42 30.68 -21.15
C PHE C 453 -14.57 31.74 -21.87
N GLY C 454 -14.26 32.83 -21.17
CA GLY C 454 -13.51 33.98 -21.68
C GLY C 454 -12.71 34.68 -20.58
N PRO C 455 -11.84 35.65 -20.94
CA PRO C 455 -10.95 36.29 -19.98
C PRO C 455 -11.60 37.51 -19.31
N VAL C 456 -12.68 37.28 -18.54
CA VAL C 456 -13.44 38.32 -17.80
C VAL C 456 -13.53 37.90 -16.33
N LEU C 457 -12.74 38.54 -15.47
CA LEU C 457 -12.68 38.31 -14.01
C LEU C 457 -13.66 39.27 -13.31
N SER C 458 -14.74 38.73 -12.72
CA SER C 458 -15.73 39.49 -11.93
C SER C 458 -15.24 39.61 -10.48
N VAL C 459 -15.44 40.78 -9.86
CA VAL C 459 -15.04 41.09 -8.46
C VAL C 459 -16.29 41.54 -7.70
N TYR C 460 -16.55 40.95 -6.53
CA TYR C 460 -17.47 41.49 -5.49
C TYR C 460 -16.64 41.77 -4.22
N VAL C 461 -16.76 42.99 -3.69
CA VAL C 461 -16.06 43.45 -2.46
C VAL C 461 -17.02 43.30 -1.29
N TYR C 462 -16.77 42.32 -0.42
CA TYR C 462 -17.64 41.95 0.73
C TYR C 462 -17.21 42.73 1.97
N PRO C 463 -18.15 43.15 2.85
CA PRO C 463 -17.79 43.78 4.12
C PRO C 463 -17.06 42.79 5.05
N ASP C 464 -15.93 43.20 5.62
CA ASP C 464 -15.10 42.38 6.54
C ASP C 464 -15.93 42.02 7.77
N ASP C 465 -16.89 42.88 8.15
CA ASP C 465 -17.86 42.68 9.25
C ASP C 465 -18.56 41.32 9.09
N LYS C 466 -18.79 40.89 7.84
CA LYS C 466 -19.53 39.65 7.49
C LYS C 466 -18.75 38.88 6.42
N TYR C 467 -17.81 38.02 6.85
CA TYR C 467 -17.07 37.07 5.98
C TYR C 467 -17.79 35.71 6.02
N LYS C 468 -18.44 35.39 7.15
CA LYS C 468 -19.15 34.10 7.39
C LYS C 468 -20.36 34.01 6.46
N GLU C 469 -21.02 35.15 6.21
CA GLU C 469 -22.33 35.25 5.50
C GLU C 469 -22.10 35.25 3.99
N THR C 470 -21.01 35.88 3.52
CA THR C 470 -20.63 35.95 2.09
C THR C 470 -19.88 34.67 1.69
N LEU C 471 -19.32 33.95 2.66
CA LEU C 471 -18.76 32.59 2.48
C LEU C 471 -19.91 31.64 2.12
N GLN C 472 -21.07 31.83 2.76
CA GLN C 472 -22.33 31.09 2.47
C GLN C 472 -22.89 31.57 1.12
N LEU C 473 -22.62 32.82 0.74
CA LEU C 473 -23.14 33.44 -0.52
C LEU C 473 -22.32 32.96 -1.72
N VAL C 474 -21.02 32.70 -1.54
CA VAL C 474 -20.14 32.04 -2.55
C VAL C 474 -20.79 30.71 -2.94
N ASP C 475 -21.27 29.95 -1.95
CA ASP C 475 -21.82 28.59 -2.09
C ASP C 475 -23.14 28.61 -2.86
N SER C 476 -23.94 29.68 -2.71
CA SER C 476 -25.36 29.74 -3.16
C SER C 476 -25.53 30.58 -4.44
N THR C 477 -24.56 31.44 -4.78
CA THR C 477 -24.65 32.40 -5.92
C THR C 477 -24.92 31.65 -7.23
N THR C 478 -24.09 30.64 -7.54
CA THR C 478 -24.05 29.95 -8.86
C THR C 478 -24.66 28.56 -8.76
N SER C 479 -24.87 27.90 -9.90
CA SER C 479 -25.45 26.54 -10.04
C SER C 479 -24.34 25.48 -10.17
N TYR C 480 -23.09 25.93 -10.32
CA TYR C 480 -21.90 25.07 -10.57
C TYR C 480 -21.19 24.76 -9.25
N GLY C 481 -20.27 23.79 -9.27
CA GLY C 481 -19.46 23.38 -8.11
C GLY C 481 -18.19 22.65 -8.51
N LEU C 482 -17.44 23.21 -9.47
CA LEU C 482 -16.25 22.56 -10.07
C LEU C 482 -15.00 22.87 -9.24
N THR C 483 -14.45 24.09 -9.34
CA THR C 483 -13.22 24.51 -8.62
C THR C 483 -13.50 25.77 -7.78
N GLY C 484 -12.61 26.03 -6.82
CA GLY C 484 -12.66 27.20 -5.92
C GLY C 484 -11.43 27.25 -5.03
N ALA C 485 -11.01 28.45 -4.64
CA ALA C 485 -9.80 28.70 -3.83
C ALA C 485 -10.14 29.59 -2.63
N VAL C 486 -9.49 29.34 -1.49
CA VAL C 486 -9.51 30.21 -0.28
C VAL C 486 -8.07 30.64 0.02
N PHE C 487 -7.81 31.95 -0.01
CA PHE C 487 -6.51 32.56 0.37
C PHE C 487 -6.64 33.14 1.78
N SER C 488 -5.87 32.59 2.73
CA SER C 488 -5.84 32.99 4.16
C SER C 488 -4.71 32.26 4.89
N GLN C 489 -3.88 33.00 5.63
CA GLN C 489 -2.80 32.45 6.50
C GLN C 489 -3.40 32.08 7.86
N ASP C 490 -4.56 32.65 8.21
CA ASP C 490 -5.36 32.27 9.40
C ASP C 490 -5.93 30.86 9.16
N LYS C 491 -5.55 29.89 9.99
CA LYS C 491 -5.92 28.45 9.85
C LYS C 491 -7.39 28.27 10.26
N ASP C 492 -7.91 29.09 11.17
CA ASP C 492 -9.27 28.93 11.75
C ASP C 492 -10.35 29.24 10.69
N VAL C 493 -10.06 30.06 9.68
CA VAL C 493 -11.03 30.45 8.62
C VAL C 493 -11.01 29.40 7.50
N VAL C 494 -9.84 28.88 7.13
CA VAL C 494 -9.69 27.88 6.03
C VAL C 494 -10.29 26.54 6.49
N GLN C 495 -10.29 26.27 7.79
CA GLN C 495 -10.90 25.04 8.39
C GLN C 495 -12.41 25.24 8.52
N GLU C 496 -12.88 26.50 8.60
CA GLU C 496 -14.33 26.85 8.57
C GLU C 496 -14.79 26.99 7.11
N ALA C 497 -13.90 27.43 6.22
CA ALA C 497 -14.17 27.60 4.77
C ALA C 497 -14.41 26.23 4.14
N THR C 498 -13.57 25.24 4.46
CA THR C 498 -13.69 23.83 3.99
C THR C 498 -15.04 23.25 4.41
N LYS C 499 -15.55 23.61 5.59
CA LYS C 499 -16.83 23.11 6.16
C LYS C 499 -18.00 23.62 5.31
N VAL C 500 -18.06 24.94 5.07
CA VAL C 500 -19.25 25.62 4.48
C VAL C 500 -19.16 25.58 2.93
N LEU C 501 -17.96 25.47 2.36
CA LEU C 501 -17.72 25.38 0.89
C LEU C 501 -17.57 23.92 0.47
N ARG C 502 -18.08 22.97 1.26
CA ARG C 502 -17.87 21.51 1.09
C ARG C 502 -18.33 21.07 -0.32
N ASN C 503 -19.49 21.54 -0.77
CA ASN C 503 -20.12 21.14 -2.07
C ASN C 503 -20.05 22.32 -3.08
N ALA C 504 -19.39 23.42 -2.71
CA ALA C 504 -19.20 24.61 -3.57
C ALA C 504 -18.10 24.36 -4.61
N ALA C 505 -17.23 23.37 -4.37
CA ALA C 505 -16.08 23.03 -5.23
C ALA C 505 -15.69 21.57 -5.04
N GLY C 506 -15.58 20.82 -6.15
CA GLY C 506 -15.04 19.45 -6.19
C GLY C 506 -13.52 19.44 -6.10
N ASN C 507 -12.88 20.45 -6.70
CA ASN C 507 -11.42 20.70 -6.57
C ASN C 507 -11.21 21.97 -5.74
N PHE C 508 -11.08 21.80 -4.42
CA PHE C 508 -10.83 22.90 -3.43
C PHE C 508 -9.33 23.20 -3.42
N TYR C 509 -8.98 24.46 -3.12
CA TYR C 509 -7.58 24.97 -3.07
C TYR C 509 -7.42 25.91 -1.88
N ILE C 510 -6.33 25.74 -1.11
CA ILE C 510 -5.94 26.64 0.02
C ILE C 510 -4.60 27.29 -0.31
N ASN C 511 -4.62 28.60 -0.57
CA ASN C 511 -3.45 29.44 -0.95
C ASN C 511 -2.80 28.86 -2.22
N ASP C 512 -3.62 28.47 -3.20
CA ASP C 512 -3.19 28.15 -4.58
C ASP C 512 -4.35 28.49 -5.53
N LYS C 513 -4.05 28.67 -6.82
CA LYS C 513 -5.02 29.06 -7.88
C LYS C 513 -5.97 27.89 -8.16
N SER C 514 -7.04 28.15 -8.93
CA SER C 514 -8.19 27.24 -9.14
C SER C 514 -7.94 26.28 -10.31
N THR C 515 -7.02 26.61 -11.22
CA THR C 515 -6.65 25.80 -12.40
C THR C 515 -5.45 24.91 -12.06
N GLY C 516 -4.99 24.12 -13.04
CA GLY C 516 -3.77 23.30 -12.95
C GLY C 516 -3.94 22.11 -12.02
N SER C 517 -5.03 21.36 -12.18
CA SER C 517 -5.25 20.04 -11.52
C SER C 517 -4.31 19.02 -12.15
N ILE C 518 -3.20 18.70 -11.45
CA ILE C 518 -2.19 17.70 -11.91
C ILE C 518 -2.76 16.30 -11.62
N VAL C 519 -2.47 15.35 -12.50
CA VAL C 519 -2.99 13.95 -12.45
C VAL C 519 -2.35 13.24 -11.26
N GLY C 520 -3.14 12.47 -10.51
CA GLY C 520 -2.67 11.66 -9.36
C GLY C 520 -2.59 12.45 -8.07
N GLN C 521 -2.62 13.79 -8.14
CA GLN C 521 -2.47 14.72 -6.99
C GLN C 521 -3.81 15.42 -6.75
N GLN C 522 -4.35 16.07 -7.78
CA GLN C 522 -5.71 16.67 -7.77
C GLN C 522 -6.55 16.03 -8.87
N PRO C 523 -7.16 14.84 -8.63
CA PRO C 523 -8.15 14.29 -9.55
C PRO C 523 -9.24 15.33 -9.82
N PHE C 524 -9.41 15.71 -11.09
CA PHE C 524 -10.26 16.85 -11.52
C PHE C 524 -11.71 16.39 -11.67
N GLY C 525 -12.66 17.19 -11.16
CA GLY C 525 -14.11 16.93 -11.24
C GLY C 525 -14.88 17.62 -10.12
N GLY C 526 -16.12 17.99 -10.38
CA GLY C 526 -17.02 18.64 -9.41
C GLY C 526 -18.49 18.32 -9.69
N ALA C 527 -19.31 18.32 -8.64
CA ALA C 527 -20.76 17.97 -8.68
C ALA C 527 -21.58 19.22 -9.02
N ARG C 528 -22.82 19.30 -8.52
CA ARG C 528 -23.84 20.31 -8.92
C ARG C 528 -23.98 20.26 -10.44
N ALA C 529 -24.02 21.42 -11.13
CA ALA C 529 -24.27 21.53 -12.59
C ALA C 529 -22.98 21.27 -13.38
N SER C 530 -21.84 21.07 -12.71
CA SER C 530 -20.51 20.87 -13.34
C SER C 530 -20.35 19.43 -13.83
N GLY C 531 -21.28 18.54 -13.51
CA GLY C 531 -21.38 17.20 -14.11
C GLY C 531 -21.42 16.08 -13.08
N THR C 532 -21.12 14.85 -13.51
CA THR C 532 -21.31 13.58 -12.74
C THR C 532 -20.23 13.44 -11.66
N ASN C 533 -19.09 14.09 -11.82
CA ASN C 533 -17.95 14.08 -10.85
C ASN C 533 -17.43 12.64 -10.71
N ASP C 534 -16.96 12.06 -11.81
CA ASP C 534 -16.37 10.69 -11.87
C ASP C 534 -14.85 10.78 -11.66
N LYS C 535 -14.33 11.99 -11.44
CA LYS C 535 -12.92 12.28 -11.04
C LYS C 535 -11.93 11.66 -12.01
N PRO C 536 -11.84 12.20 -13.26
CA PRO C 536 -10.65 12.00 -14.08
C PRO C 536 -9.38 12.43 -13.35
N GLY C 537 -8.29 11.66 -13.52
CA GLY C 537 -7.00 11.89 -12.86
C GLY C 537 -6.88 11.14 -11.54
N GLY C 538 -7.97 10.47 -11.13
CA GLY C 538 -8.05 9.69 -9.87
C GLY C 538 -8.17 8.20 -10.16
N PRO C 539 -8.06 7.34 -9.11
CA PRO C 539 -8.10 5.89 -9.29
C PRO C 539 -9.48 5.27 -9.57
N HIS C 540 -10.56 6.06 -9.53
CA HIS C 540 -11.97 5.58 -9.58
C HIS C 540 -12.64 5.90 -10.93
N TYR C 541 -11.98 6.67 -11.80
CA TYR C 541 -12.53 7.10 -13.12
C TYR C 541 -12.77 5.88 -14.01
N ILE C 542 -11.83 4.93 -14.00
CA ILE C 542 -11.80 3.74 -14.91
C ILE C 542 -12.92 2.75 -14.55
N LEU C 543 -13.50 2.85 -13.35
CA LEU C 543 -14.59 1.95 -12.86
C LEU C 543 -15.88 2.22 -13.65
N ARG C 544 -16.02 3.41 -14.23
CA ARG C 544 -17.20 3.82 -15.06
C ARG C 544 -17.18 3.08 -16.40
N TRP C 545 -16.02 2.53 -16.80
CA TRP C 545 -15.81 1.90 -18.14
C TRP C 545 -15.45 0.41 -17.99
N THR C 546 -15.56 -0.15 -16.78
CA THR C 546 -15.55 -1.61 -16.52
C THR C 546 -16.90 -2.01 -15.92
N SER C 547 -17.50 -3.08 -16.45
CA SER C 547 -18.67 -3.79 -15.89
C SER C 547 -18.20 -5.14 -15.36
N PRO C 548 -17.80 -5.24 -14.07
CA PRO C 548 -17.09 -6.43 -13.59
C PRO C 548 -17.94 -7.70 -13.59
N GLN C 549 -17.27 -8.86 -13.67
CA GLN C 549 -17.86 -10.21 -13.54
C GLN C 549 -17.05 -11.00 -12.51
N VAL C 550 -17.71 -11.59 -11.51
CA VAL C 550 -17.05 -12.52 -10.54
C VAL C 550 -17.43 -13.96 -10.92
N ILE C 551 -16.44 -14.82 -11.10
CA ILE C 551 -16.62 -16.29 -11.35
C ILE C 551 -16.32 -17.03 -10.05
N LYS C 552 -17.01 -18.14 -9.81
CA LYS C 552 -16.82 -19.02 -8.62
C LYS C 552 -16.63 -20.46 -9.12
N GLU C 553 -15.45 -21.04 -8.83
CA GLU C 553 -15.09 -22.43 -9.24
C GLU C 553 -14.99 -23.31 -7.98
N THR C 554 -15.99 -24.16 -7.76
CA THR C 554 -16.04 -25.13 -6.63
C THR C 554 -15.26 -26.39 -7.04
N HIS C 555 -14.24 -26.76 -6.25
CA HIS C 555 -13.28 -27.85 -6.55
C HIS C 555 -13.89 -29.22 -6.25
N LYS C 556 -14.68 -29.33 -5.19
CA LYS C 556 -15.33 -30.60 -4.74
C LYS C 556 -16.82 -30.56 -5.08
N PRO C 557 -17.48 -31.72 -5.32
CA PRO C 557 -18.92 -31.75 -5.59
C PRO C 557 -19.75 -31.24 -4.41
N LEU C 558 -21.04 -30.97 -4.65
CA LEU C 558 -21.97 -30.34 -3.67
C LEU C 558 -22.34 -31.37 -2.60
N GLY C 559 -22.85 -32.53 -3.03
CA GLY C 559 -23.48 -33.55 -2.15
C GLY C 559 -24.99 -33.53 -2.32
N ASP C 560 -25.73 -33.62 -1.21
CA ASP C 560 -27.22 -33.61 -1.17
C ASP C 560 -27.74 -32.24 -1.64
N TRP C 561 -29.01 -32.18 -2.03
CA TRP C 561 -29.73 -30.97 -2.52
C TRP C 561 -30.43 -30.26 -1.35
N SER C 562 -30.19 -30.72 -0.12
CA SER C 562 -30.77 -30.16 1.13
C SER C 562 -29.69 -30.15 2.23
N TYR C 563 -30.12 -29.98 3.48
CA TYR C 563 -29.27 -29.76 4.68
C TYR C 563 -29.67 -30.77 5.77
N ALA C 564 -29.45 -30.42 7.05
CA ALA C 564 -29.82 -31.24 8.22
C ALA C 564 -30.96 -30.59 9.02
N TYR C 565 -31.40 -29.37 8.64
CA TYR C 565 -32.46 -28.61 9.35
C TYR C 565 -33.84 -29.22 9.07
N MET C 566 -33.89 -30.27 8.24
CA MET C 566 -35.13 -31.03 7.89
C MET C 566 -34.87 -32.52 8.13
N ALA D 24 3.99 24.53 9.28
CA ALA D 24 3.90 24.89 7.83
C ALA D 24 4.48 23.76 6.97
N GLY D 25 3.60 22.96 6.34
CA GLY D 25 3.98 21.90 5.38
C GLY D 25 3.72 20.51 5.92
N LEU D 26 4.07 20.26 7.19
CA LEU D 26 3.97 18.93 7.84
C LEU D 26 2.51 18.68 8.25
N ARG D 27 1.86 17.69 7.63
CA ARG D 27 0.45 17.31 7.89
C ARG D 27 0.38 15.86 8.37
N TRP D 28 -0.02 15.65 9.62
CA TRP D 28 -0.36 14.32 10.20
C TRP D 28 -1.67 13.82 9.58
N LYS D 29 -1.64 12.72 8.84
CA LYS D 29 -2.84 12.08 8.23
C LYS D 29 -3.14 10.77 8.96
N HIS D 30 -4.37 10.62 9.47
CA HIS D 30 -4.87 9.44 10.22
C HIS D 30 -5.79 8.62 9.31
N THR D 31 -5.56 7.31 9.22
CA THR D 31 -6.37 6.35 8.41
C THR D 31 -6.52 5.04 9.20
N SER D 32 -7.74 4.50 9.25
CA SER D 32 -8.10 3.27 10.02
C SER D 32 -8.45 2.13 9.06
N SER D 33 -8.03 0.92 9.41
CA SER D 33 -8.34 -0.36 8.70
C SER D 33 -9.45 -1.10 9.45
N LEU D 34 -10.47 -1.57 8.73
CA LEU D 34 -11.51 -2.48 9.25
C LEU D 34 -11.24 -3.89 8.73
N LYS D 35 -11.32 -4.88 9.62
CA LYS D 35 -11.13 -6.33 9.31
C LYS D 35 -12.42 -7.07 9.69
N VAL D 36 -13.11 -7.63 8.70
CA VAL D 36 -14.42 -8.32 8.88
C VAL D 36 -14.41 -9.64 8.08
N ALA D 37 -15.09 -10.66 8.60
CA ALA D 37 -15.31 -11.97 7.94
C ALA D 37 -16.80 -12.12 7.62
N ASN D 38 -17.14 -13.17 6.86
CA ASN D 38 -18.54 -13.56 6.55
C ASN D 38 -19.17 -14.15 7.80
N GLU D 39 -20.35 -13.65 8.20
CA GLU D 39 -21.18 -14.27 9.26
C GLU D 39 -21.45 -15.72 8.87
N PRO D 40 -21.04 -16.72 9.70
CA PRO D 40 -21.23 -18.12 9.35
C PRO D 40 -22.72 -18.50 9.43
N VAL D 41 -23.19 -19.32 8.48
CA VAL D 41 -24.58 -19.84 8.44
C VAL D 41 -24.70 -20.93 9.51
N LEU D 42 -25.69 -20.81 10.40
CA LEU D 42 -25.87 -21.72 11.57
C LEU D 42 -26.47 -23.04 11.09
N ALA D 43 -26.25 -24.12 11.84
CA ALA D 43 -26.69 -25.50 11.52
C ALA D 43 -28.22 -25.58 11.54
N PHE D 44 -28.85 -25.10 12.62
CA PHE D 44 -30.30 -25.18 12.91
C PHE D 44 -30.73 -26.66 12.96
N THR D 45 -29.98 -27.47 13.72
CA THR D 45 -30.31 -28.90 14.01
C THR D 45 -31.32 -28.95 15.16
N GLN D 46 -32.06 -30.07 15.29
CA GLN D 46 -33.04 -30.28 16.39
C GLN D 46 -32.28 -30.36 17.71
N GLY D 47 -32.60 -29.47 18.66
CA GLY D 47 -31.94 -29.37 19.98
C GLY D 47 -30.89 -28.27 20.02
N SER D 48 -30.64 -27.60 18.89
CA SER D 48 -29.69 -26.46 18.76
C SER D 48 -30.28 -25.22 19.42
N PRO D 49 -29.45 -24.36 20.06
CA PRO D 49 -29.95 -23.13 20.68
C PRO D 49 -30.49 -22.09 19.69
N GLU D 50 -30.07 -22.16 18.41
CA GLU D 50 -30.48 -21.20 17.34
C GLU D 50 -31.86 -21.58 16.80
N ARG D 51 -32.20 -22.87 16.74
CA ARG D 51 -33.51 -23.38 16.24
C ARG D 51 -34.60 -23.07 17.27
N ASP D 52 -34.32 -23.33 18.56
CA ASP D 52 -35.28 -23.15 19.68
C ASP D 52 -35.55 -21.66 19.92
N ALA D 53 -34.54 -20.81 19.74
CA ALA D 53 -34.65 -19.33 19.81
C ALA D 53 -35.59 -18.85 18.69
N LEU D 54 -35.53 -19.49 17.52
CA LEU D 54 -36.38 -19.18 16.34
C LEU D 54 -37.78 -19.78 16.53
N GLN D 55 -37.86 -21.03 16.98
CA GLN D 55 -39.14 -21.75 17.25
C GLN D 55 -39.98 -20.92 18.24
N LYS D 56 -39.33 -20.37 19.26
CA LYS D 56 -39.94 -19.45 20.26
C LYS D 56 -40.38 -18.15 19.55
N ALA D 57 -39.50 -17.59 18.71
CA ALA D 57 -39.71 -16.32 17.99
C ALA D 57 -40.89 -16.44 17.02
N LEU D 58 -41.09 -17.62 16.43
CA LEU D 58 -42.18 -17.91 15.44
C LEU D 58 -43.54 -17.93 16.14
N LYS D 59 -43.57 -18.21 17.45
CA LYS D 59 -44.83 -18.36 18.25
C LYS D 59 -45.54 -17.01 18.39
N ASP D 60 -44.79 -15.90 18.41
CA ASP D 60 -45.30 -14.54 18.74
C ASP D 60 -46.17 -14.01 17.59
N LEU D 61 -45.79 -14.30 16.34
CA LEU D 61 -46.28 -13.61 15.11
C LEU D 61 -47.46 -14.38 14.49
N LYS D 62 -47.98 -15.40 15.17
CA LYS D 62 -49.14 -16.22 14.71
C LYS D 62 -50.44 -15.44 14.96
N GLY D 63 -50.65 -15.00 16.20
CA GLY D 63 -51.87 -14.27 16.63
C GLY D 63 -51.72 -12.77 16.46
N ARG D 64 -50.51 -12.25 16.63
CA ARG D 64 -50.22 -10.79 16.70
C ARG D 64 -50.02 -10.23 15.28
N MET D 65 -50.65 -9.08 15.00
CA MET D 65 -50.48 -8.28 13.76
C MET D 65 -49.89 -6.92 14.13
N GLU D 66 -48.69 -6.60 13.62
CA GLU D 66 -47.90 -5.41 14.01
C GLU D 66 -48.39 -4.18 13.24
N ALA D 67 -48.58 -3.06 13.94
CA ALA D 67 -48.98 -1.74 13.38
C ALA D 67 -47.72 -0.98 12.97
N ILE D 68 -47.22 -1.22 11.75
CA ILE D 68 -45.98 -0.59 11.18
C ILE D 68 -46.35 0.79 10.63
N PRO D 69 -45.87 1.89 11.27
CA PRO D 69 -46.16 3.24 10.78
C PRO D 69 -45.14 3.74 9.75
N CYS D 70 -45.47 4.85 9.07
CA CYS D 70 -44.50 5.75 8.41
C CYS D 70 -43.83 6.59 9.51
N VAL D 71 -42.50 6.78 9.43
CA VAL D 71 -41.71 7.51 10.47
C VAL D 71 -40.75 8.47 9.78
N VAL D 72 -40.96 9.79 9.98
CA VAL D 72 -40.02 10.87 9.58
C VAL D 72 -39.34 11.40 10.85
N GLY D 73 -38.01 11.33 10.90
CA GLY D 73 -37.23 11.60 12.13
C GLY D 73 -37.55 10.58 13.20
N ASP D 74 -37.97 11.03 14.39
CA ASP D 74 -38.30 10.18 15.56
C ASP D 74 -39.81 9.88 15.57
N GLU D 75 -40.64 10.81 15.08
CA GLU D 75 -42.13 10.73 15.15
C GLU D 75 -42.64 9.66 14.17
N GLU D 76 -43.65 8.89 14.60
CA GLU D 76 -44.35 7.85 13.81
C GLU D 76 -45.69 8.44 13.34
N VAL D 77 -45.93 8.48 12.02
CA VAL D 77 -47.17 9.05 11.41
C VAL D 77 -47.98 7.94 10.76
N TRP D 78 -49.30 8.14 10.67
CA TRP D 78 -50.27 7.20 10.03
C TRP D 78 -51.10 7.96 8.99
N THR D 79 -51.46 7.29 7.89
CA THR D 79 -52.29 7.83 6.78
C THR D 79 -53.56 7.00 6.64
N SER D 80 -54.58 7.56 5.97
CA SER D 80 -55.90 6.93 5.73
C SER D 80 -55.75 5.74 4.78
N ASP D 81 -54.81 5.82 3.82
CA ASP D 81 -54.50 4.74 2.86
C ASP D 81 -53.76 3.61 3.60
N VAL D 82 -54.50 2.84 4.40
CA VAL D 82 -53.98 1.73 5.25
C VAL D 82 -53.94 0.46 4.39
N GLN D 83 -52.74 -0.13 4.22
CA GLN D 83 -52.52 -1.41 3.51
C GLN D 83 -52.20 -2.50 4.53
N TYR D 84 -52.48 -3.77 4.20
CA TYR D 84 -52.27 -4.95 5.07
C TYR D 84 -51.34 -5.93 4.37
N GLN D 85 -50.11 -6.11 4.89
CA GLN D 85 -49.21 -7.21 4.49
C GLN D 85 -49.77 -8.52 5.05
N VAL D 86 -49.94 -9.53 4.20
CA VAL D 86 -50.43 -10.89 4.57
C VAL D 86 -49.24 -11.84 4.61
N SER D 87 -49.45 -13.06 5.10
CA SER D 87 -48.48 -14.20 5.02
C SER D 87 -48.72 -14.95 3.72
N PRO D 88 -47.65 -15.38 3.00
CA PRO D 88 -47.83 -16.08 1.72
C PRO D 88 -48.39 -17.51 1.86
N PHE D 89 -48.10 -18.20 2.97
CA PHE D 89 -48.59 -19.57 3.27
C PHE D 89 -49.91 -19.51 4.04
N ASN D 90 -50.48 -18.31 4.21
CA ASN D 90 -51.80 -18.08 4.86
C ASN D 90 -52.24 -16.63 4.58
N HIS D 91 -52.95 -16.39 3.47
CA HIS D 91 -53.44 -15.05 3.05
C HIS D 91 -54.65 -14.64 3.89
N GLY D 92 -55.01 -15.45 4.90
CA GLY D 92 -55.97 -15.09 5.97
C GLY D 92 -55.30 -14.32 7.09
N HIS D 93 -54.11 -14.75 7.52
CA HIS D 93 -53.32 -14.11 8.59
C HIS D 93 -52.72 -12.80 8.07
N LYS D 94 -53.41 -11.67 8.33
CA LYS D 94 -52.90 -10.30 8.11
C LYS D 94 -51.75 -10.10 9.09
N VAL D 95 -50.50 -10.20 8.62
CA VAL D 95 -49.28 -10.32 9.48
C VAL D 95 -48.81 -8.92 9.92
N ALA D 96 -49.08 -7.89 9.12
CA ALA D 96 -48.72 -6.48 9.42
C ALA D 96 -49.80 -5.52 8.92
N LYS D 97 -50.10 -4.48 9.70
CA LYS D 97 -50.88 -3.29 9.29
C LYS D 97 -49.89 -2.14 9.10
N PHE D 98 -49.77 -1.63 7.86
CA PHE D 98 -48.95 -0.43 7.51
C PHE D 98 -49.82 0.53 6.69
N CYS D 99 -49.22 1.63 6.21
CA CYS D 99 -49.94 2.70 5.47
C CYS D 99 -49.04 3.27 4.35
N TYR D 100 -49.66 3.99 3.41
CA TYR D 100 -49.04 4.59 2.20
C TYR D 100 -48.82 6.09 2.43
N ALA D 101 -47.57 6.53 2.39
CA ALA D 101 -47.15 7.94 2.48
C ALA D 101 -47.70 8.71 1.26
N ASP D 102 -48.47 9.77 1.50
CA ASP D 102 -49.06 10.64 0.44
C ASP D 102 -47.99 11.64 -0.03
N LYS D 103 -48.27 12.35 -1.14
CA LYS D 103 -47.33 13.26 -1.85
C LYS D 103 -46.77 14.31 -0.88
N SER D 104 -47.60 14.86 0.00
CA SER D 104 -47.26 16.01 0.90
C SER D 104 -46.37 15.53 2.06
N LEU D 105 -46.62 14.33 2.60
CA LEU D 105 -45.83 13.71 3.70
C LEU D 105 -44.45 13.33 3.18
N LEU D 106 -44.38 12.66 2.02
CA LEU D 106 -43.12 12.31 1.33
C LEU D 106 -42.28 13.57 1.10
N ASN D 107 -42.93 14.69 0.80
CA ASN D 107 -42.28 16.02 0.59
C ASN D 107 -41.69 16.52 1.92
N LYS D 108 -42.40 16.33 3.03
CA LYS D 108 -41.89 16.69 4.40
C LYS D 108 -40.71 15.80 4.74
N ALA D 109 -40.75 14.53 4.32
CA ALA D 109 -39.68 13.51 4.52
C ALA D 109 -38.40 13.94 3.79
N ILE D 110 -38.53 14.59 2.63
CA ILE D 110 -37.39 15.11 1.82
C ILE D 110 -36.77 16.31 2.55
N GLU D 111 -37.58 17.31 2.90
CA GLU D 111 -37.13 18.61 3.46
C GLU D 111 -36.49 18.41 4.85
N ALA D 112 -37.00 17.45 5.64
CA ALA D 112 -36.48 17.09 6.97
C ALA D 112 -35.17 16.31 6.82
N ALA D 113 -35.02 15.55 5.73
CA ALA D 113 -33.81 14.74 5.41
C ALA D 113 -32.63 15.68 5.10
N LEU D 114 -32.83 16.67 4.23
CA LEU D 114 -31.76 17.63 3.80
C LEU D 114 -31.30 18.44 5.01
N ALA D 115 -32.21 18.77 5.93
CA ALA D 115 -31.95 19.54 7.16
C ALA D 115 -30.86 18.85 7.99
N ALA D 116 -30.86 17.51 8.02
CA ALA D 116 -29.96 16.67 8.84
C ALA D 116 -28.76 16.16 8.02
N ARG D 117 -28.76 16.38 6.70
CA ARG D 117 -27.79 15.79 5.74
C ARG D 117 -26.37 16.30 6.04
N LYS D 118 -26.21 17.63 6.16
CA LYS D 118 -24.90 18.30 6.33
C LYS D 118 -24.18 17.75 7.57
N GLU D 119 -24.85 17.72 8.73
CA GLU D 119 -24.31 17.18 10.00
C GLU D 119 -23.90 15.72 9.79
N TRP D 120 -24.73 14.94 9.09
CA TRP D 120 -24.49 13.51 8.76
C TRP D 120 -23.31 13.39 7.79
N ASP D 121 -23.21 14.31 6.83
CA ASP D 121 -22.14 14.35 5.79
C ASP D 121 -20.78 14.61 6.46
N LEU D 122 -20.72 15.57 7.38
CA LEU D 122 -19.46 15.99 8.08
C LEU D 122 -19.16 15.04 9.25
N LYS D 123 -20.10 14.17 9.62
CA LYS D 123 -19.88 13.09 10.62
C LYS D 123 -18.89 12.09 10.02
N PRO D 124 -17.70 11.87 10.64
CA PRO D 124 -16.65 11.08 10.01
C PRO D 124 -17.06 9.61 9.84
N ILE D 125 -16.49 8.94 8.83
CA ILE D 125 -16.93 7.61 8.32
C ILE D 125 -16.93 6.56 9.46
N ALA D 126 -15.93 6.62 10.34
CA ALA D 126 -15.75 5.65 11.47
C ALA D 126 -16.98 5.65 12.37
N ASP D 127 -17.58 6.83 12.61
CA ASP D 127 -18.79 7.02 13.45
C ASP D 127 -20.01 6.45 12.71
N ARG D 128 -20.14 6.75 11.41
CA ARG D 128 -21.26 6.27 10.55
C ARG D 128 -21.15 4.74 10.39
N ALA D 129 -19.94 4.22 10.19
CA ALA D 129 -19.65 2.78 10.01
C ALA D 129 -20.02 2.00 11.28
N GLN D 130 -19.75 2.58 12.46
CA GLN D 130 -19.90 1.90 13.79
C GLN D 130 -21.39 1.65 14.07
N ILE D 131 -22.28 2.47 13.50
CA ILE D 131 -23.77 2.32 13.62
C ILE D 131 -24.16 1.00 12.95
N PHE D 132 -23.69 0.75 11.73
CA PHE D 132 -24.03 -0.43 10.91
C PHE D 132 -23.33 -1.68 11.47
N LEU D 133 -22.14 -1.53 12.06
CA LEU D 133 -21.41 -2.62 12.75
C LEU D 133 -22.16 -3.05 14.00
N LYS D 134 -22.71 -2.08 14.75
CA LYS D 134 -23.55 -2.31 15.96
C LYS D 134 -24.82 -3.07 15.54
N ALA D 135 -25.55 -2.54 14.55
CA ALA D 135 -26.78 -3.12 13.98
C ALA D 135 -26.51 -4.56 13.51
N ALA D 136 -25.34 -4.79 12.89
CA ALA D 136 -24.89 -6.10 12.38
C ALA D 136 -24.62 -7.05 13.54
N ASP D 137 -24.02 -6.54 14.63
CA ASP D 137 -23.66 -7.32 15.84
C ASP D 137 -24.93 -7.83 16.54
N MET D 138 -25.99 -7.03 16.58
CA MET D 138 -27.26 -7.38 17.27
C MET D 138 -28.17 -8.19 16.33
N LEU D 139 -28.00 -8.08 15.01
CA LEU D 139 -28.66 -8.96 14.01
C LEU D 139 -28.02 -10.35 14.08
N SER D 140 -26.72 -10.42 14.38
CA SER D 140 -25.95 -11.68 14.57
C SER D 140 -26.38 -12.36 15.88
N GLY D 141 -26.48 -11.58 16.98
CA GLY D 141 -26.66 -12.09 18.35
C GLY D 141 -28.14 -12.22 18.73
N PRO D 142 -28.67 -11.30 19.57
CA PRO D 142 -29.98 -11.48 20.19
C PRO D 142 -31.21 -11.41 19.25
N ARG D 143 -31.16 -10.51 18.25
CA ARG D 143 -32.31 -10.19 17.37
C ARG D 143 -32.21 -10.93 16.03
N ARG D 144 -31.47 -12.05 15.98
CA ARG D 144 -31.39 -12.95 14.80
C ARG D 144 -32.71 -13.72 14.68
N ALA D 145 -33.13 -14.37 15.77
CA ALA D 145 -34.39 -15.14 15.87
C ALA D 145 -35.56 -14.26 15.40
N GLU D 146 -35.66 -13.04 15.93
CA GLU D 146 -36.73 -12.06 15.59
C GLU D 146 -36.74 -11.82 14.07
N ILE D 147 -35.58 -11.52 13.48
CA ILE D 147 -35.48 -11.09 12.05
C ILE D 147 -35.69 -12.31 11.14
N LEU D 148 -35.24 -13.51 11.56
CA LEU D 148 -35.48 -14.77 10.80
C LEU D 148 -36.98 -15.06 10.77
N ALA D 149 -37.66 -15.00 11.92
CA ALA D 149 -39.10 -15.30 12.09
C ALA D 149 -39.94 -14.38 11.18
N LYS D 150 -39.62 -13.09 11.16
CA LYS D 150 -40.42 -12.04 10.45
C LYS D 150 -40.25 -12.15 8.93
N THR D 151 -39.19 -12.83 8.46
CA THR D 151 -38.92 -13.10 7.02
C THR D 151 -39.66 -14.37 6.57
N MET D 152 -39.84 -15.32 7.48
CA MET D 152 -40.59 -16.57 7.23
C MET D 152 -42.08 -16.24 7.06
N VAL D 153 -42.64 -15.47 8.00
CA VAL D 153 -44.10 -15.17 8.10
C VAL D 153 -44.42 -13.88 7.34
N GLY D 154 -43.40 -13.16 6.86
CA GLY D 154 -43.55 -11.94 6.06
C GLY D 154 -43.44 -12.20 4.57
N GLN D 155 -42.57 -13.15 4.18
CA GLN D 155 -42.16 -13.38 2.77
C GLN D 155 -42.28 -14.86 2.36
N GLY D 156 -42.32 -15.80 3.32
CA GLY D 156 -42.56 -17.23 3.06
C GLY D 156 -41.28 -17.98 2.73
N LYS D 157 -40.20 -17.67 3.46
CA LYS D 157 -38.87 -18.34 3.32
C LYS D 157 -38.79 -19.50 4.31
N THR D 158 -37.91 -20.48 4.03
CA THR D 158 -37.59 -21.62 4.92
C THR D 158 -36.56 -21.16 5.95
N VAL D 159 -36.05 -22.07 6.78
CA VAL D 159 -35.08 -21.76 7.88
C VAL D 159 -33.81 -21.20 7.25
N ILE D 160 -33.13 -21.99 6.41
CA ILE D 160 -31.82 -21.68 5.80
C ILE D 160 -31.97 -20.50 4.81
N GLN D 161 -33.15 -20.35 4.21
CA GLN D 161 -33.43 -19.34 3.15
C GLN D 161 -33.52 -17.95 3.79
N ALA D 162 -34.08 -17.87 5.00
CA ALA D 162 -34.13 -16.64 5.84
C ALA D 162 -32.73 -16.36 6.41
N GLU D 163 -31.96 -17.42 6.70
CA GLU D 163 -30.58 -17.35 7.26
C GLU D 163 -29.64 -16.68 6.25
N ILE D 164 -29.63 -17.16 4.99
CA ILE D 164 -28.72 -16.64 3.92
C ILE D 164 -29.22 -15.27 3.44
N ASP D 165 -30.37 -14.78 3.94
CA ASP D 165 -30.92 -13.43 3.65
C ASP D 165 -30.75 -12.54 4.87
N ALA D 166 -31.74 -12.52 5.78
CA ALA D 166 -31.89 -11.52 6.87
C ALA D 166 -30.75 -11.63 7.87
N ALA D 167 -30.18 -12.82 8.06
CA ALA D 167 -29.00 -13.06 8.90
C ALA D 167 -27.73 -12.81 8.08
N ALA D 168 -27.17 -13.86 7.46
CA ALA D 168 -25.77 -13.92 6.97
C ALA D 168 -25.48 -12.84 5.93
N GLU D 169 -26.42 -12.55 5.01
CA GLU D 169 -26.20 -11.60 3.88
C GLU D 169 -26.29 -10.15 4.39
N LEU D 170 -27.32 -9.83 5.19
CA LEU D 170 -27.55 -8.44 5.70
C LEU D 170 -26.44 -8.06 6.70
N ILE D 171 -26.04 -8.99 7.57
CA ILE D 171 -24.92 -8.80 8.54
C ILE D 171 -23.65 -8.55 7.73
N ASP D 172 -23.42 -9.34 6.67
CA ASP D 172 -22.27 -9.21 5.75
C ASP D 172 -22.37 -7.87 5.00
N PHE D 173 -23.55 -7.51 4.50
CA PHE D 173 -23.81 -6.25 3.76
C PHE D 173 -23.37 -5.06 4.62
N PHE D 174 -23.76 -5.04 5.90
CA PHE D 174 -23.48 -3.91 6.84
C PHE D 174 -22.01 -3.88 7.22
N ARG D 175 -21.40 -5.04 7.48
CA ARG D 175 -20.01 -5.15 7.99
C ARG D 175 -19.00 -4.86 6.88
N PHE D 176 -19.17 -5.47 5.70
CA PHE D 176 -18.24 -5.35 4.54
C PHE D 176 -18.31 -3.93 3.96
N ASN D 177 -19.52 -3.37 3.80
CA ASN D 177 -19.72 -1.98 3.30
C ASN D 177 -19.04 -1.00 4.25
N ALA D 178 -19.16 -1.22 5.56
CA ALA D 178 -18.47 -0.45 6.62
C ALA D 178 -16.95 -0.56 6.42
N LYS D 179 -16.45 -1.79 6.21
CA LYS D 179 -15.03 -2.06 5.89
C LYS D 179 -14.61 -1.26 4.66
N TYR D 180 -15.31 -1.46 3.54
CA TYR D 180 -15.00 -0.86 2.22
C TYR D 180 -14.98 0.67 2.30
N ALA D 181 -15.82 1.26 3.17
CA ALA D 181 -15.99 2.72 3.30
C ALA D 181 -14.79 3.36 4.02
N VAL D 182 -14.14 2.64 4.94
CA VAL D 182 -12.96 3.16 5.70
C VAL D 182 -11.67 2.77 4.97
N GLU D 183 -11.67 1.66 4.21
CA GLU D 183 -10.57 1.30 3.27
C GLU D 183 -10.48 2.43 2.23
N LEU D 184 -11.63 2.94 1.80
CA LEU D 184 -11.76 3.98 0.73
C LEU D 184 -11.18 5.32 1.21
N GLU D 185 -11.36 5.66 2.49
CA GLU D 185 -10.85 6.93 3.10
C GLU D 185 -9.32 6.89 3.17
N GLY D 186 -8.73 5.70 3.15
CA GLY D 186 -7.27 5.48 3.06
C GLY D 186 -6.76 5.75 1.65
N GLN D 187 -7.59 5.54 0.63
CA GLN D 187 -7.27 5.76 -0.80
C GLN D 187 -7.17 7.28 -1.05
N GLN D 188 -5.95 7.82 -1.00
CA GLN D 188 -5.65 9.27 -1.08
C GLN D 188 -4.69 9.53 -2.24
N PRO D 189 -4.66 10.77 -2.77
CA PRO D 189 -3.72 11.13 -3.84
C PRO D 189 -2.29 11.35 -3.33
N ILE D 190 -1.35 11.58 -4.26
CA ILE D 190 0.10 11.77 -3.98
C ILE D 190 0.33 13.25 -3.67
N SER D 191 1.18 13.55 -2.68
CA SER D 191 1.55 14.92 -2.25
C SER D 191 2.97 15.26 -2.75
N VAL D 192 3.08 16.25 -3.64
CA VAL D 192 4.37 16.79 -4.16
C VAL D 192 4.54 18.21 -3.61
N PRO D 193 5.63 18.51 -2.87
CA PRO D 193 5.82 19.84 -2.29
C PRO D 193 5.83 20.91 -3.38
N PRO D 194 5.41 22.17 -3.08
CA PRO D 194 5.10 22.61 -1.73
C PRO D 194 3.64 22.48 -1.28
N SER D 195 2.89 21.52 -1.84
CA SER D 195 1.44 21.31 -1.59
C SER D 195 1.16 19.88 -1.13
N THR D 196 0.36 19.74 -0.07
CA THR D 196 -0.22 18.45 0.41
C THR D 196 -1.63 18.32 -0.16
N ASN D 197 -1.98 17.13 -0.67
CA ASN D 197 -3.28 16.81 -1.30
C ASN D 197 -4.05 15.84 -0.41
N SER D 198 -5.38 15.93 -0.41
CA SER D 198 -6.32 15.03 0.32
C SER D 198 -7.63 14.91 -0.46
N THR D 199 -8.20 13.70 -0.51
CA THR D 199 -9.56 13.43 -1.06
C THR D 199 -10.55 13.29 0.10
N VAL D 200 -11.54 14.18 0.14
CA VAL D 200 -12.69 14.14 1.09
C VAL D 200 -13.87 13.46 0.38
N TYR D 201 -14.27 12.28 0.84
CA TYR D 201 -15.37 11.46 0.24
C TYR D 201 -16.71 11.95 0.78
N ARG D 202 -17.26 12.99 0.13
CA ARG D 202 -18.55 13.62 0.51
C ARG D 202 -19.70 12.71 0.11
N GLY D 203 -20.80 12.73 0.86
CA GLY D 203 -22.12 12.28 0.40
C GLY D 203 -22.63 13.21 -0.70
N LEU D 204 -23.48 12.70 -1.58
CA LEU D 204 -24.11 13.50 -2.68
C LEU D 204 -24.98 14.59 -2.03
N GLU D 205 -25.04 15.78 -2.63
CA GLU D 205 -25.91 16.89 -2.14
C GLU D 205 -27.36 16.57 -2.51
N GLY D 206 -28.23 16.48 -1.51
CA GLY D 206 -29.65 16.09 -1.67
C GLY D 206 -29.94 14.77 -0.98
N PHE D 207 -31.05 14.11 -1.34
CA PHE D 207 -31.53 12.84 -0.75
C PHE D 207 -31.49 11.74 -1.82
N VAL D 208 -31.38 10.49 -1.38
CA VAL D 208 -31.43 9.26 -2.23
C VAL D 208 -32.76 8.55 -1.99
N ALA D 209 -33.33 7.91 -3.01
CA ALA D 209 -34.55 7.08 -2.93
C ALA D 209 -34.18 5.60 -3.06
N ALA D 210 -34.58 4.78 -2.09
CA ALA D 210 -34.32 3.32 -2.03
C ALA D 210 -35.62 2.56 -2.33
N ILE D 211 -35.57 1.62 -3.28
CA ILE D 211 -36.72 0.77 -3.71
C ILE D 211 -36.37 -0.69 -3.40
N SER D 212 -36.91 -1.24 -2.31
CA SER D 212 -36.66 -2.65 -1.88
C SER D 212 -37.57 -3.60 -2.66
N PRO D 213 -37.06 -4.78 -3.06
CA PRO D 213 -37.91 -5.86 -3.55
C PRO D 213 -38.41 -6.72 -2.37
N PHE D 214 -39.32 -7.65 -2.65
CA PHE D 214 -39.92 -8.56 -1.63
C PHE D 214 -38.93 -9.67 -1.27
N ASN D 215 -38.14 -10.13 -2.25
CA ASN D 215 -37.47 -11.46 -2.24
C ASN D 215 -36.35 -11.52 -1.19
N PHE D 216 -35.60 -10.43 -1.00
CA PHE D 216 -34.51 -10.34 0.01
C PHE D 216 -34.67 -9.05 0.84
N THR D 217 -34.70 -9.20 2.17
CA THR D 217 -34.73 -8.07 3.16
C THR D 217 -33.35 -7.43 3.23
N ALA D 218 -32.30 -8.25 3.11
CA ALA D 218 -30.87 -7.84 3.12
C ALA D 218 -30.62 -6.75 2.08
N ILE D 219 -31.26 -6.87 0.90
CA ILE D 219 -31.17 -5.88 -0.21
C ILE D 219 -31.81 -4.58 0.27
N GLY D 220 -32.98 -4.67 0.90
CA GLY D 220 -33.71 -3.51 1.46
C GLY D 220 -32.86 -2.70 2.43
N GLY D 221 -32.21 -3.39 3.37
CA GLY D 221 -31.25 -2.79 4.32
C GLY D 221 -30.06 -2.18 3.61
N ASN D 222 -29.57 -2.83 2.56
CA ASN D 222 -28.36 -2.42 1.77
C ASN D 222 -28.69 -1.19 0.93
N LEU D 223 -29.83 -1.17 0.22
CA LEU D 223 -30.25 -0.07 -0.69
C LEU D 223 -30.47 1.21 0.11
N ALA D 224 -30.97 1.10 1.35
CA ALA D 224 -31.19 2.24 2.27
C ALA D 224 -29.91 2.53 3.08
N GLY D 225 -29.20 1.48 3.49
CA GLY D 225 -28.06 1.55 4.41
C GLY D 225 -26.81 2.12 3.76
N ALA D 226 -26.40 1.57 2.62
CA ALA D 226 -25.10 1.86 1.97
C ALA D 226 -25.03 3.33 1.54
N PRO D 227 -26.02 3.87 0.79
CA PRO D 227 -26.06 5.32 0.52
C PRO D 227 -25.97 6.17 1.80
N ALA D 228 -26.72 5.79 2.84
CA ALA D 228 -26.73 6.46 4.17
C ALA D 228 -25.33 6.36 4.80
N LEU D 229 -24.67 5.20 4.67
CA LEU D 229 -23.30 4.97 5.20
C LEU D 229 -22.32 6.01 4.62
N MET D 230 -22.48 6.36 3.34
CA MET D 230 -21.56 7.26 2.60
C MET D 230 -21.97 8.73 2.78
N GLY D 231 -22.83 9.02 3.77
CA GLY D 231 -23.16 10.40 4.21
C GLY D 231 -24.29 11.01 3.41
N ASN D 232 -25.18 10.18 2.85
CA ASN D 232 -26.43 10.61 2.18
C ASN D 232 -27.59 10.43 3.15
N VAL D 233 -28.72 11.08 2.85
CA VAL D 233 -30.01 10.89 3.57
C VAL D 233 -30.96 10.19 2.60
N VAL D 234 -31.66 9.15 3.07
CA VAL D 234 -32.41 8.20 2.21
C VAL D 234 -33.91 8.26 2.55
N LEU D 235 -34.75 8.31 1.51
CA LEU D 235 -36.20 8.00 1.60
C LEU D 235 -36.40 6.54 1.16
N TRP D 236 -36.82 5.69 2.09
CA TRP D 236 -36.87 4.21 1.90
C TRP D 236 -38.32 3.76 1.68
N LYS D 237 -38.65 3.43 0.42
CA LYS D 237 -39.86 2.63 0.06
C LYS D 237 -39.47 1.15 0.13
N PRO D 238 -39.99 0.38 1.11
CA PRO D 238 -39.82 -1.07 1.13
C PRO D 238 -40.95 -1.75 0.35
N SER D 239 -40.73 -2.99 -0.08
CA SER D 239 -41.76 -3.84 -0.74
C SER D 239 -42.93 -4.03 0.22
N ASP D 240 -44.16 -3.78 -0.24
CA ASP D 240 -45.41 -3.84 0.55
C ASP D 240 -45.53 -5.21 1.24
N THR D 241 -45.03 -6.26 0.59
CA THR D 241 -45.12 -7.68 1.05
C THR D 241 -43.76 -8.13 1.61
N ALA D 242 -42.95 -7.20 2.12
CA ALA D 242 -41.67 -7.45 2.84
C ALA D 242 -41.60 -6.57 4.10
N MET D 243 -42.74 -6.04 4.54
CA MET D 243 -42.83 -4.87 5.44
C MET D 243 -42.41 -5.23 6.87
N LEU D 244 -42.75 -6.42 7.35
CA LEU D 244 -42.54 -6.82 8.77
C LEU D 244 -41.04 -6.93 9.08
N ALA D 245 -40.27 -7.57 8.20
CA ALA D 245 -38.81 -7.75 8.32
C ALA D 245 -38.09 -6.43 7.99
N SER D 246 -38.65 -5.62 7.07
CA SER D 246 -38.08 -4.34 6.61
C SER D 246 -38.14 -3.29 7.74
N TYR D 247 -39.28 -3.18 8.43
CA TYR D 247 -39.48 -2.23 9.57
C TYR D 247 -38.63 -2.67 10.76
N ALA D 248 -38.48 -3.99 10.96
CA ALA D 248 -37.63 -4.59 12.02
C ALA D 248 -36.18 -4.15 11.82
N VAL D 249 -35.67 -4.29 10.59
CA VAL D 249 -34.27 -3.92 10.20
C VAL D 249 -34.10 -2.40 10.37
N TYR D 250 -35.13 -1.61 10.08
CA TYR D 250 -35.14 -0.14 10.25
C TYR D 250 -34.96 0.21 11.74
N ARG D 251 -35.78 -0.38 12.61
CA ARG D 251 -35.81 -0.08 14.07
C ARG D 251 -34.52 -0.58 14.73
N ILE D 252 -33.93 -1.67 14.21
CA ILE D 252 -32.61 -2.20 14.67
C ILE D 252 -31.53 -1.17 14.34
N LEU D 253 -31.54 -0.62 13.11
CA LEU D 253 -30.61 0.45 12.66
C LEU D 253 -30.80 1.70 13.54
N ARG D 254 -32.06 2.10 13.77
CA ARG D 254 -32.42 3.34 14.50
C ARG D 254 -31.91 3.28 15.94
N GLU D 255 -31.96 2.10 16.57
CA GLU D 255 -31.50 1.92 17.98
C GLU D 255 -30.05 1.42 18.00
N ALA D 256 -29.44 1.22 16.83
CA ALA D 256 -27.98 1.01 16.67
C ALA D 256 -27.26 2.37 16.58
N GLY D 257 -28.03 3.47 16.57
CA GLY D 257 -27.52 4.85 16.72
C GLY D 257 -27.74 5.71 15.49
N LEU D 258 -28.55 5.26 14.53
CA LEU D 258 -28.85 6.02 13.28
C LEU D 258 -29.70 7.25 13.65
N PRO D 259 -29.20 8.49 13.41
CA PRO D 259 -29.91 9.69 13.84
C PRO D 259 -31.26 9.88 13.16
N PRO D 260 -32.14 10.76 13.70
CA PRO D 260 -33.39 11.12 13.01
C PRO D 260 -33.18 11.77 11.64
N ASN D 261 -34.01 11.39 10.66
CA ASN D 261 -34.14 12.01 9.31
C ASN D 261 -33.01 11.53 8.39
N ILE D 262 -32.25 10.51 8.79
CA ILE D 262 -31.11 9.97 7.99
C ILE D 262 -31.62 8.85 7.07
N ILE D 263 -32.43 7.94 7.60
CA ILE D 263 -33.31 7.04 6.80
C ILE D 263 -34.76 7.33 7.20
N GLN D 264 -35.58 7.75 6.24
CA GLN D 264 -37.05 7.93 6.38
C GLN D 264 -37.72 6.64 5.92
N PHE D 265 -38.41 5.94 6.82
CA PHE D 265 -39.15 4.69 6.52
C PHE D 265 -40.51 5.07 5.94
N VAL D 266 -40.61 5.16 4.61
CA VAL D 266 -41.77 5.73 3.87
C VAL D 266 -42.28 4.71 2.85
N PRO D 267 -43.08 3.71 3.29
CA PRO D 267 -43.86 2.89 2.36
C PRO D 267 -44.86 3.75 1.58
N ALA D 268 -45.11 3.39 0.32
CA ALA D 268 -46.08 4.07 -0.58
C ALA D 268 -46.37 3.19 -1.79
N ASP D 269 -47.23 3.66 -2.70
CA ASP D 269 -47.50 3.01 -4.02
C ASP D 269 -46.36 3.37 -4.97
N GLY D 270 -45.92 2.41 -5.79
CA GLY D 270 -44.81 2.56 -6.76
C GLY D 270 -44.89 3.90 -7.50
N PRO D 271 -45.93 4.11 -8.34
CA PRO D 271 -46.11 5.39 -9.05
C PRO D 271 -46.00 6.65 -8.18
N LEU D 272 -46.75 6.72 -7.07
CA LEU D 272 -46.84 7.94 -6.22
C LEU D 272 -45.47 8.27 -5.62
N PHE D 273 -44.75 7.26 -5.11
CA PHE D 273 -43.36 7.40 -4.60
C PHE D 273 -42.43 7.74 -5.76
N GLY D 274 -42.53 6.98 -6.85
CA GLY D 274 -41.74 7.16 -8.09
C GLY D 274 -41.86 8.56 -8.66
N ASP D 275 -43.07 9.14 -8.63
CA ASP D 275 -43.37 10.49 -9.17
C ASP D 275 -42.82 11.57 -8.24
N THR D 276 -43.02 11.42 -6.92
CA THR D 276 -42.70 12.43 -5.88
C THR D 276 -41.18 12.73 -5.88
N VAL D 277 -40.34 11.69 -5.91
CA VAL D 277 -38.86 11.81 -5.75
C VAL D 277 -38.26 12.34 -7.06
N THR D 278 -38.77 11.90 -8.22
CA THR D 278 -38.26 12.27 -9.57
C THR D 278 -38.70 13.69 -9.95
N SER D 279 -39.66 14.27 -9.22
CA SER D 279 -40.13 15.67 -9.41
C SER D 279 -39.43 16.60 -8.41
N SER D 280 -38.83 16.06 -7.34
CA SER D 280 -38.10 16.81 -6.30
C SER D 280 -36.75 17.30 -6.87
N GLU D 281 -36.44 18.59 -6.68
CA GLU D 281 -35.25 19.27 -7.24
C GLU D 281 -33.97 18.80 -6.54
N HIS D 282 -34.08 18.23 -5.34
CA HIS D 282 -32.93 17.80 -4.49
C HIS D 282 -32.69 16.29 -4.61
N LEU D 283 -33.30 15.60 -5.58
CA LEU D 283 -32.98 14.17 -5.85
C LEU D 283 -31.58 14.08 -6.44
N CYS D 284 -30.75 13.20 -5.89
CA CYS D 284 -29.35 12.96 -6.33
C CYS D 284 -29.09 11.46 -6.56
N GLY D 285 -30.13 10.61 -6.53
CA GLY D 285 -29.97 9.19 -6.88
C GLY D 285 -31.19 8.33 -6.55
N ILE D 286 -31.37 7.26 -7.32
CA ILE D 286 -32.29 6.11 -7.05
C ILE D 286 -31.42 4.87 -6.86
N ASN D 287 -31.51 4.22 -5.68
CA ASN D 287 -30.94 2.87 -5.44
C ASN D 287 -32.07 1.85 -5.63
N PHE D 288 -32.09 1.16 -6.77
CA PHE D 288 -33.24 0.31 -7.23
C PHE D 288 -32.83 -1.16 -7.29
N THR D 289 -33.69 -2.03 -6.74
CA THR D 289 -33.73 -3.49 -7.01
C THR D 289 -35.21 -3.91 -7.15
N GLY D 290 -35.58 -4.44 -8.32
CA GLY D 290 -36.96 -4.88 -8.63
C GLY D 290 -37.13 -5.29 -10.08
N SER D 291 -38.12 -4.71 -10.76
CA SER D 291 -38.53 -5.06 -12.14
C SER D 291 -37.87 -4.11 -13.15
N VAL D 292 -37.58 -4.62 -14.35
CA VAL D 292 -36.80 -3.91 -15.43
C VAL D 292 -37.60 -2.74 -15.99
N PRO D 293 -38.93 -2.84 -16.23
CA PRO D 293 -39.67 -1.71 -16.82
C PRO D 293 -39.87 -0.53 -15.86
N THR D 294 -39.78 -0.77 -14.55
CA THR D 294 -39.99 0.25 -13.48
C THR D 294 -38.72 1.10 -13.32
N PHE D 295 -37.54 0.49 -13.44
CA PHE D 295 -36.24 1.18 -13.39
C PHE D 295 -36.08 2.07 -14.64
N LYS D 296 -36.44 1.54 -15.81
CA LYS D 296 -36.46 2.28 -17.10
C LYS D 296 -37.41 3.47 -17.00
N HIS D 297 -38.56 3.29 -16.34
CA HIS D 297 -39.61 4.33 -16.14
C HIS D 297 -39.05 5.44 -15.25
N LEU D 298 -38.27 5.09 -14.22
CA LEU D 298 -37.66 6.06 -13.27
C LEU D 298 -36.54 6.85 -13.97
N TRP D 299 -35.77 6.20 -14.85
CA TRP D 299 -34.70 6.83 -15.68
C TRP D 299 -35.30 7.96 -16.53
N LYS D 300 -36.41 7.68 -17.22
CA LYS D 300 -37.12 8.62 -18.13
C LYS D 300 -37.69 9.78 -17.31
N GLN D 301 -38.34 9.49 -16.18
CA GLN D 301 -38.91 10.50 -15.25
C GLN D 301 -37.81 11.48 -14.81
N VAL D 302 -36.62 10.95 -14.49
CA VAL D 302 -35.42 11.73 -14.08
C VAL D 302 -34.94 12.56 -15.27
N ALA D 303 -34.90 11.97 -16.47
CA ALA D 303 -34.33 12.57 -17.70
C ALA D 303 -35.20 13.74 -18.21
N GLN D 304 -36.53 13.66 -18.03
CA GLN D 304 -37.49 14.72 -18.47
C GLN D 304 -37.40 15.92 -17.52
N ASN D 305 -37.22 15.66 -16.22
CA ASN D 305 -37.14 16.68 -15.14
C ASN D 305 -35.66 16.95 -14.79
N LEU D 306 -34.77 16.82 -15.78
CA LEU D 306 -33.28 16.90 -15.61
C LEU D 306 -32.90 18.34 -15.25
N ASP D 307 -33.59 19.33 -15.82
CA ASP D 307 -33.20 20.77 -15.81
C ASP D 307 -33.45 21.40 -14.43
N ARG D 308 -34.40 20.86 -13.65
CA ARG D 308 -34.81 21.44 -12.33
C ARG D 308 -33.94 20.87 -11.20
N PHE D 309 -33.19 19.79 -11.45
CA PHE D 309 -32.28 19.16 -10.45
C PHE D 309 -31.07 20.05 -10.20
N HIS D 310 -30.54 20.01 -8.98
CA HIS D 310 -29.37 20.80 -8.52
C HIS D 310 -28.07 20.11 -8.96
N THR D 311 -28.09 18.76 -9.04
CA THR D 311 -26.97 17.93 -9.56
C THR D 311 -27.54 16.80 -10.43
N PHE D 312 -26.68 15.98 -11.02
CA PHE D 312 -27.03 14.84 -11.91
C PHE D 312 -27.24 13.59 -11.06
N PRO D 313 -28.49 13.06 -10.95
CA PRO D 313 -28.77 11.95 -10.05
C PRO D 313 -28.15 10.63 -10.53
N ARG D 314 -27.38 9.98 -9.65
CA ARG D 314 -26.79 8.63 -9.88
C ARG D 314 -27.90 7.57 -9.71
N LEU D 315 -28.35 6.96 -10.81
CA LEU D 315 -29.36 5.87 -10.79
C LEU D 315 -28.65 4.51 -10.86
N ALA D 316 -28.63 3.79 -9.74
CA ALA D 316 -28.22 2.37 -9.64
C ALA D 316 -29.48 1.50 -9.77
N GLY D 317 -29.41 0.46 -10.60
CA GLY D 317 -30.54 -0.47 -10.85
C GLY D 317 -30.09 -1.91 -10.88
N GLU D 318 -30.80 -2.78 -10.18
CA GLU D 318 -30.64 -4.27 -10.22
C GLU D 318 -31.98 -4.87 -10.66
N CYS D 319 -32.04 -5.38 -11.89
CA CYS D 319 -33.26 -5.91 -12.55
C CYS D 319 -33.03 -7.34 -13.05
N GLY D 320 -34.07 -7.94 -13.63
CA GLY D 320 -33.96 -9.11 -14.54
C GLY D 320 -33.38 -10.34 -13.87
N GLY D 321 -32.89 -11.28 -14.70
CA GLY D 321 -32.35 -12.58 -14.27
C GLY D 321 -33.07 -13.73 -14.93
N LYS D 322 -32.69 -14.05 -16.18
CA LYS D 322 -33.14 -15.27 -16.92
C LYS D 322 -31.94 -16.23 -16.97
N ASN D 323 -31.65 -16.88 -15.85
CA ASN D 323 -30.32 -17.45 -15.52
C ASN D 323 -30.20 -18.88 -16.06
N PHE D 324 -29.06 -19.19 -16.69
CA PHE D 324 -28.80 -20.48 -17.39
C PHE D 324 -28.05 -21.44 -16.45
N HIS D 325 -28.30 -22.74 -16.63
CA HIS D 325 -27.54 -23.86 -16.02
C HIS D 325 -27.06 -24.79 -17.14
N PHE D 326 -25.89 -24.48 -17.72
CA PHE D 326 -25.25 -25.29 -18.79
C PHE D 326 -24.50 -26.46 -18.14
N VAL D 327 -24.61 -27.65 -18.74
CA VAL D 327 -23.89 -28.89 -18.28
C VAL D 327 -23.38 -29.63 -19.52
N HIS D 328 -22.07 -29.89 -19.57
CA HIS D 328 -21.38 -30.72 -20.57
C HIS D 328 -21.49 -32.19 -20.14
N ARG D 329 -21.22 -33.14 -21.03
CA ARG D 329 -21.36 -34.60 -20.78
C ARG D 329 -20.22 -35.10 -19.86
N SER D 330 -19.18 -34.28 -19.65
CA SER D 330 -17.99 -34.60 -18.81
C SER D 330 -18.20 -34.14 -17.37
N ALA D 331 -19.42 -33.71 -17.02
CA ALA D 331 -19.78 -33.11 -15.70
C ALA D 331 -19.72 -34.16 -14.59
N ASP D 332 -19.66 -33.69 -13.34
CA ASP D 332 -19.97 -34.49 -12.12
C ASP D 332 -21.48 -34.78 -12.14
N VAL D 333 -21.86 -36.06 -12.26
CA VAL D 333 -23.25 -36.53 -12.53
C VAL D 333 -24.23 -35.97 -11.49
N GLU D 334 -23.82 -35.90 -10.21
CA GLU D 334 -24.73 -35.55 -9.07
C GLU D 334 -24.91 -34.03 -8.98
N SER D 335 -23.82 -33.29 -8.81
CA SER D 335 -23.78 -31.82 -8.56
C SER D 335 -24.85 -31.10 -9.39
N VAL D 336 -24.97 -31.44 -10.68
CA VAL D 336 -25.86 -30.77 -11.67
C VAL D 336 -27.29 -30.76 -11.13
N VAL D 337 -27.91 -31.94 -11.04
CA VAL D 337 -29.35 -32.15 -10.71
C VAL D 337 -29.63 -31.65 -9.30
N SER D 338 -28.69 -31.88 -8.36
CA SER D 338 -28.75 -31.37 -6.97
C SER D 338 -28.70 -29.82 -6.98
N GLY D 339 -27.74 -29.26 -7.72
CA GLY D 339 -27.50 -27.82 -7.82
C GLY D 339 -28.63 -27.09 -8.55
N THR D 340 -29.26 -27.73 -9.52
CA THR D 340 -30.35 -27.15 -10.36
C THR D 340 -31.63 -27.06 -9.54
N LEU D 341 -31.97 -28.12 -8.79
CA LEU D 341 -33.16 -28.17 -7.89
C LEU D 341 -33.05 -27.08 -6.83
N ARG D 342 -31.82 -26.82 -6.33
CA ARG D 342 -31.52 -25.76 -5.33
C ARG D 342 -31.79 -24.38 -5.93
N SER D 343 -31.04 -24.02 -6.98
CA SER D 343 -31.03 -22.68 -7.61
C SER D 343 -32.43 -22.30 -8.12
N ALA D 344 -33.12 -23.25 -8.76
CA ALA D 344 -34.35 -23.01 -9.56
C ALA D 344 -35.60 -22.98 -8.67
N PHE D 345 -35.56 -23.58 -7.46
CA PHE D 345 -36.77 -23.83 -6.63
C PHE D 345 -36.67 -23.22 -5.22
N GLU D 346 -35.47 -23.06 -4.64
CA GLU D 346 -35.32 -22.50 -3.27
C GLU D 346 -36.03 -21.13 -3.21
N TYR D 347 -36.86 -20.94 -2.19
CA TYR D 347 -37.83 -19.81 -2.04
C TYR D 347 -38.72 -19.71 -3.29
N GLY D 348 -39.19 -20.86 -3.78
CA GLY D 348 -40.13 -20.97 -4.91
C GLY D 348 -39.56 -20.37 -6.20
N GLY D 349 -38.24 -20.41 -6.36
CA GLY D 349 -37.52 -19.84 -7.52
C GLY D 349 -37.75 -18.34 -7.65
N GLN D 350 -37.90 -17.64 -6.53
CA GLN D 350 -38.22 -16.18 -6.47
C GLN D 350 -36.93 -15.38 -6.17
N LYS D 351 -35.77 -15.91 -6.52
CA LYS D 351 -34.47 -15.17 -6.46
C LYS D 351 -34.28 -14.40 -7.78
N CYS D 352 -33.53 -13.30 -7.74
CA CYS D 352 -33.02 -12.58 -8.94
C CYS D 352 -32.06 -13.50 -9.70
N SER D 353 -31.35 -14.37 -8.98
CA SER D 353 -30.33 -15.32 -9.52
C SER D 353 -30.92 -16.72 -9.72
N ALA D 354 -32.25 -16.89 -9.53
CA ALA D 354 -32.96 -18.19 -9.65
C ALA D 354 -32.85 -18.70 -11.08
N CYS D 355 -32.52 -19.98 -11.24
CA CYS D 355 -32.38 -20.67 -12.55
C CYS D 355 -33.75 -20.90 -13.20
N SER D 356 -33.86 -20.64 -14.50
CA SER D 356 -35.08 -20.87 -15.32
C SER D 356 -34.72 -21.60 -16.63
N ARG D 357 -33.46 -22.03 -16.78
CA ARG D 357 -32.89 -22.56 -18.04
C ARG D 357 -31.84 -23.64 -17.72
N LEU D 358 -32.05 -24.88 -18.18
CA LEU D 358 -31.18 -26.05 -17.93
C LEU D 358 -30.90 -26.76 -19.27
N TYR D 359 -29.63 -26.80 -19.68
CA TYR D 359 -29.18 -27.32 -21.01
C TYR D 359 -28.38 -28.61 -20.82
N VAL D 360 -28.96 -29.74 -21.24
CA VAL D 360 -28.44 -31.13 -20.98
C VAL D 360 -28.12 -31.80 -22.31
N PRO D 361 -26.99 -32.53 -22.40
CA PRO D 361 -26.68 -33.32 -23.60
C PRO D 361 -27.57 -34.58 -23.69
N HIS D 362 -27.76 -35.08 -24.92
CA HIS D 362 -28.54 -36.30 -25.26
C HIS D 362 -27.94 -37.52 -24.53
N SER D 363 -26.64 -37.49 -24.23
CA SER D 363 -25.86 -38.63 -23.68
C SER D 363 -26.23 -38.93 -22.22
N LEU D 364 -26.76 -37.96 -21.46
CA LEU D 364 -27.18 -38.17 -20.04
C LEU D 364 -28.55 -37.54 -19.76
N TRP D 365 -29.43 -37.33 -20.75
CA TRP D 365 -30.74 -36.70 -20.49
C TRP D 365 -31.70 -37.72 -19.86
N PRO D 366 -31.97 -38.89 -20.47
CA PRO D 366 -32.83 -39.90 -19.84
C PRO D 366 -32.25 -40.46 -18.53
N GLN D 367 -30.92 -40.38 -18.36
CA GLN D 367 -30.20 -40.68 -17.09
C GLN D 367 -30.67 -39.71 -16.00
N ILE D 368 -30.84 -38.43 -16.34
CA ILE D 368 -31.09 -37.32 -15.37
C ILE D 368 -32.57 -36.91 -15.40
N LYS D 369 -33.28 -37.09 -16.53
CA LYS D 369 -34.72 -36.72 -16.70
C LYS D 369 -35.56 -37.42 -15.64
N GLY D 370 -35.49 -38.75 -15.58
CA GLY D 370 -36.19 -39.59 -14.59
C GLY D 370 -35.56 -39.49 -13.21
N ARG D 371 -34.66 -38.51 -13.01
CA ARG D 371 -33.82 -38.36 -11.79
C ARG D 371 -34.03 -36.97 -11.16
N LEU D 372 -34.40 -35.95 -11.94
CA LEU D 372 -34.95 -34.68 -11.38
C LEU D 372 -36.48 -34.71 -11.48
N LEU D 373 -37.04 -35.88 -11.80
CA LEU D 373 -38.47 -36.26 -11.54
C LEU D 373 -38.53 -37.18 -10.31
N GLU D 374 -37.50 -38.00 -10.09
CA GLU D 374 -37.33 -38.88 -8.90
C GLU D 374 -37.19 -38.00 -7.65
N GLU D 375 -36.24 -37.07 -7.66
CA GLU D 375 -35.95 -36.15 -6.52
C GLU D 375 -37.09 -35.15 -6.35
N HIS D 376 -37.84 -34.86 -7.43
CA HIS D 376 -39.06 -34.01 -7.44
C HIS D 376 -40.10 -34.57 -6.47
N SER D 377 -40.23 -35.90 -6.42
CA SER D 377 -41.23 -36.65 -5.59
C SER D 377 -40.92 -36.47 -4.10
N ARG D 378 -39.67 -36.14 -3.75
CA ARG D 378 -39.21 -35.97 -2.34
C ARG D 378 -39.30 -34.49 -1.91
N ILE D 379 -39.55 -33.58 -2.85
CA ILE D 379 -39.70 -32.12 -2.58
C ILE D 379 -41.05 -31.90 -1.86
N LYS D 380 -41.02 -31.51 -0.59
CA LYS D 380 -42.22 -31.22 0.24
C LYS D 380 -42.46 -29.70 0.23
N VAL D 381 -43.59 -29.27 -0.33
CA VAL D 381 -44.05 -27.85 -0.35
C VAL D 381 -45.22 -27.73 0.65
N GLY D 382 -45.10 -26.80 1.61
CA GLY D 382 -46.11 -26.56 2.65
C GLY D 382 -45.68 -25.46 3.61
N ASP D 383 -45.90 -25.66 4.92
CA ASP D 383 -45.66 -24.64 5.97
C ASP D 383 -44.20 -24.69 6.41
N PRO D 384 -43.43 -23.60 6.25
CA PRO D 384 -42.05 -23.54 6.74
C PRO D 384 -41.93 -23.19 8.23
N ALA D 385 -43.04 -22.74 8.85
CA ALA D 385 -43.10 -22.24 10.25
C ALA D 385 -43.30 -23.39 11.23
N GLU D 386 -44.05 -24.44 10.85
CA GLU D 386 -44.32 -25.65 11.67
C GLU D 386 -43.53 -26.83 11.13
N ASP D 387 -43.75 -27.19 9.86
CA ASP D 387 -43.03 -28.29 9.16
C ASP D 387 -41.69 -27.77 8.65
N PHE D 388 -40.63 -27.95 9.44
CA PHE D 388 -39.22 -27.59 9.09
C PHE D 388 -38.66 -28.61 8.10
N GLY D 389 -39.48 -29.58 7.67
CA GLY D 389 -39.15 -30.57 6.63
C GLY D 389 -39.41 -30.06 5.22
N THR D 390 -40.07 -28.90 5.08
CA THR D 390 -40.46 -28.29 3.79
C THR D 390 -39.23 -27.69 3.09
N PHE D 391 -39.11 -27.91 1.78
CA PHE D 391 -37.96 -27.47 0.93
C PHE D 391 -38.16 -26.02 0.49
N PHE D 392 -39.39 -25.64 0.15
CA PHE D 392 -39.82 -24.23 -0.05
C PHE D 392 -41.33 -24.12 0.17
N SER D 393 -41.81 -22.89 0.34
CA SER D 393 -43.23 -22.55 0.67
C SER D 393 -43.89 -21.86 -0.52
N ALA D 394 -45.00 -21.15 -0.29
CA ALA D 394 -45.81 -20.46 -1.31
C ALA D 394 -44.99 -19.36 -2.01
N VAL D 395 -45.42 -18.96 -3.20
CA VAL D 395 -44.99 -17.68 -3.84
C VAL D 395 -45.67 -16.54 -3.07
N ILE D 396 -45.38 -15.28 -3.43
CA ILE D 396 -45.46 -14.12 -2.48
C ILE D 396 -46.88 -13.58 -2.36
N ASP D 397 -47.53 -13.14 -3.46
CA ASP D 397 -48.87 -12.49 -3.42
C ASP D 397 -49.73 -12.98 -4.58
N ALA D 398 -51.02 -12.62 -4.58
CA ALA D 398 -52.05 -13.08 -5.56
C ALA D 398 -51.81 -12.44 -6.93
N LYS D 399 -51.15 -11.28 -6.99
CA LYS D 399 -50.93 -10.49 -8.24
C LYS D 399 -49.78 -11.12 -9.04
N SER D 400 -48.78 -11.70 -8.38
CA SER D 400 -47.69 -12.50 -9.00
C SER D 400 -48.18 -13.93 -9.25
N PHE D 401 -49.12 -14.41 -8.44
CA PHE D 401 -49.77 -15.75 -8.57
C PHE D 401 -50.51 -15.82 -9.91
N ALA D 402 -51.25 -14.75 -10.24
CA ALA D 402 -51.97 -14.57 -11.52
C ALA D 402 -51.00 -14.68 -12.69
N ARG D 403 -49.78 -14.17 -12.52
CA ARG D 403 -48.72 -14.11 -13.58
C ARG D 403 -48.16 -15.51 -13.84
N ILE D 404 -47.91 -16.30 -12.78
CA ILE D 404 -47.33 -17.68 -12.90
C ILE D 404 -48.43 -18.62 -13.41
N LYS D 405 -49.70 -18.38 -13.03
CA LYS D 405 -50.86 -19.24 -13.38
C LYS D 405 -51.07 -19.24 -14.90
N LYS D 406 -50.89 -18.08 -15.55
CA LYS D 406 -50.93 -17.94 -17.04
C LYS D 406 -49.71 -18.67 -17.64
N TRP D 407 -48.62 -18.77 -16.88
CA TRP D 407 -47.34 -19.41 -17.28
C TRP D 407 -47.36 -20.92 -16.97
N LEU D 408 -48.15 -21.35 -15.97
CA LEU D 408 -48.39 -22.80 -15.66
C LEU D 408 -49.01 -23.46 -16.90
N GLU D 409 -50.11 -22.89 -17.40
CA GLU D 409 -50.91 -23.43 -18.55
C GLU D 409 -50.10 -23.32 -19.86
N HIS D 410 -49.23 -22.32 -19.98
CA HIS D 410 -48.38 -22.07 -21.18
C HIS D 410 -47.41 -23.24 -21.40
N ALA D 411 -46.99 -23.90 -20.31
CA ALA D 411 -46.02 -25.02 -20.31
C ALA D 411 -46.63 -26.26 -21.01
N ARG D 412 -47.96 -26.33 -21.12
CA ARG D 412 -48.68 -27.44 -21.81
C ARG D 412 -49.43 -26.92 -23.05
N SER D 413 -49.81 -25.64 -23.07
CA SER D 413 -50.58 -25.00 -24.18
C SER D 413 -49.73 -24.93 -25.47
N SER D 414 -48.39 -24.88 -25.33
CA SER D 414 -47.43 -24.80 -26.45
C SER D 414 -47.20 -26.19 -27.03
N PRO D 415 -47.05 -26.33 -28.37
CA PRO D 415 -46.80 -27.65 -28.98
C PRO D 415 -45.39 -28.20 -28.71
N SER D 416 -44.44 -27.33 -28.38
CA SER D 416 -42.99 -27.64 -28.23
C SER D 416 -42.68 -28.17 -26.82
N LEU D 417 -43.42 -27.71 -25.80
CA LEU D 417 -43.11 -27.98 -24.37
C LEU D 417 -43.95 -29.16 -23.85
N THR D 418 -43.38 -29.94 -22.93
CA THR D 418 -44.05 -31.03 -22.16
C THR D 418 -43.79 -30.79 -20.66
N ILE D 419 -44.85 -30.72 -19.85
CA ILE D 419 -44.75 -30.65 -18.36
C ILE D 419 -44.35 -32.04 -17.85
N LEU D 420 -43.06 -32.27 -17.62
CA LEU D 420 -42.50 -33.58 -17.20
C LEU D 420 -42.96 -33.90 -15.78
N ALA D 421 -42.68 -33.00 -14.83
CA ALA D 421 -43.04 -33.14 -13.39
C ALA D 421 -43.86 -31.93 -12.94
N GLY D 422 -44.77 -32.14 -11.98
CA GLY D 422 -45.61 -31.10 -11.36
C GLY D 422 -46.49 -30.38 -12.36
N GLY D 423 -46.76 -29.09 -12.13
CA GLY D 423 -47.52 -28.21 -13.04
C GLY D 423 -48.84 -27.72 -12.45
N LYS D 424 -49.11 -28.02 -11.17
CA LYS D 424 -50.38 -27.64 -10.50
C LYS D 424 -50.14 -26.43 -9.59
N CYS D 425 -51.22 -25.77 -9.18
CA CYS D 425 -51.23 -24.64 -8.20
C CYS D 425 -52.62 -24.52 -7.56
N ASP D 426 -52.70 -23.80 -6.44
CA ASP D 426 -53.97 -23.54 -5.69
C ASP D 426 -53.77 -22.36 -4.74
N ASP D 427 -54.78 -21.49 -4.62
CA ASP D 427 -54.80 -20.32 -3.70
C ASP D 427 -55.91 -20.52 -2.67
N SER D 428 -55.96 -21.71 -2.06
CA SER D 428 -56.95 -22.12 -1.03
C SER D 428 -56.48 -21.66 0.36
N VAL D 429 -55.36 -22.21 0.85
CA VAL D 429 -54.75 -21.88 2.17
C VAL D 429 -53.76 -20.74 1.97
N GLY D 430 -52.71 -20.97 1.18
CA GLY D 430 -51.72 -19.97 0.75
C GLY D 430 -51.67 -19.88 -0.77
N TYR D 431 -50.63 -19.25 -1.33
CA TYR D 431 -50.39 -19.16 -2.80
C TYR D 431 -49.42 -20.27 -3.21
N PHE D 432 -49.73 -21.52 -2.84
CA PHE D 432 -48.87 -22.71 -3.03
C PHE D 432 -48.82 -23.08 -4.52
N VAL D 433 -47.61 -23.09 -5.09
CA VAL D 433 -47.33 -23.57 -6.47
C VAL D 433 -46.43 -24.80 -6.37
N GLU D 434 -46.90 -25.95 -6.85
CA GLU D 434 -46.09 -27.18 -7.02
C GLU D 434 -44.97 -26.86 -8.00
N PRO D 435 -43.70 -27.24 -7.73
CA PRO D 435 -42.63 -27.00 -8.69
C PRO D 435 -42.92 -27.79 -9.98
N CYS D 436 -42.54 -27.26 -11.14
CA CYS D 436 -42.71 -27.93 -12.47
C CYS D 436 -41.43 -27.83 -13.29
N ILE D 437 -41.00 -28.95 -13.87
CA ILE D 437 -39.84 -29.06 -14.81
C ILE D 437 -40.38 -29.28 -16.22
N VAL D 438 -40.08 -28.36 -17.14
CA VAL D 438 -40.67 -28.31 -18.51
C VAL D 438 -39.57 -28.66 -19.52
N GLU D 439 -39.78 -29.71 -20.32
CA GLU D 439 -38.91 -30.05 -21.48
C GLU D 439 -39.24 -29.11 -22.63
N SER D 440 -38.23 -28.43 -23.18
CA SER D 440 -38.33 -27.53 -24.35
C SER D 440 -37.55 -28.13 -25.53
N LYS D 441 -38.19 -28.17 -26.70
CA LYS D 441 -37.55 -28.53 -28.00
C LYS D 441 -37.17 -27.24 -28.74
N ASP D 442 -37.84 -26.13 -28.40
CA ASP D 442 -37.63 -24.78 -29.00
C ASP D 442 -36.86 -23.91 -28.01
N PRO D 443 -35.53 -23.70 -28.20
CA PRO D 443 -34.73 -22.87 -27.30
C PRO D 443 -35.07 -21.36 -27.32
N GLN D 444 -35.85 -20.89 -28.29
CA GLN D 444 -36.17 -19.45 -28.50
C GLN D 444 -37.66 -19.18 -28.20
N GLU D 445 -38.23 -19.86 -27.19
CA GLU D 445 -39.65 -19.72 -26.78
C GLU D 445 -39.76 -18.71 -25.63
N PRO D 446 -40.81 -17.87 -25.59
CA PRO D 446 -41.08 -17.00 -24.43
C PRO D 446 -40.75 -17.55 -23.04
N ILE D 447 -40.88 -18.86 -22.80
CA ILE D 447 -40.54 -19.49 -21.48
C ILE D 447 -39.01 -19.55 -21.32
N MET D 448 -38.27 -19.58 -22.43
CA MET D 448 -36.78 -19.63 -22.45
C MET D 448 -36.20 -18.19 -22.41
N LYS D 449 -37.04 -17.17 -22.56
CA LYS D 449 -36.61 -15.75 -22.70
C LYS D 449 -37.16 -14.88 -21.55
N GLU D 450 -38.47 -14.94 -21.28
CA GLU D 450 -39.16 -14.05 -20.32
C GLU D 450 -38.98 -14.57 -18.89
N GLU D 451 -38.63 -13.67 -17.95
CA GLU D 451 -38.43 -13.95 -16.51
C GLU D 451 -39.79 -14.26 -15.87
N ILE D 452 -39.83 -15.24 -14.95
CA ILE D 452 -41.08 -15.76 -14.32
C ILE D 452 -41.18 -15.24 -12.88
N PHE D 453 -40.08 -15.33 -12.12
CA PHE D 453 -40.04 -15.17 -10.63
C PHE D 453 -41.00 -16.19 -10.00
N GLY D 454 -40.97 -17.43 -10.51
CA GLY D 454 -41.78 -18.55 -10.02
C GLY D 454 -40.98 -19.85 -10.04
N PRO D 455 -41.54 -20.98 -9.51
CA PRO D 455 -40.83 -22.26 -9.51
C PRO D 455 -41.12 -23.08 -10.78
N VAL D 456 -40.80 -22.52 -11.95
CA VAL D 456 -40.81 -23.23 -13.26
C VAL D 456 -39.37 -23.30 -13.77
N LEU D 457 -38.92 -24.49 -14.18
CA LEU D 457 -37.56 -24.76 -14.72
C LEU D 457 -37.68 -25.38 -16.11
N SER D 458 -37.39 -24.59 -17.15
CA SER D 458 -37.44 -25.01 -18.58
C SER D 458 -36.12 -25.69 -18.96
N VAL D 459 -36.19 -26.86 -19.59
CA VAL D 459 -35.03 -27.75 -19.91
C VAL D 459 -34.96 -27.95 -21.42
N TYR D 460 -33.81 -27.67 -22.04
CA TYR D 460 -33.55 -27.89 -23.49
C TYR D 460 -32.68 -29.13 -23.69
N VAL D 461 -32.91 -29.83 -24.81
CA VAL D 461 -32.20 -31.07 -25.23
C VAL D 461 -31.28 -30.71 -26.40
N TYR D 462 -29.96 -30.77 -26.20
CA TYR D 462 -28.95 -30.36 -27.21
C TYR D 462 -28.09 -31.57 -27.62
N PRO D 463 -27.83 -31.76 -28.94
CA PRO D 463 -26.91 -32.80 -29.40
C PRO D 463 -25.45 -32.47 -29.07
N ASP D 464 -24.64 -33.50 -28.76
CA ASP D 464 -23.31 -33.39 -28.10
C ASP D 464 -22.25 -32.84 -29.06
N ASP D 465 -22.41 -33.04 -30.37
CA ASP D 465 -21.47 -32.52 -31.41
C ASP D 465 -21.76 -31.03 -31.66
N LYS D 466 -23.01 -30.59 -31.44
CA LYS D 466 -23.45 -29.19 -31.60
C LYS D 466 -23.44 -28.49 -30.23
N TYR D 467 -22.45 -28.81 -29.38
CA TYR D 467 -22.36 -28.34 -27.97
C TYR D 467 -21.81 -26.91 -27.94
N LYS D 468 -20.97 -26.56 -28.92
CA LYS D 468 -20.33 -25.22 -29.06
C LYS D 468 -21.40 -24.17 -29.41
N GLU D 469 -22.25 -24.45 -30.40
CA GLU D 469 -23.27 -23.50 -30.92
C GLU D 469 -24.38 -23.30 -29.87
N THR D 470 -24.54 -24.24 -28.93
CA THR D 470 -25.51 -24.15 -27.80
C THR D 470 -24.90 -23.32 -26.66
N LEU D 471 -23.57 -23.26 -26.55
CA LEU D 471 -22.85 -22.29 -25.67
C LEU D 471 -23.05 -20.87 -26.23
N GLN D 472 -23.19 -20.73 -27.55
CA GLN D 472 -23.44 -19.43 -28.24
C GLN D 472 -24.95 -19.18 -28.37
N LEU D 473 -25.79 -20.20 -28.11
CA LEU D 473 -27.27 -20.08 -28.15
C LEU D 473 -27.78 -19.50 -26.82
N VAL D 474 -27.16 -19.90 -25.71
CA VAL D 474 -27.50 -19.40 -24.34
C VAL D 474 -27.10 -17.92 -24.22
N ASP D 475 -26.13 -17.47 -25.02
CA ASP D 475 -25.67 -16.06 -25.11
C ASP D 475 -26.69 -15.23 -25.91
N SER D 476 -27.22 -15.81 -27.00
CA SER D 476 -28.06 -15.13 -28.02
C SER D 476 -29.55 -15.12 -27.61
N THR D 477 -29.99 -16.08 -26.81
CA THR D 477 -31.42 -16.36 -26.50
C THR D 477 -32.06 -15.15 -25.80
N THR D 478 -31.56 -14.81 -24.61
CA THR D 478 -32.25 -13.97 -23.60
C THR D 478 -31.74 -12.52 -23.67
N SER D 479 -32.53 -11.59 -23.12
CA SER D 479 -32.25 -10.14 -23.05
C SER D 479 -31.47 -9.80 -21.77
N TYR D 480 -31.12 -10.81 -20.96
CA TYR D 480 -30.47 -10.68 -19.63
C TYR D 480 -29.10 -11.37 -19.65
N GLY D 481 -28.27 -11.07 -18.65
CA GLY D 481 -26.94 -11.69 -18.44
C GLY D 481 -26.52 -11.60 -16.98
N LEU D 482 -27.41 -12.01 -16.08
CA LEU D 482 -27.33 -11.75 -14.61
C LEU D 482 -26.45 -12.82 -13.94
N THR D 483 -26.91 -14.07 -13.90
CA THR D 483 -26.15 -15.24 -13.37
C THR D 483 -26.24 -16.40 -14.37
N GLY D 484 -25.36 -17.39 -14.22
CA GLY D 484 -25.29 -18.60 -15.06
C GLY D 484 -24.22 -19.56 -14.58
N ALA D 485 -24.48 -20.86 -14.66
CA ALA D 485 -23.59 -21.95 -14.18
C ALA D 485 -23.16 -22.83 -15.36
N VAL D 486 -21.95 -23.40 -15.27
CA VAL D 486 -21.38 -24.38 -16.26
C VAL D 486 -20.83 -25.58 -15.48
N PHE D 487 -21.30 -26.78 -15.79
CA PHE D 487 -20.93 -28.05 -15.12
C PHE D 487 -20.09 -28.92 -16.06
N SER D 488 -18.78 -28.97 -15.82
CA SER D 488 -17.79 -29.86 -16.48
C SER D 488 -16.61 -30.08 -15.54
N GLN D 489 -16.14 -31.33 -15.39
CA GLN D 489 -14.92 -31.67 -14.62
C GLN D 489 -13.72 -31.68 -15.58
N ASP D 490 -13.97 -31.71 -16.90
CA ASP D 490 -12.97 -31.48 -17.96
C ASP D 490 -12.59 -29.99 -17.94
N LYS D 491 -11.35 -29.68 -17.55
CA LYS D 491 -10.82 -28.30 -17.32
C LYS D 491 -10.83 -27.51 -18.64
N ASP D 492 -10.67 -28.18 -19.78
CA ASP D 492 -10.53 -27.53 -21.11
C ASP D 492 -11.88 -26.93 -21.53
N VAL D 493 -12.97 -27.71 -21.48
CA VAL D 493 -14.32 -27.31 -21.97
C VAL D 493 -14.84 -26.09 -21.17
N VAL D 494 -14.46 -25.97 -19.89
CA VAL D 494 -14.98 -24.89 -18.98
C VAL D 494 -14.23 -23.58 -19.25
N GLN D 495 -12.95 -23.62 -19.62
CA GLN D 495 -12.14 -22.40 -19.93
C GLN D 495 -12.47 -21.92 -21.35
N GLU D 496 -13.18 -22.72 -22.15
CA GLU D 496 -13.82 -22.30 -23.43
C GLU D 496 -15.16 -21.63 -23.13
N ALA D 497 -15.78 -21.99 -21.99
CA ALA D 497 -17.14 -21.55 -21.58
C ALA D 497 -17.10 -20.14 -20.99
N THR D 498 -16.04 -19.81 -20.24
CA THR D 498 -15.89 -18.50 -19.53
C THR D 498 -15.80 -17.36 -20.55
N LYS D 499 -14.98 -17.54 -21.60
CA LYS D 499 -14.60 -16.47 -22.56
C LYS D 499 -15.71 -16.28 -23.61
N VAL D 500 -16.55 -17.30 -23.84
CA VAL D 500 -17.75 -17.22 -24.73
C VAL D 500 -18.90 -16.59 -23.92
N LEU D 501 -19.07 -17.02 -22.67
CA LEU D 501 -20.11 -16.51 -21.73
C LEU D 501 -19.48 -15.50 -20.78
N ARG D 502 -18.85 -14.47 -21.35
CA ARG D 502 -18.16 -13.36 -20.61
C ARG D 502 -19.21 -12.38 -20.08
N ASN D 503 -20.17 -11.99 -20.95
CA ASN D 503 -21.25 -11.01 -20.63
C ASN D 503 -22.61 -11.72 -20.61
N ALA D 504 -22.62 -13.06 -20.63
CA ALA D 504 -23.83 -13.90 -20.54
C ALA D 504 -24.22 -14.10 -19.06
N ALA D 505 -23.27 -13.90 -18.15
CA ALA D 505 -23.45 -14.04 -16.68
C ALA D 505 -22.56 -13.03 -15.94
N GLY D 506 -23.17 -12.17 -15.13
CA GLY D 506 -22.46 -11.24 -14.21
C GLY D 506 -21.75 -12.00 -13.10
N ASN D 507 -22.44 -12.98 -12.49
CA ASN D 507 -21.85 -13.94 -11.54
C ASN D 507 -21.82 -15.33 -12.21
N PHE D 508 -20.70 -15.67 -12.84
CA PHE D 508 -20.44 -16.99 -13.45
C PHE D 508 -20.17 -18.00 -12.33
N TYR D 509 -20.63 -19.25 -12.50
CA TYR D 509 -20.43 -20.37 -11.54
C TYR D 509 -19.94 -21.60 -12.30
N ILE D 510 -18.95 -22.29 -11.73
CA ILE D 510 -18.36 -23.55 -12.29
C ILE D 510 -18.50 -24.66 -11.23
N ASN D 511 -19.28 -25.70 -11.54
CA ASN D 511 -19.55 -26.86 -10.66
C ASN D 511 -20.25 -26.39 -9.38
N ASP D 512 -21.20 -25.45 -9.52
CA ASP D 512 -21.99 -24.91 -8.37
C ASP D 512 -23.27 -24.25 -8.91
N LYS D 513 -24.26 -24.09 -8.02
CA LYS D 513 -25.59 -23.48 -8.29
C LYS D 513 -25.44 -22.05 -8.81
N SER D 514 -26.51 -21.52 -9.41
CA SER D 514 -26.58 -20.15 -10.01
C SER D 514 -26.89 -19.11 -8.93
N THR D 515 -27.31 -19.55 -7.74
CA THR D 515 -27.78 -18.67 -6.64
C THR D 515 -26.79 -18.72 -5.47
N GLY D 516 -27.05 -17.91 -4.44
CA GLY D 516 -26.31 -17.96 -3.16
C GLY D 516 -25.03 -17.14 -3.19
N SER D 517 -25.07 -15.95 -3.82
CA SER D 517 -23.97 -14.95 -3.82
C SER D 517 -23.66 -14.54 -2.38
N ILE D 518 -22.44 -14.79 -1.90
CA ILE D 518 -21.98 -14.39 -0.54
C ILE D 518 -21.24 -13.05 -0.66
N VAL D 519 -21.61 -12.07 0.16
CA VAL D 519 -20.96 -10.72 0.20
C VAL D 519 -19.49 -10.93 0.56
N GLY D 520 -18.59 -10.25 -0.14
CA GLY D 520 -17.14 -10.34 0.06
C GLY D 520 -16.52 -11.52 -0.67
N GLN D 521 -17.35 -12.36 -1.30
CA GLN D 521 -16.90 -13.58 -2.03
C GLN D 521 -17.39 -13.52 -3.49
N GLN D 522 -18.71 -13.35 -3.69
CA GLN D 522 -19.33 -13.17 -5.03
C GLN D 522 -20.20 -11.92 -5.01
N PRO D 523 -19.64 -10.72 -5.35
CA PRO D 523 -20.45 -9.51 -5.50
C PRO D 523 -21.53 -9.71 -6.58
N PHE D 524 -22.80 -9.60 -6.19
CA PHE D 524 -23.99 -9.73 -7.08
C PHE D 524 -24.03 -8.53 -8.02
N GLY D 525 -24.51 -8.71 -9.26
CA GLY D 525 -24.60 -7.65 -10.27
C GLY D 525 -24.82 -8.21 -11.67
N GLY D 526 -25.56 -7.49 -12.52
CA GLY D 526 -26.06 -7.98 -13.81
C GLY D 526 -25.69 -7.08 -14.97
N ALA D 527 -25.03 -7.66 -15.99
CA ALA D 527 -24.76 -7.03 -17.32
C ALA D 527 -26.05 -7.03 -18.14
N ARG D 528 -25.98 -6.50 -19.37
CA ARG D 528 -27.11 -6.45 -20.34
C ARG D 528 -28.26 -5.68 -19.68
N ALA D 529 -29.51 -6.16 -19.79
CA ALA D 529 -30.72 -5.50 -19.26
C ALA D 529 -31.06 -6.02 -17.86
N SER D 530 -30.08 -6.58 -17.14
CA SER D 530 -30.20 -7.05 -15.74
C SER D 530 -29.71 -5.97 -14.77
N GLY D 531 -29.67 -4.70 -15.21
CA GLY D 531 -29.34 -3.54 -14.37
C GLY D 531 -28.01 -2.90 -14.74
N THR D 532 -27.47 -2.07 -13.84
CA THR D 532 -26.30 -1.18 -14.05
C THR D 532 -25.00 -1.90 -13.67
N ASN D 533 -25.09 -3.01 -12.94
CA ASN D 533 -23.93 -3.84 -12.49
C ASN D 533 -22.97 -2.98 -11.64
N ASP D 534 -23.47 -2.41 -10.55
CA ASP D 534 -22.69 -1.59 -9.59
C ASP D 534 -22.04 -2.49 -8.53
N LYS D 535 -22.42 -3.78 -8.51
CA LYS D 535 -21.80 -4.86 -7.70
C LYS D 535 -21.98 -4.59 -6.20
N PRO D 536 -23.22 -4.71 -5.66
CA PRO D 536 -23.42 -4.77 -4.22
C PRO D 536 -22.71 -6.01 -3.65
N GLY D 537 -22.03 -5.85 -2.51
CA GLY D 537 -21.17 -6.87 -1.90
C GLY D 537 -19.73 -6.78 -2.39
N GLY D 538 -19.48 -5.87 -3.33
CA GLY D 538 -18.14 -5.55 -3.87
C GLY D 538 -17.61 -4.25 -3.26
N PRO D 539 -16.30 -3.96 -3.39
CA PRO D 539 -15.72 -2.76 -2.79
C PRO D 539 -16.01 -1.45 -3.54
N HIS D 540 -16.53 -1.52 -4.77
CA HIS D 540 -16.74 -0.35 -5.68
C HIS D 540 -18.20 0.11 -5.67
N TYR D 541 -19.09 -0.60 -4.95
CA TYR D 541 -20.54 -0.30 -4.86
C TYR D 541 -20.75 1.08 -4.24
N ILE D 542 -20.06 1.36 -3.13
CA ILE D 542 -20.21 2.59 -2.30
C ILE D 542 -19.74 3.83 -3.08
N LEU D 543 -18.92 3.65 -4.12
CA LEU D 543 -18.29 4.76 -4.89
C LEU D 543 -19.32 5.52 -5.73
N ARG D 544 -20.56 5.02 -5.86
CA ARG D 544 -21.65 5.67 -6.62
C ARG D 544 -22.59 6.42 -5.67
N TRP D 545 -22.28 6.44 -4.36
CA TRP D 545 -23.04 7.19 -3.33
C TRP D 545 -22.12 8.18 -2.60
N THR D 546 -20.91 8.41 -3.13
CA THR D 546 -19.99 9.49 -2.70
C THR D 546 -19.61 10.33 -3.93
N SER D 547 -19.55 11.66 -3.76
CA SER D 547 -19.04 12.63 -4.76
C SER D 547 -17.75 13.25 -4.22
N PRO D 548 -16.57 12.64 -4.50
CA PRO D 548 -15.33 13.04 -3.83
C PRO D 548 -14.91 14.49 -4.11
N GLN D 549 -14.41 15.18 -3.07
CA GLN D 549 -13.75 16.51 -3.17
C GLN D 549 -12.25 16.32 -2.99
N VAL D 550 -11.44 17.09 -3.72
CA VAL D 550 -9.94 17.09 -3.60
C VAL D 550 -9.49 18.47 -3.12
N ILE D 551 -8.88 18.52 -1.93
CA ILE D 551 -8.33 19.76 -1.30
C ILE D 551 -6.80 19.76 -1.51
N LYS D 552 -6.28 20.75 -2.23
CA LYS D 552 -4.82 21.00 -2.41
C LYS D 552 -4.42 22.22 -1.56
N GLU D 553 -3.63 22.00 -0.52
CA GLU D 553 -3.13 23.08 0.38
C GLU D 553 -1.64 23.33 0.09
N THR D 554 -1.34 24.39 -0.68
CA THR D 554 0.03 24.91 -0.92
C THR D 554 0.43 25.80 0.25
N HIS D 555 1.59 25.52 0.86
CA HIS D 555 2.04 26.11 2.15
C HIS D 555 2.97 27.31 1.91
N LYS D 556 3.64 27.36 0.74
CA LYS D 556 4.59 28.44 0.35
C LYS D 556 3.88 29.43 -0.58
N PRO D 557 4.27 30.73 -0.56
CA PRO D 557 3.78 31.70 -1.53
C PRO D 557 4.01 31.27 -2.99
N LEU D 558 3.12 31.71 -3.89
CA LEU D 558 3.03 31.24 -5.30
C LEU D 558 4.17 31.83 -6.15
N GLY D 559 4.70 33.00 -5.75
CA GLY D 559 5.67 33.76 -6.56
C GLY D 559 4.95 34.68 -7.54
N ASP D 560 5.49 34.88 -8.74
CA ASP D 560 4.93 35.79 -9.77
C ASP D 560 3.98 35.01 -10.68
N TRP D 561 3.07 35.73 -11.34
CA TRP D 561 2.12 35.21 -12.37
C TRP D 561 2.88 34.80 -13.63
N SER D 562 4.09 35.33 -13.84
CA SER D 562 4.96 35.07 -15.01
C SER D 562 5.71 33.74 -14.83
N TYR D 563 6.45 33.32 -15.86
CA TYR D 563 7.25 32.06 -15.92
C TYR D 563 8.66 32.40 -16.40
N ALA D 564 9.61 31.50 -16.13
CA ALA D 564 11.07 31.67 -16.41
C ALA D 564 11.32 31.89 -17.91
N TYR D 565 10.46 31.35 -18.78
CA TYR D 565 10.66 31.31 -20.26
C TYR D 565 10.28 32.65 -20.92
N MET D 566 9.76 33.61 -20.14
CA MET D 566 9.40 34.97 -20.62
C MET D 566 10.21 36.02 -19.86
OAC 9SZ E . -16.59 -9.87 10.89
PAB 9SZ E . -17.08 -11.00 11.94
OAD 9SZ E . -18.12 -10.23 12.91
OAA 9SZ E . -17.71 -12.15 11.25
OAE 9SZ E . -15.82 -11.35 12.88
CAF 9SZ E . -14.88 -12.29 12.53
CAG 9SZ E . -13.70 -11.90 12.06
CBK 9SZ E . -13.13 -10.67 11.82
CBJ 9SZ E . -12.35 -10.96 10.59
CBL 9SZ E . -12.09 -10.54 12.75
CBM 9SZ E . -11.92 -9.78 13.83
CBN 9SZ E . -10.78 -9.91 14.52
CBT 9SZ E . -10.31 -9.31 15.66
CBS 9SZ E . -8.87 -9.17 15.34
CBU 9SZ E . -10.26 -10.30 16.66
CBV 9SZ E . -10.96 -10.52 17.76
CBW 9SZ E . -10.68 -11.59 18.59
CBX 9SZ E . -9.64 -12.44 18.23
CBY 9SZ E . -8.94 -12.19 17.06
CBZ 9SZ E . -9.26 -11.13 16.31
CBR 9SZ E . -8.79 -10.63 15.11
CBO 9SZ E . -9.82 -10.79 14.16
CBP 9SZ E . -10.01 -11.55 13.08
CBQ 9SZ E . -11.14 -11.43 12.39
CBI 9SZ E . -11.66 -12.06 11.27
CAH 9SZ E . -12.77 -12.81 11.71
CAI 9SZ E . -13.06 -14.10 11.86
OAJ 9SZ E . -12.13 -15.04 11.51
PAK 9SZ E . -12.02 -15.68 10.03
OAM 9SZ E . -13.44 -15.92 9.68
OAN 9SZ E . -11.37 -14.66 9.22
OAL 9SZ E . -11.25 -16.91 10.29
CAO 9SZ E . -14.26 -14.50 12.33
CAP 9SZ E . -15.18 -13.58 12.68
CAQ 9SZ E . -16.29 -14.31 13.12
CAR 9SZ E . -16.30 -15.46 12.18
CAS 9SZ E . -14.87 -15.72 12.62
CAT 9SZ E . -15.04 -15.85 14.00
CAY 9SZ E . -15.97 -14.94 14.32
CAX 9SZ E . -16.38 -14.78 15.58
CAW 9SZ E . -15.86 -15.55 16.53
CAZ 9SZ E . -16.06 -15.65 17.91
CBA 9SZ E . -15.96 -17.13 18.07
CBH 9SZ E . -14.91 -15.25 18.59
CBG 9SZ E . -14.64 -14.21 19.38
CBF 9SZ E . -13.38 -14.07 19.94
CBE 9SZ E . -12.41 -15.02 19.64
CBD 9SZ E . -12.74 -16.09 18.80
CBC 9SZ E . -13.98 -16.17 18.30
CBB 9SZ E . -14.62 -17.09 17.45
CAV 9SZ E . -14.93 -16.48 16.23
CAU 9SZ E . -14.52 -16.63 14.96
#